data_1N6G
# 
_entry.id   1N6G 
# 
_audit_conform.dict_name       mmcif_pdbx.dic 
_audit_conform.dict_version    5.386 
_audit_conform.dict_location   http://mmcif.pdb.org/dictionaries/ascii/mmcif_pdbx.dic 
# 
loop_
_database_2.database_id 
_database_2.database_code 
_database_2.pdbx_database_accession 
_database_2.pdbx_DOI 
PDB   1N6G         pdb_00001n6g 10.2210/pdb1n6g/pdb 
RCSB  RCSB017577   ?            ?                   
WWPDB D_1000017577 ?            ?                   
# 
loop_
_pdbx_audit_revision_history.ordinal 
_pdbx_audit_revision_history.data_content_type 
_pdbx_audit_revision_history.major_revision 
_pdbx_audit_revision_history.minor_revision 
_pdbx_audit_revision_history.revision_date 
1 'Structure model' 1 0 2003-06-03 
2 'Structure model' 1 1 2008-04-28 
3 'Structure model' 1 2 2011-07-13 
4 'Structure model' 1 3 2018-07-18 
5 'Structure model' 1 4 2024-02-14 
# 
_pdbx_audit_revision_details.ordinal             1 
_pdbx_audit_revision_details.revision_ordinal    1 
_pdbx_audit_revision_details.data_content_type   'Structure model' 
_pdbx_audit_revision_details.provider            repository 
_pdbx_audit_revision_details.type                'Initial release' 
_pdbx_audit_revision_details.description         ? 
_pdbx_audit_revision_details.details             ? 
# 
loop_
_pdbx_audit_revision_group.ordinal 
_pdbx_audit_revision_group.revision_ordinal 
_pdbx_audit_revision_group.data_content_type 
_pdbx_audit_revision_group.group 
1 2 'Structure model' 'Version format compliance' 
2 3 'Structure model' 'Version format compliance' 
3 4 'Structure model' 'Data collection'           
4 5 'Structure model' 'Data collection'           
5 5 'Structure model' 'Database references'       
6 5 'Structure model' 'Derived calculations'      
7 5 'Structure model' 'Refinement description'    
# 
loop_
_pdbx_audit_revision_category.ordinal 
_pdbx_audit_revision_category.revision_ordinal 
_pdbx_audit_revision_category.data_content_type 
_pdbx_audit_revision_category.category 
1 4 'Structure model' em_image_scans                
2 4 'Structure model' em_software                   
3 5 'Structure model' chem_comp_atom                
4 5 'Structure model' chem_comp_bond                
5 5 'Structure model' database_2                    
6 5 'Structure model' em_3d_fitting_list            
7 5 'Structure model' pdbx_initial_refinement_model 
8 5 'Structure model' pdbx_struct_oper_list         
# 
loop_
_pdbx_audit_revision_item.ordinal 
_pdbx_audit_revision_item.revision_ordinal 
_pdbx_audit_revision_item.data_content_type 
_pdbx_audit_revision_item.item 
1  4 'Structure model' '_em_software.image_processing_id'                
2  4 'Structure model' '_em_software.name'                               
3  5 'Structure model' '_database_2.pdbx_DOI'                            
4  5 'Structure model' '_database_2.pdbx_database_accession'             
5  5 'Structure model' '_em_3d_fitting_list.accession_code'              
6  5 'Structure model' '_em_3d_fitting_list.initial_refinement_model_id' 
7  5 'Structure model' '_em_3d_fitting_list.source_name'                 
8  5 'Structure model' '_em_3d_fitting_list.type'                        
9  5 'Structure model' '_pdbx_struct_oper_list.name'                     
10 5 'Structure model' '_pdbx_struct_oper_list.symmetry_operation'       
11 5 'Structure model' '_pdbx_struct_oper_list.type'                     
# 
_pdbx_database_status.status_code                     REL 
_pdbx_database_status.entry_id                        1N6G 
_pdbx_database_status.recvd_initial_deposition_date   2002-11-10 
_pdbx_database_status.deposit_site                    RCSB 
_pdbx_database_status.process_site                    RCSB 
_pdbx_database_status.SG_entry                        . 
_pdbx_database_status.status_code_sf                  ? 
_pdbx_database_status.status_code_mr                  ? 
_pdbx_database_status.pdb_format_compatible           Y 
_pdbx_database_status.status_code_cs                  ? 
_pdbx_database_status.methods_development_category    ? 
_pdbx_database_status.status_code_nmr_data            ? 
# 
loop_
_audit_author.name 
_audit_author.pdbx_ordinal 
'Zhang, Y.'      1  
'Corver, J.'     2  
'Chipman, P.R.'  3  
'Zhang, W.'      4  
'Pletnev, S.V.'  5  
'Sedlak, D.'     6  
'Baker, T.S.'    7  
'Strauss, J.H.'  8  
'Kuhn, R.J.'     9  
'Rossmann, M.G.' 10 
# 
_citation.id                        primary 
_citation.title                     'Structures of Immature flavivirus particles' 
_citation.journal_abbrev            'EMBO J.' 
_citation.journal_volume            22 
_citation.page_first                2604 
_citation.page_last                 2613 
_citation.year                      2003 
_citation.journal_id_ASTM           EMJODG 
_citation.country                   UK 
_citation.journal_id_ISSN           0261-4189 
_citation.journal_id_CSD            0897 
_citation.book_publisher            ? 
_citation.pdbx_database_id_PubMed   12773377 
_citation.pdbx_database_id_DOI      10.1093/emboj/cdg270 
# 
loop_
_citation_author.citation_id 
_citation_author.name 
_citation_author.ordinal 
_citation_author.identifier_ORCID 
primary 'Zhang, Y.'      1  ? 
primary 'Corver, J.'     2  ? 
primary 'Chipman, P.R.'  3  ? 
primary 'Zhang, W.'      4  ? 
primary 'Pletnev, S.V.'  5  ? 
primary 'Sedlak, D.'     6  ? 
primary 'Baker, T.S.'    7  ? 
primary 'Strauss, J.H.'  8  ? 
primary 'Kuhn, R.J.'     9  ? 
primary 'Rossmann, M.G.' 10 ? 
# 
_entity.id                         1 
_entity.type                       polymer 
_entity.src_method                 nat 
_entity.pdbx_description           'major envelope protein E' 
_entity.formula_weight             43231.145 
_entity.pdbx_number_of_molecules   3 
_entity.pdbx_ec                    ? 
_entity.pdbx_mutation              ? 
_entity.pdbx_fragment              ? 
_entity.details                    ? 
# 
_entity_poly.entity_id                      1 
_entity_poly.type                           'polypeptide(L)' 
_entity_poly.nstd_linkage                   no 
_entity_poly.nstd_monomer                   no 
_entity_poly.pdbx_seq_one_letter_code       
;SRCTHLENRDFVTGTQGTTRVTLVLELGGCVTITAEGKPSMDVWLDAIYQENPAKTREYCLHAKLSDTKVAARCPTMGPA
TLAEEHQGGTVCKRDQSDRGWGNHCGLFGKGSIVACVKAACEAKKKATGHVYDANKIVYTVKVEPHTGDYVAANETHSGR
KTASFTISSEKTILTMGEYGDVSLLCRVASGVDLAQTVILELDKTVEHLPTAWQVHRDWFNDLALPWKHEGAQNWNNAER
LVEFGAPHAVKMDVYNLGDQTGVLLKALAGVPVAHIEGTKYHLKSGHVTCEVGLEKLKMKGLTYTMCDKTKFTWKRAPTD
SGHDTVVMEVTFSGTKPCRIPVRAVAHGSPDVNVAMLITPNPTIENNGGGFIEMQLPPGDNIIYVGELSHQWFQK
;
_entity_poly.pdbx_seq_one_letter_code_can   
;SRCTHLENRDFVTGTQGTTRVTLVLELGGCVTITAEGKPSMDVWLDAIYQENPAKTREYCLHAKLSDTKVAARCPTMGPA
TLAEEHQGGTVCKRDQSDRGWGNHCGLFGKGSIVACVKAACEAKKKATGHVYDANKIVYTVKVEPHTGDYVAANETHSGR
KTASFTISSEKTILTMGEYGDVSLLCRVASGVDLAQTVILELDKTVEHLPTAWQVHRDWFNDLALPWKHEGAQNWNNAER
LVEFGAPHAVKMDVYNLGDQTGVLLKALAGVPVAHIEGTKYHLKSGHVTCEVGLEKLKMKGLTYTMCDKTKFTWKRAPTD
SGHDTVVMEVTFSGTKPCRIPVRAVAHGSPDVNVAMLITPNPTIENNGGGFIEMQLPPGDNIIYVGELSHQWFQK
;
_entity_poly.pdbx_strand_id                 A,B,C 
_entity_poly.pdbx_target_identifier         ? 
# 
loop_
_entity_poly_seq.entity_id 
_entity_poly_seq.num 
_entity_poly_seq.mon_id 
_entity_poly_seq.hetero 
1 1   SER n 
1 2   ARG n 
1 3   CYS n 
1 4   THR n 
1 5   HIS n 
1 6   LEU n 
1 7   GLU n 
1 8   ASN n 
1 9   ARG n 
1 10  ASP n 
1 11  PHE n 
1 12  VAL n 
1 13  THR n 
1 14  GLY n 
1 15  THR n 
1 16  GLN n 
1 17  GLY n 
1 18  THR n 
1 19  THR n 
1 20  ARG n 
1 21  VAL n 
1 22  THR n 
1 23  LEU n 
1 24  VAL n 
1 25  LEU n 
1 26  GLU n 
1 27  LEU n 
1 28  GLY n 
1 29  GLY n 
1 30  CYS n 
1 31  VAL n 
1 32  THR n 
1 33  ILE n 
1 34  THR n 
1 35  ALA n 
1 36  GLU n 
1 37  GLY n 
1 38  LYS n 
1 39  PRO n 
1 40  SER n 
1 41  MET n 
1 42  ASP n 
1 43  VAL n 
1 44  TRP n 
1 45  LEU n 
1 46  ASP n 
1 47  ALA n 
1 48  ILE n 
1 49  TYR n 
1 50  GLN n 
1 51  GLU n 
1 52  ASN n 
1 53  PRO n 
1 54  ALA n 
1 55  LYS n 
1 56  THR n 
1 57  ARG n 
1 58  GLU n 
1 59  TYR n 
1 60  CYS n 
1 61  LEU n 
1 62  HIS n 
1 63  ALA n 
1 64  LYS n 
1 65  LEU n 
1 66  SER n 
1 67  ASP n 
1 68  THR n 
1 69  LYS n 
1 70  VAL n 
1 71  ALA n 
1 72  ALA n 
1 73  ARG n 
1 74  CYS n 
1 75  PRO n 
1 76  THR n 
1 77  MET n 
1 78  GLY n 
1 79  PRO n 
1 80  ALA n 
1 81  THR n 
1 82  LEU n 
1 83  ALA n 
1 84  GLU n 
1 85  GLU n 
1 86  HIS n 
1 87  GLN n 
1 88  GLY n 
1 89  GLY n 
1 90  THR n 
1 91  VAL n 
1 92  CYS n 
1 93  LYS n 
1 94  ARG n 
1 95  ASP n 
1 96  GLN n 
1 97  SER n 
1 98  ASP n 
1 99  ARG n 
1 100 GLY n 
1 101 TRP n 
1 102 GLY n 
1 103 ASN n 
1 104 HIS n 
1 105 CYS n 
1 106 GLY n 
1 107 LEU n 
1 108 PHE n 
1 109 GLY n 
1 110 LYS n 
1 111 GLY n 
1 112 SER n 
1 113 ILE n 
1 114 VAL n 
1 115 ALA n 
1 116 CYS n 
1 117 VAL n 
1 118 LYS n 
1 119 ALA n 
1 120 ALA n 
1 121 CYS n 
1 122 GLU n 
1 123 ALA n 
1 124 LYS n 
1 125 LYS n 
1 126 LYS n 
1 127 ALA n 
1 128 THR n 
1 129 GLY n 
1 130 HIS n 
1 131 VAL n 
1 132 TYR n 
1 133 ASP n 
1 134 ALA n 
1 135 ASN n 
1 136 LYS n 
1 137 ILE n 
1 138 VAL n 
1 139 TYR n 
1 140 THR n 
1 141 VAL n 
1 142 LYS n 
1 143 VAL n 
1 144 GLU n 
1 145 PRO n 
1 146 HIS n 
1 147 THR n 
1 148 GLY n 
1 149 ASP n 
1 150 TYR n 
1 151 VAL n 
1 152 ALA n 
1 153 ALA n 
1 154 ASN n 
1 155 GLU n 
1 156 THR n 
1 157 HIS n 
1 158 SER n 
1 159 GLY n 
1 160 ARG n 
1 161 LYS n 
1 162 THR n 
1 163 ALA n 
1 164 SER n 
1 165 PHE n 
1 166 THR n 
1 167 ILE n 
1 168 SER n 
1 169 SER n 
1 170 GLU n 
1 171 LYS n 
1 172 THR n 
1 173 ILE n 
1 174 LEU n 
1 175 THR n 
1 176 MET n 
1 177 GLY n 
1 178 GLU n 
1 179 TYR n 
1 180 GLY n 
1 181 ASP n 
1 182 VAL n 
1 183 SER n 
1 184 LEU n 
1 185 LEU n 
1 186 CYS n 
1 187 ARG n 
1 188 VAL n 
1 189 ALA n 
1 190 SER n 
1 191 GLY n 
1 192 VAL n 
1 193 ASP n 
1 194 LEU n 
1 195 ALA n 
1 196 GLN n 
1 197 THR n 
1 198 VAL n 
1 199 ILE n 
1 200 LEU n 
1 201 GLU n 
1 202 LEU n 
1 203 ASP n 
1 204 LYS n 
1 205 THR n 
1 206 VAL n 
1 207 GLU n 
1 208 HIS n 
1 209 LEU n 
1 210 PRO n 
1 211 THR n 
1 212 ALA n 
1 213 TRP n 
1 214 GLN n 
1 215 VAL n 
1 216 HIS n 
1 217 ARG n 
1 218 ASP n 
1 219 TRP n 
1 220 PHE n 
1 221 ASN n 
1 222 ASP n 
1 223 LEU n 
1 224 ALA n 
1 225 LEU n 
1 226 PRO n 
1 227 TRP n 
1 228 LYS n 
1 229 HIS n 
1 230 GLU n 
1 231 GLY n 
1 232 ALA n 
1 233 GLN n 
1 234 ASN n 
1 235 TRP n 
1 236 ASN n 
1 237 ASN n 
1 238 ALA n 
1 239 GLU n 
1 240 ARG n 
1 241 LEU n 
1 242 VAL n 
1 243 GLU n 
1 244 PHE n 
1 245 GLY n 
1 246 ALA n 
1 247 PRO n 
1 248 HIS n 
1 249 ALA n 
1 250 VAL n 
1 251 LYS n 
1 252 MET n 
1 253 ASP n 
1 254 VAL n 
1 255 TYR n 
1 256 ASN n 
1 257 LEU n 
1 258 GLY n 
1 259 ASP n 
1 260 GLN n 
1 261 THR n 
1 262 GLY n 
1 263 VAL n 
1 264 LEU n 
1 265 LEU n 
1 266 LYS n 
1 267 ALA n 
1 268 LEU n 
1 269 ALA n 
1 270 GLY n 
1 271 VAL n 
1 272 PRO n 
1 273 VAL n 
1 274 ALA n 
1 275 HIS n 
1 276 ILE n 
1 277 GLU n 
1 278 GLY n 
1 279 THR n 
1 280 LYS n 
1 281 TYR n 
1 282 HIS n 
1 283 LEU n 
1 284 LYS n 
1 285 SER n 
1 286 GLY n 
1 287 HIS n 
1 288 VAL n 
1 289 THR n 
1 290 CYS n 
1 291 GLU n 
1 292 VAL n 
1 293 GLY n 
1 294 LEU n 
1 295 GLU n 
1 296 LYS n 
1 297 LEU n 
1 298 LYS n 
1 299 MET n 
1 300 LYS n 
1 301 GLY n 
1 302 LEU n 
1 303 THR n 
1 304 TYR n 
1 305 THR n 
1 306 MET n 
1 307 CYS n 
1 308 ASP n 
1 309 LYS n 
1 310 THR n 
1 311 LYS n 
1 312 PHE n 
1 313 THR n 
1 314 TRP n 
1 315 LYS n 
1 316 ARG n 
1 317 ALA n 
1 318 PRO n 
1 319 THR n 
1 320 ASP n 
1 321 SER n 
1 322 GLY n 
1 323 HIS n 
1 324 ASP n 
1 325 THR n 
1 326 VAL n 
1 327 VAL n 
1 328 MET n 
1 329 GLU n 
1 330 VAL n 
1 331 THR n 
1 332 PHE n 
1 333 SER n 
1 334 GLY n 
1 335 THR n 
1 336 LYS n 
1 337 PRO n 
1 338 CYS n 
1 339 ARG n 
1 340 ILE n 
1 341 PRO n 
1 342 VAL n 
1 343 ARG n 
1 344 ALA n 
1 345 VAL n 
1 346 ALA n 
1 347 HIS n 
1 348 GLY n 
1 349 SER n 
1 350 PRO n 
1 351 ASP n 
1 352 VAL n 
1 353 ASN n 
1 354 VAL n 
1 355 ALA n 
1 356 MET n 
1 357 LEU n 
1 358 ILE n 
1 359 THR n 
1 360 PRO n 
1 361 ASN n 
1 362 PRO n 
1 363 THR n 
1 364 ILE n 
1 365 GLU n 
1 366 ASN n 
1 367 ASN n 
1 368 GLY n 
1 369 GLY n 
1 370 GLY n 
1 371 PHE n 
1 372 ILE n 
1 373 GLU n 
1 374 MET n 
1 375 GLN n 
1 376 LEU n 
1 377 PRO n 
1 378 PRO n 
1 379 GLY n 
1 380 ASP n 
1 381 ASN n 
1 382 ILE n 
1 383 ILE n 
1 384 TYR n 
1 385 VAL n 
1 386 GLY n 
1 387 GLU n 
1 388 LEU n 
1 389 SER n 
1 390 HIS n 
1 391 GLN n 
1 392 TRP n 
1 393 PHE n 
1 394 GLN n 
1 395 LYS n 
# 
_entity_src_nat.entity_id                  1 
_entity_src_nat.pdbx_src_id                1 
_entity_src_nat.pdbx_alt_source_flag       sample 
_entity_src_nat.pdbx_beg_seq_num           ? 
_entity_src_nat.pdbx_end_seq_num           ? 
_entity_src_nat.common_name                ? 
_entity_src_nat.pdbx_organism_scientific   'Dengue virus 2 Puerto Rico/PR159-S1/1969' 
_entity_src_nat.pdbx_ncbi_taxonomy_id      11066 
_entity_src_nat.genus                      Flavivirus 
_entity_src_nat.species                    'Dengue virus' 
_entity_src_nat.strain                     PR159/S1 
_entity_src_nat.tissue                     ? 
_entity_src_nat.tissue_fraction            ? 
_entity_src_nat.pdbx_secretion             ? 
_entity_src_nat.pdbx_fragment              ? 
_entity_src_nat.pdbx_variant               ? 
_entity_src_nat.pdbx_cell_line             ? 
_entity_src_nat.pdbx_atcc                  ? 
_entity_src_nat.pdbx_cellular_location     ? 
_entity_src_nat.pdbx_organ                 ? 
_entity_src_nat.pdbx_organelle             ? 
_entity_src_nat.pdbx_cell                  ? 
_entity_src_nat.pdbx_plasmid_name          ? 
_entity_src_nat.pdbx_plasmid_details       ? 
_entity_src_nat.details                    ? 
# 
loop_
_chem_comp.id 
_chem_comp.type 
_chem_comp.mon_nstd_flag 
_chem_comp.name 
_chem_comp.pdbx_synonyms 
_chem_comp.formula 
_chem_comp.formula_weight 
ALA 'L-peptide linking' y ALANINE         ? 'C3 H7 N O2'     89.093  
ARG 'L-peptide linking' y ARGININE        ? 'C6 H15 N4 O2 1' 175.209 
ASN 'L-peptide linking' y ASPARAGINE      ? 'C4 H8 N2 O3'    132.118 
ASP 'L-peptide linking' y 'ASPARTIC ACID' ? 'C4 H7 N O4'     133.103 
CYS 'L-peptide linking' y CYSTEINE        ? 'C3 H7 N O2 S'   121.158 
GLN 'L-peptide linking' y GLUTAMINE       ? 'C5 H10 N2 O3'   146.144 
GLU 'L-peptide linking' y 'GLUTAMIC ACID' ? 'C5 H9 N O4'     147.129 
GLY 'peptide linking'   y GLYCINE         ? 'C2 H5 N O2'     75.067  
HIS 'L-peptide linking' y HISTIDINE       ? 'C6 H10 N3 O2 1' 156.162 
ILE 'L-peptide linking' y ISOLEUCINE      ? 'C6 H13 N O2'    131.173 
LEU 'L-peptide linking' y LEUCINE         ? 'C6 H13 N O2'    131.173 
LYS 'L-peptide linking' y LYSINE          ? 'C6 H15 N2 O2 1' 147.195 
MET 'L-peptide linking' y METHIONINE      ? 'C5 H11 N O2 S'  149.211 
PHE 'L-peptide linking' y PHENYLALANINE   ? 'C9 H11 N O2'    165.189 
PRO 'L-peptide linking' y PROLINE         ? 'C5 H9 N O2'     115.130 
SER 'L-peptide linking' y SERINE          ? 'C3 H7 N O3'     105.093 
THR 'L-peptide linking' y THREONINE       ? 'C4 H9 N O3'     119.119 
TRP 'L-peptide linking' y TRYPTOPHAN      ? 'C11 H12 N2 O2'  204.225 
TYR 'L-peptide linking' y TYROSINE        ? 'C9 H11 N O3'    181.189 
VAL 'L-peptide linking' y VALINE          ? 'C5 H11 N O2'    117.146 
# 
loop_
_pdbx_poly_seq_scheme.asym_id 
_pdbx_poly_seq_scheme.entity_id 
_pdbx_poly_seq_scheme.seq_id 
_pdbx_poly_seq_scheme.mon_id 
_pdbx_poly_seq_scheme.ndb_seq_num 
_pdbx_poly_seq_scheme.pdb_seq_num 
_pdbx_poly_seq_scheme.auth_seq_num 
_pdbx_poly_seq_scheme.pdb_mon_id 
_pdbx_poly_seq_scheme.auth_mon_id 
_pdbx_poly_seq_scheme.pdb_strand_id 
_pdbx_poly_seq_scheme.pdb_ins_code 
_pdbx_poly_seq_scheme.hetero 
A 1 1   SER 1   1   1   SER SER A . n 
A 1 2   ARG 2   2   2   ARG ARG A . n 
A 1 3   CYS 3   3   3   CYS CYS A . n 
A 1 4   THR 4   4   4   THR THR A . n 
A 1 5   HIS 5   5   5   HIS HIS A . n 
A 1 6   LEU 6   6   6   LEU LEU A . n 
A 1 7   GLU 7   7   7   GLU GLU A . n 
A 1 8   ASN 8   8   8   ASN ASN A . n 
A 1 9   ARG 9   9   9   ARG ARG A . n 
A 1 10  ASP 10  10  10  ASP ASP A . n 
A 1 11  PHE 11  11  11  PHE PHE A . n 
A 1 12  VAL 12  12  12  VAL VAL A . n 
A 1 13  THR 13  13  13  THR THR A . n 
A 1 14  GLY 14  14  14  GLY GLY A . n 
A 1 15  THR 15  15  15  THR THR A . n 
A 1 16  GLN 16  16  16  GLN GLN A . n 
A 1 17  GLY 17  17  17  GLY GLY A . n 
A 1 18  THR 18  18  18  THR THR A . n 
A 1 19  THR 19  19  19  THR THR A . n 
A 1 20  ARG 20  20  20  ARG ARG A . n 
A 1 21  VAL 21  21  21  VAL VAL A . n 
A 1 22  THR 22  22  22  THR THR A . n 
A 1 23  LEU 23  23  23  LEU LEU A . n 
A 1 24  VAL 24  24  24  VAL VAL A . n 
A 1 25  LEU 25  25  25  LEU LEU A . n 
A 1 26  GLU 26  26  26  GLU GLU A . n 
A 1 27  LEU 27  27  27  LEU LEU A . n 
A 1 28  GLY 28  28  28  GLY GLY A . n 
A 1 29  GLY 29  29  29  GLY GLY A . n 
A 1 30  CYS 30  30  30  CYS CYS A . n 
A 1 31  VAL 31  31  31  VAL VAL A . n 
A 1 32  THR 32  32  32  THR THR A . n 
A 1 33  ILE 33  33  33  ILE ILE A . n 
A 1 34  THR 34  34  34  THR THR A . n 
A 1 35  ALA 35  35  35  ALA ALA A . n 
A 1 36  GLU 36  36  36  GLU GLU A . n 
A 1 37  GLY 37  37  37  GLY GLY A . n 
A 1 38  LYS 38  38  38  LYS LYS A . n 
A 1 39  PRO 39  39  39  PRO PRO A . n 
A 1 40  SER 40  40  40  SER SER A . n 
A 1 41  MET 41  41  41  MET MET A . n 
A 1 42  ASP 42  42  42  ASP ASP A . n 
A 1 43  VAL 43  43  43  VAL VAL A . n 
A 1 44  TRP 44  44  44  TRP TRP A . n 
A 1 45  LEU 45  45  45  LEU LEU A . n 
A 1 46  ASP 46  46  46  ASP ASP A . n 
A 1 47  ALA 47  47  47  ALA ALA A . n 
A 1 48  ILE 48  48  48  ILE ILE A . n 
A 1 49  TYR 49  49  49  TYR TYR A . n 
A 1 50  GLN 50  50  50  GLN GLN A . n 
A 1 51  GLU 51  51  51  GLU GLU A . n 
A 1 52  ASN 52  52  52  ASN ASN A . n 
A 1 53  PRO 53  53  53  PRO PRO A . n 
A 1 54  ALA 54  54  54  ALA ALA A . n 
A 1 55  LYS 55  55  55  LYS LYS A . n 
A 1 56  THR 56  56  56  THR THR A . n 
A 1 57  ARG 57  57  57  ARG ARG A . n 
A 1 58  GLU 58  58  58  GLU GLU A . n 
A 1 59  TYR 59  59  59  TYR TYR A . n 
A 1 60  CYS 60  60  60  CYS CYS A . n 
A 1 61  LEU 61  61  61  LEU LEU A . n 
A 1 62  HIS 62  62  62  HIS HIS A . n 
A 1 63  ALA 63  63  63  ALA ALA A . n 
A 1 64  LYS 64  64  64  LYS LYS A . n 
A 1 65  LEU 65  65  65  LEU LEU A . n 
A 1 66  SER 66  66  66  SER SER A . n 
A 1 67  ASP 67  67  67  ASP ASP A . n 
A 1 68  THR 68  68  68  THR THR A . n 
A 1 69  LYS 69  69  69  LYS LYS A . n 
A 1 70  VAL 70  70  70  VAL VAL A . n 
A 1 71  ALA 71  71  71  ALA ALA A . n 
A 1 72  ALA 72  72  72  ALA ALA A . n 
A 1 73  ARG 73  73  73  ARG ARG A . n 
A 1 74  CYS 74  74  74  CYS CYS A . n 
A 1 75  PRO 75  75  75  PRO PRO A . n 
A 1 76  THR 76  76  76  THR THR A . n 
A 1 77  MET 77  77  77  MET MET A . n 
A 1 78  GLY 78  78  78  GLY GLY A . n 
A 1 79  PRO 79  79  79  PRO PRO A . n 
A 1 80  ALA 80  80  80  ALA ALA A . n 
A 1 81  THR 81  81  81  THR THR A . n 
A 1 82  LEU 82  82  82  LEU LEU A . n 
A 1 83  ALA 83  83  83  ALA ALA A . n 
A 1 84  GLU 84  84  84  GLU GLU A . n 
A 1 85  GLU 85  85  85  GLU GLU A . n 
A 1 86  HIS 86  86  86  HIS HIS A . n 
A 1 87  GLN 87  87  87  GLN GLN A . n 
A 1 88  GLY 88  88  88  GLY GLY A . n 
A 1 89  GLY 89  89  89  GLY GLY A . n 
A 1 90  THR 90  90  90  THR THR A . n 
A 1 91  VAL 91  91  91  VAL VAL A . n 
A 1 92  CYS 92  92  92  CYS CYS A . n 
A 1 93  LYS 93  93  93  LYS LYS A . n 
A 1 94  ARG 94  94  94  ARG ARG A . n 
A 1 95  ASP 95  95  95  ASP ASP A . n 
A 1 96  GLN 96  96  96  GLN GLN A . n 
A 1 97  SER 97  97  97  SER SER A . n 
A 1 98  ASP 98  98  98  ASP ASP A . n 
A 1 99  ARG 99  99  99  ARG ARG A . n 
A 1 100 GLY 100 100 100 GLY GLY A . n 
A 1 101 TRP 101 101 101 TRP TRP A . n 
A 1 102 GLY 102 102 102 GLY GLY A . n 
A 1 103 ASN 103 103 103 ASN ASN A . n 
A 1 104 HIS 104 104 104 HIS HIS A . n 
A 1 105 CYS 105 105 105 CYS CYS A . n 
A 1 106 GLY 106 106 106 GLY GLY A . n 
A 1 107 LEU 107 107 107 LEU LEU A . n 
A 1 108 PHE 108 108 108 PHE PHE A . n 
A 1 109 GLY 109 109 109 GLY GLY A . n 
A 1 110 LYS 110 110 110 LYS LYS A . n 
A 1 111 GLY 111 111 111 GLY GLY A . n 
A 1 112 SER 112 112 112 SER SER A . n 
A 1 113 ILE 113 113 113 ILE ILE A . n 
A 1 114 VAL 114 114 114 VAL VAL A . n 
A 1 115 ALA 115 115 115 ALA ALA A . n 
A 1 116 CYS 116 116 116 CYS CYS A . n 
A 1 117 VAL 117 117 117 VAL VAL A . n 
A 1 118 LYS 118 118 118 LYS LYS A . n 
A 1 119 ALA 119 119 119 ALA ALA A . n 
A 1 120 ALA 120 120 120 ALA ALA A . n 
A 1 121 CYS 121 121 121 CYS CYS A . n 
A 1 122 GLU 122 122 122 GLU GLU A . n 
A 1 123 ALA 123 123 123 ALA ALA A . n 
A 1 124 LYS 124 124 124 LYS LYS A . n 
A 1 125 LYS 125 125 125 LYS LYS A . n 
A 1 126 LYS 126 126 126 LYS LYS A . n 
A 1 127 ALA 127 127 127 ALA ALA A . n 
A 1 128 THR 128 128 128 THR THR A . n 
A 1 129 GLY 129 129 129 GLY GLY A . n 
A 1 130 HIS 130 130 130 HIS HIS A . n 
A 1 131 VAL 131 131 131 VAL VAL A . n 
A 1 132 TYR 132 132 132 TYR TYR A . n 
A 1 133 ASP 133 133 133 ASP ASP A . n 
A 1 134 ALA 134 134 134 ALA ALA A . n 
A 1 135 ASN 135 135 135 ASN ASN A . n 
A 1 136 LYS 136 136 136 LYS LYS A . n 
A 1 137 ILE 137 137 137 ILE ILE A . n 
A 1 138 VAL 138 138 138 VAL VAL A . n 
A 1 139 TYR 139 139 139 TYR TYR A . n 
A 1 140 THR 140 140 140 THR THR A . n 
A 1 141 VAL 141 141 141 VAL VAL A . n 
A 1 142 LYS 142 142 142 LYS LYS A . n 
A 1 143 VAL 143 143 143 VAL VAL A . n 
A 1 144 GLU 144 144 144 GLU GLU A . n 
A 1 145 PRO 145 145 145 PRO PRO A . n 
A 1 146 HIS 146 146 146 HIS HIS A . n 
A 1 147 THR 147 147 147 THR THR A . n 
A 1 148 GLY 148 148 148 GLY GLY A . n 
A 1 149 ASP 149 149 149 ASP ASP A . n 
A 1 150 TYR 150 150 150 TYR TYR A . n 
A 1 151 VAL 151 151 151 VAL VAL A . n 
A 1 152 ALA 152 152 152 ALA ALA A . n 
A 1 153 ALA 153 153 153 ALA ALA A . n 
A 1 154 ASN 154 154 154 ASN ASN A . n 
A 1 155 GLU 155 155 155 GLU GLU A . n 
A 1 156 THR 156 156 156 THR THR A . n 
A 1 157 HIS 157 157 157 HIS HIS A . n 
A 1 158 SER 158 158 158 SER SER A . n 
A 1 159 GLY 159 159 159 GLY GLY A . n 
A 1 160 ARG 160 160 160 ARG ARG A . n 
A 1 161 LYS 161 161 161 LYS LYS A . n 
A 1 162 THR 162 162 162 THR THR A . n 
A 1 163 ALA 163 163 163 ALA ALA A . n 
A 1 164 SER 164 164 164 SER SER A . n 
A 1 165 PHE 165 165 165 PHE PHE A . n 
A 1 166 THR 166 166 166 THR THR A . n 
A 1 167 ILE 167 167 167 ILE ILE A . n 
A 1 168 SER 168 168 168 SER SER A . n 
A 1 169 SER 169 169 169 SER SER A . n 
A 1 170 GLU 170 170 170 GLU GLU A . n 
A 1 171 LYS 171 171 171 LYS LYS A . n 
A 1 172 THR 172 172 172 THR THR A . n 
A 1 173 ILE 173 173 173 ILE ILE A . n 
A 1 174 LEU 174 174 174 LEU LEU A . n 
A 1 175 THR 175 175 175 THR THR A . n 
A 1 176 MET 176 176 176 MET MET A . n 
A 1 177 GLY 177 177 177 GLY GLY A . n 
A 1 178 GLU 178 178 178 GLU GLU A . n 
A 1 179 TYR 179 179 179 TYR TYR A . n 
A 1 180 GLY 180 180 180 GLY GLY A . n 
A 1 181 ASP 181 181 181 ASP ASP A . n 
A 1 182 VAL 182 182 182 VAL VAL A . n 
A 1 183 SER 183 183 183 SER SER A . n 
A 1 184 LEU 184 184 184 LEU LEU A . n 
A 1 185 LEU 185 185 185 LEU LEU A . n 
A 1 186 CYS 186 186 186 CYS CYS A . n 
A 1 187 ARG 187 187 187 ARG ARG A . n 
A 1 188 VAL 188 188 188 VAL VAL A . n 
A 1 189 ALA 189 189 189 ALA ALA A . n 
A 1 190 SER 190 190 190 SER SER A . n 
A 1 191 GLY 191 191 191 GLY GLY A . n 
A 1 192 VAL 192 192 192 VAL VAL A . n 
A 1 193 ASP 193 193 193 ASP ASP A . n 
A 1 194 LEU 194 194 194 LEU LEU A . n 
A 1 195 ALA 195 195 195 ALA ALA A . n 
A 1 196 GLN 196 196 196 GLN GLN A . n 
A 1 197 THR 197 197 197 THR THR A . n 
A 1 198 VAL 198 198 198 VAL VAL A . n 
A 1 199 ILE 199 199 199 ILE ILE A . n 
A 1 200 LEU 200 200 200 LEU LEU A . n 
A 1 201 GLU 201 201 201 GLU GLU A . n 
A 1 202 LEU 202 202 202 LEU LEU A . n 
A 1 203 ASP 203 203 203 ASP ASP A . n 
A 1 204 LYS 204 204 204 LYS LYS A . n 
A 1 205 THR 205 205 205 THR THR A . n 
A 1 206 VAL 206 206 206 VAL VAL A . n 
A 1 207 GLU 207 207 207 GLU GLU A . n 
A 1 208 HIS 208 208 208 HIS HIS A . n 
A 1 209 LEU 209 209 209 LEU LEU A . n 
A 1 210 PRO 210 210 210 PRO PRO A . n 
A 1 211 THR 211 211 211 THR THR A . n 
A 1 212 ALA 212 212 212 ALA ALA A . n 
A 1 213 TRP 213 213 213 TRP TRP A . n 
A 1 214 GLN 214 214 214 GLN GLN A . n 
A 1 215 VAL 215 215 215 VAL VAL A . n 
A 1 216 HIS 216 216 216 HIS HIS A . n 
A 1 217 ARG 217 217 217 ARG ARG A . n 
A 1 218 ASP 218 218 218 ASP ASP A . n 
A 1 219 TRP 219 219 219 TRP TRP A . n 
A 1 220 PHE 220 220 220 PHE PHE A . n 
A 1 221 ASN 221 221 221 ASN ASN A . n 
A 1 222 ASP 222 222 222 ASP ASP A . n 
A 1 223 LEU 223 223 223 LEU LEU A . n 
A 1 224 ALA 224 224 224 ALA ALA A . n 
A 1 225 LEU 225 225 225 LEU LEU A . n 
A 1 226 PRO 226 226 226 PRO PRO A . n 
A 1 227 TRP 227 227 227 TRP TRP A . n 
A 1 228 LYS 228 228 228 LYS LYS A . n 
A 1 229 HIS 229 229 229 HIS HIS A . n 
A 1 230 GLU 230 230 230 GLU GLU A . n 
A 1 231 GLY 231 231 231 GLY GLY A . n 
A 1 232 ALA 232 232 232 ALA ALA A . n 
A 1 233 GLN 233 233 233 GLN GLN A . n 
A 1 234 ASN 234 234 234 ASN ASN A . n 
A 1 235 TRP 235 235 235 TRP TRP A . n 
A 1 236 ASN 236 236 236 ASN ASN A . n 
A 1 237 ASN 237 237 237 ASN ASN A . n 
A 1 238 ALA 238 238 238 ALA ALA A . n 
A 1 239 GLU 239 239 239 GLU GLU A . n 
A 1 240 ARG 240 240 240 ARG ARG A . n 
A 1 241 LEU 241 241 241 LEU LEU A . n 
A 1 242 VAL 242 242 242 VAL VAL A . n 
A 1 243 GLU 243 243 243 GLU GLU A . n 
A 1 244 PHE 244 244 244 PHE PHE A . n 
A 1 245 GLY 245 245 245 GLY GLY A . n 
A 1 246 ALA 246 246 246 ALA ALA A . n 
A 1 247 PRO 247 247 247 PRO PRO A . n 
A 1 248 HIS 248 248 248 HIS HIS A . n 
A 1 249 ALA 249 249 249 ALA ALA A . n 
A 1 250 VAL 250 250 250 VAL VAL A . n 
A 1 251 LYS 251 251 251 LYS LYS A . n 
A 1 252 MET 252 252 252 MET MET A . n 
A 1 253 ASP 253 253 253 ASP ASP A . n 
A 1 254 VAL 254 254 254 VAL VAL A . n 
A 1 255 TYR 255 255 255 TYR TYR A . n 
A 1 256 ASN 256 256 256 ASN ASN A . n 
A 1 257 LEU 257 257 257 LEU LEU A . n 
A 1 258 GLY 258 258 258 GLY GLY A . n 
A 1 259 ASP 259 259 259 ASP ASP A . n 
A 1 260 GLN 260 260 260 GLN GLN A . n 
A 1 261 THR 261 261 261 THR THR A . n 
A 1 262 GLY 262 262 262 GLY GLY A . n 
A 1 263 VAL 263 263 263 VAL VAL A . n 
A 1 264 LEU 264 264 264 LEU LEU A . n 
A 1 265 LEU 265 265 265 LEU LEU A . n 
A 1 266 LYS 266 266 266 LYS LYS A . n 
A 1 267 ALA 267 267 267 ALA ALA A . n 
A 1 268 LEU 268 268 268 LEU LEU A . n 
A 1 269 ALA 269 269 269 ALA ALA A . n 
A 1 270 GLY 270 270 270 GLY GLY A . n 
A 1 271 VAL 271 271 271 VAL VAL A . n 
A 1 272 PRO 272 272 272 PRO PRO A . n 
A 1 273 VAL 273 273 273 VAL VAL A . n 
A 1 274 ALA 274 274 274 ALA ALA A . n 
A 1 275 HIS 275 275 275 HIS HIS A . n 
A 1 276 ILE 276 276 276 ILE ILE A . n 
A 1 277 GLU 277 277 277 GLU GLU A . n 
A 1 278 GLY 278 278 278 GLY GLY A . n 
A 1 279 THR 279 279 279 THR THR A . n 
A 1 280 LYS 280 280 280 LYS LYS A . n 
A 1 281 TYR 281 281 281 TYR TYR A . n 
A 1 282 HIS 282 282 282 HIS HIS A . n 
A 1 283 LEU 283 283 283 LEU LEU A . n 
A 1 284 LYS 284 284 284 LYS LYS A . n 
A 1 285 SER 285 285 285 SER SER A . n 
A 1 286 GLY 286 286 286 GLY GLY A . n 
A 1 287 HIS 287 287 287 HIS HIS A . n 
A 1 288 VAL 288 288 288 VAL VAL A . n 
A 1 289 THR 289 289 289 THR THR A . n 
A 1 290 CYS 290 290 290 CYS CYS A . n 
A 1 291 GLU 291 291 291 GLU GLU A . n 
A 1 292 VAL 292 292 292 VAL VAL A . n 
A 1 293 GLY 293 293 293 GLY GLY A . n 
A 1 294 LEU 294 294 294 LEU LEU A . n 
A 1 295 GLU 295 295 295 GLU GLU A . n 
A 1 296 LYS 296 296 296 LYS LYS A . n 
A 1 297 LEU 297 297 297 LEU LEU A . n 
A 1 298 LYS 298 298 298 LYS LYS A . n 
A 1 299 MET 299 299 299 MET MET A . n 
A 1 300 LYS 300 300 300 LYS LYS A . n 
A 1 301 GLY 301 301 301 GLY GLY A . n 
A 1 302 LEU 302 302 302 LEU LEU A . n 
A 1 303 THR 303 303 303 THR THR A . n 
A 1 304 TYR 304 304 304 TYR TYR A . n 
A 1 305 THR 305 305 305 THR THR A . n 
A 1 306 MET 306 306 306 MET MET A . n 
A 1 307 CYS 307 307 307 CYS CYS A . n 
A 1 308 ASP 308 308 308 ASP ASP A . n 
A 1 309 LYS 309 309 309 LYS LYS A . n 
A 1 310 THR 310 310 310 THR THR A . n 
A 1 311 LYS 311 311 311 LYS LYS A . n 
A 1 312 PHE 312 312 312 PHE PHE A . n 
A 1 313 THR 313 313 313 THR THR A . n 
A 1 314 TRP 314 314 314 TRP TRP A . n 
A 1 315 LYS 315 315 315 LYS LYS A . n 
A 1 316 ARG 316 316 316 ARG ARG A . n 
A 1 317 ALA 317 317 317 ALA ALA A . n 
A 1 318 PRO 318 318 318 PRO PRO A . n 
A 1 319 THR 319 319 319 THR THR A . n 
A 1 320 ASP 320 320 320 ASP ASP A . n 
A 1 321 SER 321 321 321 SER SER A . n 
A 1 322 GLY 322 322 322 GLY GLY A . n 
A 1 323 HIS 323 323 323 HIS HIS A . n 
A 1 324 ASP 324 324 324 ASP ASP A . n 
A 1 325 THR 325 325 325 THR THR A . n 
A 1 326 VAL 326 326 326 VAL VAL A . n 
A 1 327 VAL 327 327 327 VAL VAL A . n 
A 1 328 MET 328 328 328 MET MET A . n 
A 1 329 GLU 329 329 329 GLU GLU A . n 
A 1 330 VAL 330 330 330 VAL VAL A . n 
A 1 331 THR 331 331 331 THR THR A . n 
A 1 332 PHE 332 332 332 PHE PHE A . n 
A 1 333 SER 333 333 333 SER SER A . n 
A 1 334 GLY 334 334 334 GLY GLY A . n 
A 1 335 THR 335 335 335 THR THR A . n 
A 1 336 LYS 336 336 336 LYS LYS A . n 
A 1 337 PRO 337 337 337 PRO PRO A . n 
A 1 338 CYS 338 338 338 CYS CYS A . n 
A 1 339 ARG 339 339 339 ARG ARG A . n 
A 1 340 ILE 340 340 340 ILE ILE A . n 
A 1 341 PRO 341 341 341 PRO PRO A . n 
A 1 342 VAL 342 342 342 VAL VAL A . n 
A 1 343 ARG 343 343 343 ARG ARG A . n 
A 1 344 ALA 344 344 344 ALA ALA A . n 
A 1 345 VAL 345 345 345 VAL VAL A . n 
A 1 346 ALA 346 346 346 ALA ALA A . n 
A 1 347 HIS 347 347 347 HIS HIS A . n 
A 1 348 GLY 348 348 348 GLY GLY A . n 
A 1 349 SER 349 349 349 SER SER A . n 
A 1 350 PRO 350 350 350 PRO PRO A . n 
A 1 351 ASP 351 351 351 ASP ASP A . n 
A 1 352 VAL 352 352 352 VAL VAL A . n 
A 1 353 ASN 353 353 353 ASN ASN A . n 
A 1 354 VAL 354 354 354 VAL VAL A . n 
A 1 355 ALA 355 355 355 ALA ALA A . n 
A 1 356 MET 356 356 356 MET MET A . n 
A 1 357 LEU 357 357 357 LEU LEU A . n 
A 1 358 ILE 358 358 358 ILE ILE A . n 
A 1 359 THR 359 359 359 THR THR A . n 
A 1 360 PRO 360 360 360 PRO PRO A . n 
A 1 361 ASN 361 361 361 ASN ASN A . n 
A 1 362 PRO 362 362 362 PRO PRO A . n 
A 1 363 THR 363 363 363 THR THR A . n 
A 1 364 ILE 364 364 364 ILE ILE A . n 
A 1 365 GLU 365 365 365 GLU GLU A . n 
A 1 366 ASN 366 366 366 ASN ASN A . n 
A 1 367 ASN 367 367 367 ASN ASN A . n 
A 1 368 GLY 368 368 368 GLY GLY A . n 
A 1 369 GLY 369 369 369 GLY GLY A . n 
A 1 370 GLY 370 370 370 GLY GLY A . n 
A 1 371 PHE 371 371 371 PHE PHE A . n 
A 1 372 ILE 372 372 372 ILE ILE A . n 
A 1 373 GLU 373 373 373 GLU GLU A . n 
A 1 374 MET 374 374 374 MET MET A . n 
A 1 375 GLN 375 375 375 GLN GLN A . n 
A 1 376 LEU 376 376 376 LEU LEU A . n 
A 1 377 PRO 377 377 377 PRO PRO A . n 
A 1 378 PRO 378 378 378 PRO PRO A . n 
A 1 379 GLY 379 379 379 GLY GLY A . n 
A 1 380 ASP 380 380 380 ASP ASP A . n 
A 1 381 ASN 381 381 381 ASN ASN A . n 
A 1 382 ILE 382 382 382 ILE ILE A . n 
A 1 383 ILE 383 383 383 ILE ILE A . n 
A 1 384 TYR 384 384 384 TYR TYR A . n 
A 1 385 VAL 385 385 385 VAL VAL A . n 
A 1 386 GLY 386 386 386 GLY GLY A . n 
A 1 387 GLU 387 387 387 GLU GLU A . n 
A 1 388 LEU 388 388 388 LEU LEU A . n 
A 1 389 SER 389 389 389 SER SER A . n 
A 1 390 HIS 390 390 390 HIS HIS A . n 
A 1 391 GLN 391 391 391 GLN GLN A . n 
A 1 392 TRP 392 392 392 TRP TRP A . n 
A 1 393 PHE 393 393 393 PHE PHE A . n 
A 1 394 GLN 394 394 394 GLN GLN A . n 
A 1 395 LYS 395 395 395 LYS LYS A . n 
B 1 1   SER 1   1   1   SER SER B . n 
B 1 2   ARG 2   2   2   ARG ARG B . n 
B 1 3   CYS 3   3   3   CYS CYS B . n 
B 1 4   THR 4   4   4   THR THR B . n 
B 1 5   HIS 5   5   5   HIS HIS B . n 
B 1 6   LEU 6   6   6   LEU LEU B . n 
B 1 7   GLU 7   7   7   GLU GLU B . n 
B 1 8   ASN 8   8   8   ASN ASN B . n 
B 1 9   ARG 9   9   9   ARG ARG B . n 
B 1 10  ASP 10  10  10  ASP ASP B . n 
B 1 11  PHE 11  11  11  PHE PHE B . n 
B 1 12  VAL 12  12  12  VAL VAL B . n 
B 1 13  THR 13  13  13  THR THR B . n 
B 1 14  GLY 14  14  14  GLY GLY B . n 
B 1 15  THR 15  15  15  THR THR B . n 
B 1 16  GLN 16  16  16  GLN GLN B . n 
B 1 17  GLY 17  17  17  GLY GLY B . n 
B 1 18  THR 18  18  18  THR THR B . n 
B 1 19  THR 19  19  19  THR THR B . n 
B 1 20  ARG 20  20  20  ARG ARG B . n 
B 1 21  VAL 21  21  21  VAL VAL B . n 
B 1 22  THR 22  22  22  THR THR B . n 
B 1 23  LEU 23  23  23  LEU LEU B . n 
B 1 24  VAL 24  24  24  VAL VAL B . n 
B 1 25  LEU 25  25  25  LEU LEU B . n 
B 1 26  GLU 26  26  26  GLU GLU B . n 
B 1 27  LEU 27  27  27  LEU LEU B . n 
B 1 28  GLY 28  28  28  GLY GLY B . n 
B 1 29  GLY 29  29  29  GLY GLY B . n 
B 1 30  CYS 30  30  30  CYS CYS B . n 
B 1 31  VAL 31  31  31  VAL VAL B . n 
B 1 32  THR 32  32  32  THR THR B . n 
B 1 33  ILE 33  33  33  ILE ILE B . n 
B 1 34  THR 34  34  34  THR THR B . n 
B 1 35  ALA 35  35  35  ALA ALA B . n 
B 1 36  GLU 36  36  36  GLU GLU B . n 
B 1 37  GLY 37  37  37  GLY GLY B . n 
B 1 38  LYS 38  38  38  LYS LYS B . n 
B 1 39  PRO 39  39  39  PRO PRO B . n 
B 1 40  SER 40  40  40  SER SER B . n 
B 1 41  MET 41  41  41  MET MET B . n 
B 1 42  ASP 42  42  42  ASP ASP B . n 
B 1 43  VAL 43  43  43  VAL VAL B . n 
B 1 44  TRP 44  44  44  TRP TRP B . n 
B 1 45  LEU 45  45  45  LEU LEU B . n 
B 1 46  ASP 46  46  46  ASP ASP B . n 
B 1 47  ALA 47  47  47  ALA ALA B . n 
B 1 48  ILE 48  48  48  ILE ILE B . n 
B 1 49  TYR 49  49  49  TYR TYR B . n 
B 1 50  GLN 50  50  50  GLN GLN B . n 
B 1 51  GLU 51  51  51  GLU GLU B . n 
B 1 52  ASN 52  52  52  ASN ASN B . n 
B 1 53  PRO 53  53  53  PRO PRO B . n 
B 1 54  ALA 54  54  54  ALA ALA B . n 
B 1 55  LYS 55  55  55  LYS LYS B . n 
B 1 56  THR 56  56  56  THR THR B . n 
B 1 57  ARG 57  57  57  ARG ARG B . n 
B 1 58  GLU 58  58  58  GLU GLU B . n 
B 1 59  TYR 59  59  59  TYR TYR B . n 
B 1 60  CYS 60  60  60  CYS CYS B . n 
B 1 61  LEU 61  61  61  LEU LEU B . n 
B 1 62  HIS 62  62  62  HIS HIS B . n 
B 1 63  ALA 63  63  63  ALA ALA B . n 
B 1 64  LYS 64  64  64  LYS LYS B . n 
B 1 65  LEU 65  65  65  LEU LEU B . n 
B 1 66  SER 66  66  66  SER SER B . n 
B 1 67  ASP 67  67  67  ASP ASP B . n 
B 1 68  THR 68  68  68  THR THR B . n 
B 1 69  LYS 69  69  69  LYS LYS B . n 
B 1 70  VAL 70  70  70  VAL VAL B . n 
B 1 71  ALA 71  71  71  ALA ALA B . n 
B 1 72  ALA 72  72  72  ALA ALA B . n 
B 1 73  ARG 73  73  73  ARG ARG B . n 
B 1 74  CYS 74  74  74  CYS CYS B . n 
B 1 75  PRO 75  75  75  PRO PRO B . n 
B 1 76  THR 76  76  76  THR THR B . n 
B 1 77  MET 77  77  77  MET MET B . n 
B 1 78  GLY 78  78  78  GLY GLY B . n 
B 1 79  PRO 79  79  79  PRO PRO B . n 
B 1 80  ALA 80  80  80  ALA ALA B . n 
B 1 81  THR 81  81  81  THR THR B . n 
B 1 82  LEU 82  82  82  LEU LEU B . n 
B 1 83  ALA 83  83  83  ALA ALA B . n 
B 1 84  GLU 84  84  84  GLU GLU B . n 
B 1 85  GLU 85  85  85  GLU GLU B . n 
B 1 86  HIS 86  86  86  HIS HIS B . n 
B 1 87  GLN 87  87  87  GLN GLN B . n 
B 1 88  GLY 88  88  88  GLY GLY B . n 
B 1 89  GLY 89  89  89  GLY GLY B . n 
B 1 90  THR 90  90  90  THR THR B . n 
B 1 91  VAL 91  91  91  VAL VAL B . n 
B 1 92  CYS 92  92  92  CYS CYS B . n 
B 1 93  LYS 93  93  93  LYS LYS B . n 
B 1 94  ARG 94  94  94  ARG ARG B . n 
B 1 95  ASP 95  95  95  ASP ASP B . n 
B 1 96  GLN 96  96  96  GLN GLN B . n 
B 1 97  SER 97  97  97  SER SER B . n 
B 1 98  ASP 98  98  98  ASP ASP B . n 
B 1 99  ARG 99  99  99  ARG ARG B . n 
B 1 100 GLY 100 100 100 GLY GLY B . n 
B 1 101 TRP 101 101 101 TRP TRP B . n 
B 1 102 GLY 102 102 102 GLY GLY B . n 
B 1 103 ASN 103 103 103 ASN ASN B . n 
B 1 104 HIS 104 104 104 HIS HIS B . n 
B 1 105 CYS 105 105 105 CYS CYS B . n 
B 1 106 GLY 106 106 106 GLY GLY B . n 
B 1 107 LEU 107 107 107 LEU LEU B . n 
B 1 108 PHE 108 108 108 PHE PHE B . n 
B 1 109 GLY 109 109 109 GLY GLY B . n 
B 1 110 LYS 110 110 110 LYS LYS B . n 
B 1 111 GLY 111 111 111 GLY GLY B . n 
B 1 112 SER 112 112 112 SER SER B . n 
B 1 113 ILE 113 113 113 ILE ILE B . n 
B 1 114 VAL 114 114 114 VAL VAL B . n 
B 1 115 ALA 115 115 115 ALA ALA B . n 
B 1 116 CYS 116 116 116 CYS CYS B . n 
B 1 117 VAL 117 117 117 VAL VAL B . n 
B 1 118 LYS 118 118 118 LYS LYS B . n 
B 1 119 ALA 119 119 119 ALA ALA B . n 
B 1 120 ALA 120 120 120 ALA ALA B . n 
B 1 121 CYS 121 121 121 CYS CYS B . n 
B 1 122 GLU 122 122 122 GLU GLU B . n 
B 1 123 ALA 123 123 123 ALA ALA B . n 
B 1 124 LYS 124 124 124 LYS LYS B . n 
B 1 125 LYS 125 125 125 LYS LYS B . n 
B 1 126 LYS 126 126 126 LYS LYS B . n 
B 1 127 ALA 127 127 127 ALA ALA B . n 
B 1 128 THR 128 128 128 THR THR B . n 
B 1 129 GLY 129 129 129 GLY GLY B . n 
B 1 130 HIS 130 130 130 HIS HIS B . n 
B 1 131 VAL 131 131 131 VAL VAL B . n 
B 1 132 TYR 132 132 132 TYR TYR B . n 
B 1 133 ASP 133 133 133 ASP ASP B . n 
B 1 134 ALA 134 134 134 ALA ALA B . n 
B 1 135 ASN 135 135 135 ASN ASN B . n 
B 1 136 LYS 136 136 136 LYS LYS B . n 
B 1 137 ILE 137 137 137 ILE ILE B . n 
B 1 138 VAL 138 138 138 VAL VAL B . n 
B 1 139 TYR 139 139 139 TYR TYR B . n 
B 1 140 THR 140 140 140 THR THR B . n 
B 1 141 VAL 141 141 141 VAL VAL B . n 
B 1 142 LYS 142 142 142 LYS LYS B . n 
B 1 143 VAL 143 143 143 VAL VAL B . n 
B 1 144 GLU 144 144 144 GLU GLU B . n 
B 1 145 PRO 145 145 145 PRO PRO B . n 
B 1 146 HIS 146 146 146 HIS HIS B . n 
B 1 147 THR 147 147 147 THR THR B . n 
B 1 148 GLY 148 148 148 GLY GLY B . n 
B 1 149 ASP 149 149 149 ASP ASP B . n 
B 1 150 TYR 150 150 150 TYR TYR B . n 
B 1 151 VAL 151 151 151 VAL VAL B . n 
B 1 152 ALA 152 152 152 ALA ALA B . n 
B 1 153 ALA 153 153 153 ALA ALA B . n 
B 1 154 ASN 154 154 154 ASN ASN B . n 
B 1 155 GLU 155 155 155 GLU GLU B . n 
B 1 156 THR 156 156 156 THR THR B . n 
B 1 157 HIS 157 157 157 HIS HIS B . n 
B 1 158 SER 158 158 158 SER SER B . n 
B 1 159 GLY 159 159 159 GLY GLY B . n 
B 1 160 ARG 160 160 160 ARG ARG B . n 
B 1 161 LYS 161 161 161 LYS LYS B . n 
B 1 162 THR 162 162 162 THR THR B . n 
B 1 163 ALA 163 163 163 ALA ALA B . n 
B 1 164 SER 164 164 164 SER SER B . n 
B 1 165 PHE 165 165 165 PHE PHE B . n 
B 1 166 THR 166 166 166 THR THR B . n 
B 1 167 ILE 167 167 167 ILE ILE B . n 
B 1 168 SER 168 168 168 SER SER B . n 
B 1 169 SER 169 169 169 SER SER B . n 
B 1 170 GLU 170 170 170 GLU GLU B . n 
B 1 171 LYS 171 171 171 LYS LYS B . n 
B 1 172 THR 172 172 172 THR THR B . n 
B 1 173 ILE 173 173 173 ILE ILE B . n 
B 1 174 LEU 174 174 174 LEU LEU B . n 
B 1 175 THR 175 175 175 THR THR B . n 
B 1 176 MET 176 176 176 MET MET B . n 
B 1 177 GLY 177 177 177 GLY GLY B . n 
B 1 178 GLU 178 178 178 GLU GLU B . n 
B 1 179 TYR 179 179 179 TYR TYR B . n 
B 1 180 GLY 180 180 180 GLY GLY B . n 
B 1 181 ASP 181 181 181 ASP ASP B . n 
B 1 182 VAL 182 182 182 VAL VAL B . n 
B 1 183 SER 183 183 183 SER SER B . n 
B 1 184 LEU 184 184 184 LEU LEU B . n 
B 1 185 LEU 185 185 185 LEU LEU B . n 
B 1 186 CYS 186 186 186 CYS CYS B . n 
B 1 187 ARG 187 187 187 ARG ARG B . n 
B 1 188 VAL 188 188 188 VAL VAL B . n 
B 1 189 ALA 189 189 189 ALA ALA B . n 
B 1 190 SER 190 190 190 SER SER B . n 
B 1 191 GLY 191 191 191 GLY GLY B . n 
B 1 192 VAL 192 192 192 VAL VAL B . n 
B 1 193 ASP 193 193 193 ASP ASP B . n 
B 1 194 LEU 194 194 194 LEU LEU B . n 
B 1 195 ALA 195 195 195 ALA ALA B . n 
B 1 196 GLN 196 196 196 GLN GLN B . n 
B 1 197 THR 197 197 197 THR THR B . n 
B 1 198 VAL 198 198 198 VAL VAL B . n 
B 1 199 ILE 199 199 199 ILE ILE B . n 
B 1 200 LEU 200 200 200 LEU LEU B . n 
B 1 201 GLU 201 201 201 GLU GLU B . n 
B 1 202 LEU 202 202 202 LEU LEU B . n 
B 1 203 ASP 203 203 203 ASP ASP B . n 
B 1 204 LYS 204 204 204 LYS LYS B . n 
B 1 205 THR 205 205 205 THR THR B . n 
B 1 206 VAL 206 206 206 VAL VAL B . n 
B 1 207 GLU 207 207 207 GLU GLU B . n 
B 1 208 HIS 208 208 208 HIS HIS B . n 
B 1 209 LEU 209 209 209 LEU LEU B . n 
B 1 210 PRO 210 210 210 PRO PRO B . n 
B 1 211 THR 211 211 211 THR THR B . n 
B 1 212 ALA 212 212 212 ALA ALA B . n 
B 1 213 TRP 213 213 213 TRP TRP B . n 
B 1 214 GLN 214 214 214 GLN GLN B . n 
B 1 215 VAL 215 215 215 VAL VAL B . n 
B 1 216 HIS 216 216 216 HIS HIS B . n 
B 1 217 ARG 217 217 217 ARG ARG B . n 
B 1 218 ASP 218 218 218 ASP ASP B . n 
B 1 219 TRP 219 219 219 TRP TRP B . n 
B 1 220 PHE 220 220 220 PHE PHE B . n 
B 1 221 ASN 221 221 221 ASN ASN B . n 
B 1 222 ASP 222 222 222 ASP ASP B . n 
B 1 223 LEU 223 223 223 LEU LEU B . n 
B 1 224 ALA 224 224 224 ALA ALA B . n 
B 1 225 LEU 225 225 225 LEU LEU B . n 
B 1 226 PRO 226 226 226 PRO PRO B . n 
B 1 227 TRP 227 227 227 TRP TRP B . n 
B 1 228 LYS 228 228 228 LYS LYS B . n 
B 1 229 HIS 229 229 229 HIS HIS B . n 
B 1 230 GLU 230 230 230 GLU GLU B . n 
B 1 231 GLY 231 231 231 GLY GLY B . n 
B 1 232 ALA 232 232 232 ALA ALA B . n 
B 1 233 GLN 233 233 233 GLN GLN B . n 
B 1 234 ASN 234 234 234 ASN ASN B . n 
B 1 235 TRP 235 235 235 TRP TRP B . n 
B 1 236 ASN 236 236 236 ASN ASN B . n 
B 1 237 ASN 237 237 237 ASN ASN B . n 
B 1 238 ALA 238 238 238 ALA ALA B . n 
B 1 239 GLU 239 239 239 GLU GLU B . n 
B 1 240 ARG 240 240 240 ARG ARG B . n 
B 1 241 LEU 241 241 241 LEU LEU B . n 
B 1 242 VAL 242 242 242 VAL VAL B . n 
B 1 243 GLU 243 243 243 GLU GLU B . n 
B 1 244 PHE 244 244 244 PHE PHE B . n 
B 1 245 GLY 245 245 245 GLY GLY B . n 
B 1 246 ALA 246 246 246 ALA ALA B . n 
B 1 247 PRO 247 247 247 PRO PRO B . n 
B 1 248 HIS 248 248 248 HIS HIS B . n 
B 1 249 ALA 249 249 249 ALA ALA B . n 
B 1 250 VAL 250 250 250 VAL VAL B . n 
B 1 251 LYS 251 251 251 LYS LYS B . n 
B 1 252 MET 252 252 252 MET MET B . n 
B 1 253 ASP 253 253 253 ASP ASP B . n 
B 1 254 VAL 254 254 254 VAL VAL B . n 
B 1 255 TYR 255 255 255 TYR TYR B . n 
B 1 256 ASN 256 256 256 ASN ASN B . n 
B 1 257 LEU 257 257 257 LEU LEU B . n 
B 1 258 GLY 258 258 258 GLY GLY B . n 
B 1 259 ASP 259 259 259 ASP ASP B . n 
B 1 260 GLN 260 260 260 GLN GLN B . n 
B 1 261 THR 261 261 261 THR THR B . n 
B 1 262 GLY 262 262 262 GLY GLY B . n 
B 1 263 VAL 263 263 263 VAL VAL B . n 
B 1 264 LEU 264 264 264 LEU LEU B . n 
B 1 265 LEU 265 265 265 LEU LEU B . n 
B 1 266 LYS 266 266 266 LYS LYS B . n 
B 1 267 ALA 267 267 267 ALA ALA B . n 
B 1 268 LEU 268 268 268 LEU LEU B . n 
B 1 269 ALA 269 269 269 ALA ALA B . n 
B 1 270 GLY 270 270 270 GLY GLY B . n 
B 1 271 VAL 271 271 271 VAL VAL B . n 
B 1 272 PRO 272 272 272 PRO PRO B . n 
B 1 273 VAL 273 273 273 VAL VAL B . n 
B 1 274 ALA 274 274 274 ALA ALA B . n 
B 1 275 HIS 275 275 275 HIS HIS B . n 
B 1 276 ILE 276 276 276 ILE ILE B . n 
B 1 277 GLU 277 277 277 GLU GLU B . n 
B 1 278 GLY 278 278 278 GLY GLY B . n 
B 1 279 THR 279 279 279 THR THR B . n 
B 1 280 LYS 280 280 280 LYS LYS B . n 
B 1 281 TYR 281 281 281 TYR TYR B . n 
B 1 282 HIS 282 282 282 HIS HIS B . n 
B 1 283 LEU 283 283 283 LEU LEU B . n 
B 1 284 LYS 284 284 284 LYS LYS B . n 
B 1 285 SER 285 285 285 SER SER B . n 
B 1 286 GLY 286 286 286 GLY GLY B . n 
B 1 287 HIS 287 287 287 HIS HIS B . n 
B 1 288 VAL 288 288 288 VAL VAL B . n 
B 1 289 THR 289 289 289 THR THR B . n 
B 1 290 CYS 290 290 290 CYS CYS B . n 
B 1 291 GLU 291 291 291 GLU GLU B . n 
B 1 292 VAL 292 292 292 VAL VAL B . n 
B 1 293 GLY 293 293 293 GLY GLY B . n 
B 1 294 LEU 294 294 294 LEU LEU B . n 
B 1 295 GLU 295 295 295 GLU GLU B . n 
B 1 296 LYS 296 296 296 LYS LYS B . n 
B 1 297 LEU 297 297 297 LEU LEU B . n 
B 1 298 LYS 298 298 298 LYS LYS B . n 
B 1 299 MET 299 299 299 MET MET B . n 
B 1 300 LYS 300 300 300 LYS LYS B . n 
B 1 301 GLY 301 301 301 GLY GLY B . n 
B 1 302 LEU 302 302 302 LEU LEU B . n 
B 1 303 THR 303 303 303 THR THR B . n 
B 1 304 TYR 304 304 304 TYR TYR B . n 
B 1 305 THR 305 305 305 THR THR B . n 
B 1 306 MET 306 306 306 MET MET B . n 
B 1 307 CYS 307 307 307 CYS CYS B . n 
B 1 308 ASP 308 308 308 ASP ASP B . n 
B 1 309 LYS 309 309 309 LYS LYS B . n 
B 1 310 THR 310 310 310 THR THR B . n 
B 1 311 LYS 311 311 311 LYS LYS B . n 
B 1 312 PHE 312 312 312 PHE PHE B . n 
B 1 313 THR 313 313 313 THR THR B . n 
B 1 314 TRP 314 314 314 TRP TRP B . n 
B 1 315 LYS 315 315 315 LYS LYS B . n 
B 1 316 ARG 316 316 316 ARG ARG B . n 
B 1 317 ALA 317 317 317 ALA ALA B . n 
B 1 318 PRO 318 318 318 PRO PRO B . n 
B 1 319 THR 319 319 319 THR THR B . n 
B 1 320 ASP 320 320 320 ASP ASP B . n 
B 1 321 SER 321 321 321 SER SER B . n 
B 1 322 GLY 322 322 322 GLY GLY B . n 
B 1 323 HIS 323 323 323 HIS HIS B . n 
B 1 324 ASP 324 324 324 ASP ASP B . n 
B 1 325 THR 325 325 325 THR THR B . n 
B 1 326 VAL 326 326 326 VAL VAL B . n 
B 1 327 VAL 327 327 327 VAL VAL B . n 
B 1 328 MET 328 328 328 MET MET B . n 
B 1 329 GLU 329 329 329 GLU GLU B . n 
B 1 330 VAL 330 330 330 VAL VAL B . n 
B 1 331 THR 331 331 331 THR THR B . n 
B 1 332 PHE 332 332 332 PHE PHE B . n 
B 1 333 SER 333 333 333 SER SER B . n 
B 1 334 GLY 334 334 334 GLY GLY B . n 
B 1 335 THR 335 335 335 THR THR B . n 
B 1 336 LYS 336 336 336 LYS LYS B . n 
B 1 337 PRO 337 337 337 PRO PRO B . n 
B 1 338 CYS 338 338 338 CYS CYS B . n 
B 1 339 ARG 339 339 339 ARG ARG B . n 
B 1 340 ILE 340 340 340 ILE ILE B . n 
B 1 341 PRO 341 341 341 PRO PRO B . n 
B 1 342 VAL 342 342 342 VAL VAL B . n 
B 1 343 ARG 343 343 343 ARG ARG B . n 
B 1 344 ALA 344 344 344 ALA ALA B . n 
B 1 345 VAL 345 345 345 VAL VAL B . n 
B 1 346 ALA 346 346 346 ALA ALA B . n 
B 1 347 HIS 347 347 347 HIS HIS B . n 
B 1 348 GLY 348 348 348 GLY GLY B . n 
B 1 349 SER 349 349 349 SER SER B . n 
B 1 350 PRO 350 350 350 PRO PRO B . n 
B 1 351 ASP 351 351 351 ASP ASP B . n 
B 1 352 VAL 352 352 352 VAL VAL B . n 
B 1 353 ASN 353 353 353 ASN ASN B . n 
B 1 354 VAL 354 354 354 VAL VAL B . n 
B 1 355 ALA 355 355 355 ALA ALA B . n 
B 1 356 MET 356 356 356 MET MET B . n 
B 1 357 LEU 357 357 357 LEU LEU B . n 
B 1 358 ILE 358 358 358 ILE ILE B . n 
B 1 359 THR 359 359 359 THR THR B . n 
B 1 360 PRO 360 360 360 PRO PRO B . n 
B 1 361 ASN 361 361 361 ASN ASN B . n 
B 1 362 PRO 362 362 362 PRO PRO B . n 
B 1 363 THR 363 363 363 THR THR B . n 
B 1 364 ILE 364 364 364 ILE ILE B . n 
B 1 365 GLU 365 365 365 GLU GLU B . n 
B 1 366 ASN 366 366 366 ASN ASN B . n 
B 1 367 ASN 367 367 367 ASN ASN B . n 
B 1 368 GLY 368 368 368 GLY GLY B . n 
B 1 369 GLY 369 369 369 GLY GLY B . n 
B 1 370 GLY 370 370 370 GLY GLY B . n 
B 1 371 PHE 371 371 371 PHE PHE B . n 
B 1 372 ILE 372 372 372 ILE ILE B . n 
B 1 373 GLU 373 373 373 GLU GLU B . n 
B 1 374 MET 374 374 374 MET MET B . n 
B 1 375 GLN 375 375 375 GLN GLN B . n 
B 1 376 LEU 376 376 376 LEU LEU B . n 
B 1 377 PRO 377 377 377 PRO PRO B . n 
B 1 378 PRO 378 378 378 PRO PRO B . n 
B 1 379 GLY 379 379 379 GLY GLY B . n 
B 1 380 ASP 380 380 380 ASP ASP B . n 
B 1 381 ASN 381 381 381 ASN ASN B . n 
B 1 382 ILE 382 382 382 ILE ILE B . n 
B 1 383 ILE 383 383 383 ILE ILE B . n 
B 1 384 TYR 384 384 384 TYR TYR B . n 
B 1 385 VAL 385 385 385 VAL VAL B . n 
B 1 386 GLY 386 386 386 GLY GLY B . n 
B 1 387 GLU 387 387 387 GLU GLU B . n 
B 1 388 LEU 388 388 388 LEU LEU B . n 
B 1 389 SER 389 389 389 SER SER B . n 
B 1 390 HIS 390 390 390 HIS HIS B . n 
B 1 391 GLN 391 391 391 GLN GLN B . n 
B 1 392 TRP 392 392 392 TRP TRP B . n 
B 1 393 PHE 393 393 393 PHE PHE B . n 
B 1 394 GLN 394 394 394 GLN GLN B . n 
B 1 395 LYS 395 395 395 LYS LYS B . n 
C 1 1   SER 1   1   1   SER SER C . n 
C 1 2   ARG 2   2   2   ARG ARG C . n 
C 1 3   CYS 3   3   3   CYS CYS C . n 
C 1 4   THR 4   4   4   THR THR C . n 
C 1 5   HIS 5   5   5   HIS HIS C . n 
C 1 6   LEU 6   6   6   LEU LEU C . n 
C 1 7   GLU 7   7   7   GLU GLU C . n 
C 1 8   ASN 8   8   8   ASN ASN C . n 
C 1 9   ARG 9   9   9   ARG ARG C . n 
C 1 10  ASP 10  10  10  ASP ASP C . n 
C 1 11  PHE 11  11  11  PHE PHE C . n 
C 1 12  VAL 12  12  12  VAL VAL C . n 
C 1 13  THR 13  13  13  THR THR C . n 
C 1 14  GLY 14  14  14  GLY GLY C . n 
C 1 15  THR 15  15  15  THR THR C . n 
C 1 16  GLN 16  16  16  GLN GLN C . n 
C 1 17  GLY 17  17  17  GLY GLY C . n 
C 1 18  THR 18  18  18  THR THR C . n 
C 1 19  THR 19  19  19  THR THR C . n 
C 1 20  ARG 20  20  20  ARG ARG C . n 
C 1 21  VAL 21  21  21  VAL VAL C . n 
C 1 22  THR 22  22  22  THR THR C . n 
C 1 23  LEU 23  23  23  LEU LEU C . n 
C 1 24  VAL 24  24  24  VAL VAL C . n 
C 1 25  LEU 25  25  25  LEU LEU C . n 
C 1 26  GLU 26  26  26  GLU GLU C . n 
C 1 27  LEU 27  27  27  LEU LEU C . n 
C 1 28  GLY 28  28  28  GLY GLY C . n 
C 1 29  GLY 29  29  29  GLY GLY C . n 
C 1 30  CYS 30  30  30  CYS CYS C . n 
C 1 31  VAL 31  31  31  VAL VAL C . n 
C 1 32  THR 32  32  32  THR THR C . n 
C 1 33  ILE 33  33  33  ILE ILE C . n 
C 1 34  THR 34  34  34  THR THR C . n 
C 1 35  ALA 35  35  35  ALA ALA C . n 
C 1 36  GLU 36  36  36  GLU GLU C . n 
C 1 37  GLY 37  37  37  GLY GLY C . n 
C 1 38  LYS 38  38  38  LYS LYS C . n 
C 1 39  PRO 39  39  39  PRO PRO C . n 
C 1 40  SER 40  40  40  SER SER C . n 
C 1 41  MET 41  41  41  MET MET C . n 
C 1 42  ASP 42  42  42  ASP ASP C . n 
C 1 43  VAL 43  43  43  VAL VAL C . n 
C 1 44  TRP 44  44  44  TRP TRP C . n 
C 1 45  LEU 45  45  45  LEU LEU C . n 
C 1 46  ASP 46  46  46  ASP ASP C . n 
C 1 47  ALA 47  47  47  ALA ALA C . n 
C 1 48  ILE 48  48  48  ILE ILE C . n 
C 1 49  TYR 49  49  49  TYR TYR C . n 
C 1 50  GLN 50  50  50  GLN GLN C . n 
C 1 51  GLU 51  51  51  GLU GLU C . n 
C 1 52  ASN 52  52  52  ASN ASN C . n 
C 1 53  PRO 53  53  53  PRO PRO C . n 
C 1 54  ALA 54  54  54  ALA ALA C . n 
C 1 55  LYS 55  55  55  LYS LYS C . n 
C 1 56  THR 56  56  56  THR THR C . n 
C 1 57  ARG 57  57  57  ARG ARG C . n 
C 1 58  GLU 58  58  58  GLU GLU C . n 
C 1 59  TYR 59  59  59  TYR TYR C . n 
C 1 60  CYS 60  60  60  CYS CYS C . n 
C 1 61  LEU 61  61  61  LEU LEU C . n 
C 1 62  HIS 62  62  62  HIS HIS C . n 
C 1 63  ALA 63  63  63  ALA ALA C . n 
C 1 64  LYS 64  64  64  LYS LYS C . n 
C 1 65  LEU 65  65  65  LEU LEU C . n 
C 1 66  SER 66  66  66  SER SER C . n 
C 1 67  ASP 67  67  67  ASP ASP C . n 
C 1 68  THR 68  68  68  THR THR C . n 
C 1 69  LYS 69  69  69  LYS LYS C . n 
C 1 70  VAL 70  70  70  VAL VAL C . n 
C 1 71  ALA 71  71  71  ALA ALA C . n 
C 1 72  ALA 72  72  72  ALA ALA C . n 
C 1 73  ARG 73  73  73  ARG ARG C . n 
C 1 74  CYS 74  74  74  CYS CYS C . n 
C 1 75  PRO 75  75  75  PRO PRO C . n 
C 1 76  THR 76  76  76  THR THR C . n 
C 1 77  MET 77  77  77  MET MET C . n 
C 1 78  GLY 78  78  78  GLY GLY C . n 
C 1 79  PRO 79  79  79  PRO PRO C . n 
C 1 80  ALA 80  80  80  ALA ALA C . n 
C 1 81  THR 81  81  81  THR THR C . n 
C 1 82  LEU 82  82  82  LEU LEU C . n 
C 1 83  ALA 83  83  83  ALA ALA C . n 
C 1 84  GLU 84  84  84  GLU GLU C . n 
C 1 85  GLU 85  85  85  GLU GLU C . n 
C 1 86  HIS 86  86  86  HIS HIS C . n 
C 1 87  GLN 87  87  87  GLN GLN C . n 
C 1 88  GLY 88  88  88  GLY GLY C . n 
C 1 89  GLY 89  89  89  GLY GLY C . n 
C 1 90  THR 90  90  90  THR THR C . n 
C 1 91  VAL 91  91  91  VAL VAL C . n 
C 1 92  CYS 92  92  92  CYS CYS C . n 
C 1 93  LYS 93  93  93  LYS LYS C . n 
C 1 94  ARG 94  94  94  ARG ARG C . n 
C 1 95  ASP 95  95  95  ASP ASP C . n 
C 1 96  GLN 96  96  96  GLN GLN C . n 
C 1 97  SER 97  97  97  SER SER C . n 
C 1 98  ASP 98  98  98  ASP ASP C . n 
C 1 99  ARG 99  99  99  ARG ARG C . n 
C 1 100 GLY 100 100 100 GLY GLY C . n 
C 1 101 TRP 101 101 101 TRP TRP C . n 
C 1 102 GLY 102 102 102 GLY GLY C . n 
C 1 103 ASN 103 103 103 ASN ASN C . n 
C 1 104 HIS 104 104 104 HIS HIS C . n 
C 1 105 CYS 105 105 105 CYS CYS C . n 
C 1 106 GLY 106 106 106 GLY GLY C . n 
C 1 107 LEU 107 107 107 LEU LEU C . n 
C 1 108 PHE 108 108 108 PHE PHE C . n 
C 1 109 GLY 109 109 109 GLY GLY C . n 
C 1 110 LYS 110 110 110 LYS LYS C . n 
C 1 111 GLY 111 111 111 GLY GLY C . n 
C 1 112 SER 112 112 112 SER SER C . n 
C 1 113 ILE 113 113 113 ILE ILE C . n 
C 1 114 VAL 114 114 114 VAL VAL C . n 
C 1 115 ALA 115 115 115 ALA ALA C . n 
C 1 116 CYS 116 116 116 CYS CYS C . n 
C 1 117 VAL 117 117 117 VAL VAL C . n 
C 1 118 LYS 118 118 118 LYS LYS C . n 
C 1 119 ALA 119 119 119 ALA ALA C . n 
C 1 120 ALA 120 120 120 ALA ALA C . n 
C 1 121 CYS 121 121 121 CYS CYS C . n 
C 1 122 GLU 122 122 122 GLU GLU C . n 
C 1 123 ALA 123 123 123 ALA ALA C . n 
C 1 124 LYS 124 124 124 LYS LYS C . n 
C 1 125 LYS 125 125 125 LYS LYS C . n 
C 1 126 LYS 126 126 126 LYS LYS C . n 
C 1 127 ALA 127 127 127 ALA ALA C . n 
C 1 128 THR 128 128 128 THR THR C . n 
C 1 129 GLY 129 129 129 GLY GLY C . n 
C 1 130 HIS 130 130 130 HIS HIS C . n 
C 1 131 VAL 131 131 131 VAL VAL C . n 
C 1 132 TYR 132 132 132 TYR TYR C . n 
C 1 133 ASP 133 133 133 ASP ASP C . n 
C 1 134 ALA 134 134 134 ALA ALA C . n 
C 1 135 ASN 135 135 135 ASN ASN C . n 
C 1 136 LYS 136 136 136 LYS LYS C . n 
C 1 137 ILE 137 137 137 ILE ILE C . n 
C 1 138 VAL 138 138 138 VAL VAL C . n 
C 1 139 TYR 139 139 139 TYR TYR C . n 
C 1 140 THR 140 140 140 THR THR C . n 
C 1 141 VAL 141 141 141 VAL VAL C . n 
C 1 142 LYS 142 142 142 LYS LYS C . n 
C 1 143 VAL 143 143 143 VAL VAL C . n 
C 1 144 GLU 144 144 144 GLU GLU C . n 
C 1 145 PRO 145 145 145 PRO PRO C . n 
C 1 146 HIS 146 146 146 HIS HIS C . n 
C 1 147 THR 147 147 147 THR THR C . n 
C 1 148 GLY 148 148 148 GLY GLY C . n 
C 1 149 ASP 149 149 149 ASP ASP C . n 
C 1 150 TYR 150 150 150 TYR TYR C . n 
C 1 151 VAL 151 151 151 VAL VAL C . n 
C 1 152 ALA 152 152 152 ALA ALA C . n 
C 1 153 ALA 153 153 153 ALA ALA C . n 
C 1 154 ASN 154 154 154 ASN ASN C . n 
C 1 155 GLU 155 155 155 GLU GLU C . n 
C 1 156 THR 156 156 156 THR THR C . n 
C 1 157 HIS 157 157 157 HIS HIS C . n 
C 1 158 SER 158 158 158 SER SER C . n 
C 1 159 GLY 159 159 159 GLY GLY C . n 
C 1 160 ARG 160 160 160 ARG ARG C . n 
C 1 161 LYS 161 161 161 LYS LYS C . n 
C 1 162 THR 162 162 162 THR THR C . n 
C 1 163 ALA 163 163 163 ALA ALA C . n 
C 1 164 SER 164 164 164 SER SER C . n 
C 1 165 PHE 165 165 165 PHE PHE C . n 
C 1 166 THR 166 166 166 THR THR C . n 
C 1 167 ILE 167 167 167 ILE ILE C . n 
C 1 168 SER 168 168 168 SER SER C . n 
C 1 169 SER 169 169 169 SER SER C . n 
C 1 170 GLU 170 170 170 GLU GLU C . n 
C 1 171 LYS 171 171 171 LYS LYS C . n 
C 1 172 THR 172 172 172 THR THR C . n 
C 1 173 ILE 173 173 173 ILE ILE C . n 
C 1 174 LEU 174 174 174 LEU LEU C . n 
C 1 175 THR 175 175 175 THR THR C . n 
C 1 176 MET 176 176 176 MET MET C . n 
C 1 177 GLY 177 177 177 GLY GLY C . n 
C 1 178 GLU 178 178 178 GLU GLU C . n 
C 1 179 TYR 179 179 179 TYR TYR C . n 
C 1 180 GLY 180 180 180 GLY GLY C . n 
C 1 181 ASP 181 181 181 ASP ASP C . n 
C 1 182 VAL 182 182 182 VAL VAL C . n 
C 1 183 SER 183 183 183 SER SER C . n 
C 1 184 LEU 184 184 184 LEU LEU C . n 
C 1 185 LEU 185 185 185 LEU LEU C . n 
C 1 186 CYS 186 186 186 CYS CYS C . n 
C 1 187 ARG 187 187 187 ARG ARG C . n 
C 1 188 VAL 188 188 188 VAL VAL C . n 
C 1 189 ALA 189 189 189 ALA ALA C . n 
C 1 190 SER 190 190 190 SER SER C . n 
C 1 191 GLY 191 191 191 GLY GLY C . n 
C 1 192 VAL 192 192 192 VAL VAL C . n 
C 1 193 ASP 193 193 193 ASP ASP C . n 
C 1 194 LEU 194 194 194 LEU LEU C . n 
C 1 195 ALA 195 195 195 ALA ALA C . n 
C 1 196 GLN 196 196 196 GLN GLN C . n 
C 1 197 THR 197 197 197 THR THR C . n 
C 1 198 VAL 198 198 198 VAL VAL C . n 
C 1 199 ILE 199 199 199 ILE ILE C . n 
C 1 200 LEU 200 200 200 LEU LEU C . n 
C 1 201 GLU 201 201 201 GLU GLU C . n 
C 1 202 LEU 202 202 202 LEU LEU C . n 
C 1 203 ASP 203 203 203 ASP ASP C . n 
C 1 204 LYS 204 204 204 LYS LYS C . n 
C 1 205 THR 205 205 205 THR THR C . n 
C 1 206 VAL 206 206 206 VAL VAL C . n 
C 1 207 GLU 207 207 207 GLU GLU C . n 
C 1 208 HIS 208 208 208 HIS HIS C . n 
C 1 209 LEU 209 209 209 LEU LEU C . n 
C 1 210 PRO 210 210 210 PRO PRO C . n 
C 1 211 THR 211 211 211 THR THR C . n 
C 1 212 ALA 212 212 212 ALA ALA C . n 
C 1 213 TRP 213 213 213 TRP TRP C . n 
C 1 214 GLN 214 214 214 GLN GLN C . n 
C 1 215 VAL 215 215 215 VAL VAL C . n 
C 1 216 HIS 216 216 216 HIS HIS C . n 
C 1 217 ARG 217 217 217 ARG ARG C . n 
C 1 218 ASP 218 218 218 ASP ASP C . n 
C 1 219 TRP 219 219 219 TRP TRP C . n 
C 1 220 PHE 220 220 220 PHE PHE C . n 
C 1 221 ASN 221 221 221 ASN ASN C . n 
C 1 222 ASP 222 222 222 ASP ASP C . n 
C 1 223 LEU 223 223 223 LEU LEU C . n 
C 1 224 ALA 224 224 224 ALA ALA C . n 
C 1 225 LEU 225 225 225 LEU LEU C . n 
C 1 226 PRO 226 226 226 PRO PRO C . n 
C 1 227 TRP 227 227 227 TRP TRP C . n 
C 1 228 LYS 228 228 228 LYS LYS C . n 
C 1 229 HIS 229 229 229 HIS HIS C . n 
C 1 230 GLU 230 230 230 GLU GLU C . n 
C 1 231 GLY 231 231 231 GLY GLY C . n 
C 1 232 ALA 232 232 232 ALA ALA C . n 
C 1 233 GLN 233 233 233 GLN GLN C . n 
C 1 234 ASN 234 234 234 ASN ASN C . n 
C 1 235 TRP 235 235 235 TRP TRP C . n 
C 1 236 ASN 236 236 236 ASN ASN C . n 
C 1 237 ASN 237 237 237 ASN ASN C . n 
C 1 238 ALA 238 238 238 ALA ALA C . n 
C 1 239 GLU 239 239 239 GLU GLU C . n 
C 1 240 ARG 240 240 240 ARG ARG C . n 
C 1 241 LEU 241 241 241 LEU LEU C . n 
C 1 242 VAL 242 242 242 VAL VAL C . n 
C 1 243 GLU 243 243 243 GLU GLU C . n 
C 1 244 PHE 244 244 244 PHE PHE C . n 
C 1 245 GLY 245 245 245 GLY GLY C . n 
C 1 246 ALA 246 246 246 ALA ALA C . n 
C 1 247 PRO 247 247 247 PRO PRO C . n 
C 1 248 HIS 248 248 248 HIS HIS C . n 
C 1 249 ALA 249 249 249 ALA ALA C . n 
C 1 250 VAL 250 250 250 VAL VAL C . n 
C 1 251 LYS 251 251 251 LYS LYS C . n 
C 1 252 MET 252 252 252 MET MET C . n 
C 1 253 ASP 253 253 253 ASP ASP C . n 
C 1 254 VAL 254 254 254 VAL VAL C . n 
C 1 255 TYR 255 255 255 TYR TYR C . n 
C 1 256 ASN 256 256 256 ASN ASN C . n 
C 1 257 LEU 257 257 257 LEU LEU C . n 
C 1 258 GLY 258 258 258 GLY GLY C . n 
C 1 259 ASP 259 259 259 ASP ASP C . n 
C 1 260 GLN 260 260 260 GLN GLN C . n 
C 1 261 THR 261 261 261 THR THR C . n 
C 1 262 GLY 262 262 262 GLY GLY C . n 
C 1 263 VAL 263 263 263 VAL VAL C . n 
C 1 264 LEU 264 264 264 LEU LEU C . n 
C 1 265 LEU 265 265 265 LEU LEU C . n 
C 1 266 LYS 266 266 266 LYS LYS C . n 
C 1 267 ALA 267 267 267 ALA ALA C . n 
C 1 268 LEU 268 268 268 LEU LEU C . n 
C 1 269 ALA 269 269 269 ALA ALA C . n 
C 1 270 GLY 270 270 270 GLY GLY C . n 
C 1 271 VAL 271 271 271 VAL VAL C . n 
C 1 272 PRO 272 272 272 PRO PRO C . n 
C 1 273 VAL 273 273 273 VAL VAL C . n 
C 1 274 ALA 274 274 274 ALA ALA C . n 
C 1 275 HIS 275 275 275 HIS HIS C . n 
C 1 276 ILE 276 276 276 ILE ILE C . n 
C 1 277 GLU 277 277 277 GLU GLU C . n 
C 1 278 GLY 278 278 278 GLY GLY C . n 
C 1 279 THR 279 279 279 THR THR C . n 
C 1 280 LYS 280 280 280 LYS LYS C . n 
C 1 281 TYR 281 281 281 TYR TYR C . n 
C 1 282 HIS 282 282 282 HIS HIS C . n 
C 1 283 LEU 283 283 283 LEU LEU C . n 
C 1 284 LYS 284 284 284 LYS LYS C . n 
C 1 285 SER 285 285 285 SER SER C . n 
C 1 286 GLY 286 286 286 GLY GLY C . n 
C 1 287 HIS 287 287 287 HIS HIS C . n 
C 1 288 VAL 288 288 288 VAL VAL C . n 
C 1 289 THR 289 289 289 THR THR C . n 
C 1 290 CYS 290 290 290 CYS CYS C . n 
C 1 291 GLU 291 291 291 GLU GLU C . n 
C 1 292 VAL 292 292 292 VAL VAL C . n 
C 1 293 GLY 293 293 293 GLY GLY C . n 
C 1 294 LEU 294 294 294 LEU LEU C . n 
C 1 295 GLU 295 295 295 GLU GLU C . n 
C 1 296 LYS 296 296 296 LYS LYS C . n 
C 1 297 LEU 297 297 297 LEU LEU C . n 
C 1 298 LYS 298 298 298 LYS LYS C . n 
C 1 299 MET 299 299 299 MET MET C . n 
C 1 300 LYS 300 300 300 LYS LYS C . n 
C 1 301 GLY 301 301 301 GLY GLY C . n 
C 1 302 LEU 302 302 302 LEU LEU C . n 
C 1 303 THR 303 303 303 THR THR C . n 
C 1 304 TYR 304 304 304 TYR TYR C . n 
C 1 305 THR 305 305 305 THR THR C . n 
C 1 306 MET 306 306 306 MET MET C . n 
C 1 307 CYS 307 307 307 CYS CYS C . n 
C 1 308 ASP 308 308 308 ASP ASP C . n 
C 1 309 LYS 309 309 309 LYS LYS C . n 
C 1 310 THR 310 310 310 THR THR C . n 
C 1 311 LYS 311 311 311 LYS LYS C . n 
C 1 312 PHE 312 312 312 PHE PHE C . n 
C 1 313 THR 313 313 313 THR THR C . n 
C 1 314 TRP 314 314 314 TRP TRP C . n 
C 1 315 LYS 315 315 315 LYS LYS C . n 
C 1 316 ARG 316 316 316 ARG ARG C . n 
C 1 317 ALA 317 317 317 ALA ALA C . n 
C 1 318 PRO 318 318 318 PRO PRO C . n 
C 1 319 THR 319 319 319 THR THR C . n 
C 1 320 ASP 320 320 320 ASP ASP C . n 
C 1 321 SER 321 321 321 SER SER C . n 
C 1 322 GLY 322 322 322 GLY GLY C . n 
C 1 323 HIS 323 323 323 HIS HIS C . n 
C 1 324 ASP 324 324 324 ASP ASP C . n 
C 1 325 THR 325 325 325 THR THR C . n 
C 1 326 VAL 326 326 326 VAL VAL C . n 
C 1 327 VAL 327 327 327 VAL VAL C . n 
C 1 328 MET 328 328 328 MET MET C . n 
C 1 329 GLU 329 329 329 GLU GLU C . n 
C 1 330 VAL 330 330 330 VAL VAL C . n 
C 1 331 THR 331 331 331 THR THR C . n 
C 1 332 PHE 332 332 332 PHE PHE C . n 
C 1 333 SER 333 333 333 SER SER C . n 
C 1 334 GLY 334 334 334 GLY GLY C . n 
C 1 335 THR 335 335 335 THR THR C . n 
C 1 336 LYS 336 336 336 LYS LYS C . n 
C 1 337 PRO 337 337 337 PRO PRO C . n 
C 1 338 CYS 338 338 338 CYS CYS C . n 
C 1 339 ARG 339 339 339 ARG ARG C . n 
C 1 340 ILE 340 340 340 ILE ILE C . n 
C 1 341 PRO 341 341 341 PRO PRO C . n 
C 1 342 VAL 342 342 342 VAL VAL C . n 
C 1 343 ARG 343 343 343 ARG ARG C . n 
C 1 344 ALA 344 344 344 ALA ALA C . n 
C 1 345 VAL 345 345 345 VAL VAL C . n 
C 1 346 ALA 346 346 346 ALA ALA C . n 
C 1 347 HIS 347 347 347 HIS HIS C . n 
C 1 348 GLY 348 348 348 GLY GLY C . n 
C 1 349 SER 349 349 349 SER SER C . n 
C 1 350 PRO 350 350 350 PRO PRO C . n 
C 1 351 ASP 351 351 351 ASP ASP C . n 
C 1 352 VAL 352 352 352 VAL VAL C . n 
C 1 353 ASN 353 353 353 ASN ASN C . n 
C 1 354 VAL 354 354 354 VAL VAL C . n 
C 1 355 ALA 355 355 355 ALA ALA C . n 
C 1 356 MET 356 356 356 MET MET C . n 
C 1 357 LEU 357 357 357 LEU LEU C . n 
C 1 358 ILE 358 358 358 ILE ILE C . n 
C 1 359 THR 359 359 359 THR THR C . n 
C 1 360 PRO 360 360 360 PRO PRO C . n 
C 1 361 ASN 361 361 361 ASN ASN C . n 
C 1 362 PRO 362 362 362 PRO PRO C . n 
C 1 363 THR 363 363 363 THR THR C . n 
C 1 364 ILE 364 364 364 ILE ILE C . n 
C 1 365 GLU 365 365 365 GLU GLU C . n 
C 1 366 ASN 366 366 366 ASN ASN C . n 
C 1 367 ASN 367 367 367 ASN ASN C . n 
C 1 368 GLY 368 368 368 GLY GLY C . n 
C 1 369 GLY 369 369 369 GLY GLY C . n 
C 1 370 GLY 370 370 370 GLY GLY C . n 
C 1 371 PHE 371 371 371 PHE PHE C . n 
C 1 372 ILE 372 372 372 ILE ILE C . n 
C 1 373 GLU 373 373 373 GLU GLU C . n 
C 1 374 MET 374 374 374 MET MET C . n 
C 1 375 GLN 375 375 375 GLN GLN C . n 
C 1 376 LEU 376 376 376 LEU LEU C . n 
C 1 377 PRO 377 377 377 PRO PRO C . n 
C 1 378 PRO 378 378 378 PRO PRO C . n 
C 1 379 GLY 379 379 379 GLY GLY C . n 
C 1 380 ASP 380 380 380 ASP ASP C . n 
C 1 381 ASN 381 381 381 ASN ASN C . n 
C 1 382 ILE 382 382 382 ILE ILE C . n 
C 1 383 ILE 383 383 383 ILE ILE C . n 
C 1 384 TYR 384 384 384 TYR TYR C . n 
C 1 385 VAL 385 385 385 VAL VAL C . n 
C 1 386 GLY 386 386 386 GLY GLY C . n 
C 1 387 GLU 387 387 387 GLU GLU C . n 
C 1 388 LEU 388 388 388 LEU LEU C . n 
C 1 389 SER 389 389 389 SER SER C . n 
C 1 390 HIS 390 390 390 HIS HIS C . n 
C 1 391 GLN 391 391 391 GLN GLN C . n 
C 1 392 TRP 392 392 392 TRP TRP C . n 
C 1 393 PHE 393 393 393 PHE PHE C . n 
C 1 394 GLN 394 394 394 GLN GLN C . n 
C 1 395 LYS 395 395 395 LYS LYS C . n 
# 
_exptl.entry_id          1N6G 
_exptl.method            'ELECTRON MICROSCOPY' 
_exptl.crystals_number   ? 
# 
_refine_hist.pdbx_refine_id                   'ELECTRON MICROSCOPY' 
_refine_hist.cycle_id                         LAST 
_refine_hist.pdbx_number_atoms_protein        1185 
_refine_hist.pdbx_number_atoms_nucleic_acid   0 
_refine_hist.pdbx_number_atoms_ligand         0 
_refine_hist.number_atoms_solvent             0 
_refine_hist.number_atoms_total               1185 
_refine_hist.d_res_high                       . 
_refine_hist.d_res_low                        . 
# 
_struct.entry_id                  1N6G 
_struct.title                     'The structure of immature Dengue-2 prM particles' 
_struct.pdbx_model_details        ? 
_struct.pdbx_CASP_flag            ? 
_struct.pdbx_model_type_details   ? 
# 
_struct_keywords.entry_id        1N6G 
_struct_keywords.pdbx_keywords   VIRUS 
_struct_keywords.text            'FLAVIVIRUS, FLAVIVIRIDAE, DENGUE immature VIRUS, prM particle, Icosahedral virus, Virus' 
# 
loop_
_struct_asym.id 
_struct_asym.pdbx_blank_PDB_chainid_flag 
_struct_asym.pdbx_modified 
_struct_asym.entity_id 
_struct_asym.details 
A N N 1 ? 
B N N 1 ? 
C N N 1 ? 
# 
_struct_ref.id                         1 
_struct_ref.db_name                    UNP 
_struct_ref.db_code                    POLG_TBEVW 
_struct_ref.entity_id                  1 
_struct_ref.pdbx_seq_one_letter_code   
;SRCTHLENRDFVTGTQGTTRVTLVLELGGCVTITAEGKPSMDVWLDAIYQENPAKTREYCLHAKLSDTKVAARCPTMGPA
TLAEEHQGGTVCKRDQSDRGWGNHCGLFGKGSIVACVKAACEAKKKATGHVYDANKIVYTVKVEPHTGDYVAANETHSGR
KTASFTISSEKTILTMGEYGDVSLLCRVASGVDLAQTVILELDKTVEHLPTAWQVHRDWFNDLALPWKHEGAQNWNNAER
LVEFGAPHAVKMDVYNLGDQTGVLLKALAGVPVAHIEGTKYHLKSGHVTCEVGLEKLKMKGLTYTMCDKTKFTWKRAPTD
SGHDTVVMEVTFSGTKPCRIPVRAVAHGSPDVNVAMLITPNPTIENNGGGFIEMQLPPGDNIIYVGELSHQWFQK
;
_struct_ref.pdbx_align_begin           281 
_struct_ref.pdbx_db_accession          P14336 
_struct_ref.pdbx_db_isoform            ? 
# 
loop_
_struct_ref_seq.align_id 
_struct_ref_seq.ref_id 
_struct_ref_seq.pdbx_PDB_id_code 
_struct_ref_seq.pdbx_strand_id 
_struct_ref_seq.seq_align_beg 
_struct_ref_seq.pdbx_seq_align_beg_ins_code 
_struct_ref_seq.seq_align_end 
_struct_ref_seq.pdbx_seq_align_end_ins_code 
_struct_ref_seq.pdbx_db_accession 
_struct_ref_seq.db_align_beg 
_struct_ref_seq.pdbx_db_align_beg_ins_code 
_struct_ref_seq.db_align_end 
_struct_ref_seq.pdbx_db_align_end_ins_code 
_struct_ref_seq.pdbx_auth_seq_align_beg 
_struct_ref_seq.pdbx_auth_seq_align_end 
1 1 1N6G A 1 ? 395 ? P14336 281 ? 675 ? 1 395 
2 1 1N6G B 1 ? 395 ? P14336 281 ? 675 ? 1 395 
3 1 1N6G C 1 ? 395 ? P14336 281 ? 675 ? 1 395 
# 
loop_
_pdbx_struct_assembly.id 
_pdbx_struct_assembly.details 
_pdbx_struct_assembly.method_details 
_pdbx_struct_assembly.oligomeric_details 
_pdbx_struct_assembly.oligomeric_count 
1 'complete icosahedral assembly'                ? 180-MERIC      180 
2 'icosahedral asymmetric unit'                  ? trimeric       3   
3 'icosahedral pentamer'                         ? pentadecameric 15  
4 'icosahedral 23 hexamer'                       ? octadecameric  18  
5 'icosahedral asymmetric unit, std point frame' ? trimeric       3   
# 
loop_
_pdbx_struct_assembly_gen.assembly_id 
_pdbx_struct_assembly_gen.oper_expression 
_pdbx_struct_assembly_gen.asym_id_list 
1 '(1-60)'           A,B,C 
2 1                  A,B,C 
3 '(1-5)'            A,B,C 
4 '(1,2,6,10,23,24)' A,B,C 
5 P                  A,B,C 
# 
loop_
_pdbx_struct_oper_list.id 
_pdbx_struct_oper_list.type 
_pdbx_struct_oper_list.name 
_pdbx_struct_oper_list.symmetry_operation 
_pdbx_struct_oper_list.matrix[1][1] 
_pdbx_struct_oper_list.matrix[1][2] 
_pdbx_struct_oper_list.matrix[1][3] 
_pdbx_struct_oper_list.vector[1] 
_pdbx_struct_oper_list.matrix[2][1] 
_pdbx_struct_oper_list.matrix[2][2] 
_pdbx_struct_oper_list.matrix[2][3] 
_pdbx_struct_oper_list.vector[2] 
_pdbx_struct_oper_list.matrix[3][1] 
_pdbx_struct_oper_list.matrix[3][2] 
_pdbx_struct_oper_list.matrix[3][3] 
_pdbx_struct_oper_list.vector[3] 
P  'transform to point frame' ?     ?     -0.65928972 -0.75021439 0.05015399  50.01953  0.33958280  -0.23758481 0.91007526  43.56758   -0.67083574 0.61703469  0.41139712  207.76815  
1  'identity operation'       1_555 x,y,z 1.00000000  0.00000000  0.00000000  0.00000   0.00000000  1.00000000  0.00000000  0.00000    0.00000000  0.00000000  1.00000000  0.00000    
2  'point symmetry operation' ?     ?     0.41525999  -0.89623688 0.15594416  40.04672  0.67949291  0.41956064  0.60187894  -76.86456  -0.60485414 -0.14397329 0.78321335  56.06758   
3  'point symmetry operation' ?     ?     -0.53086921 -0.77064884 -0.35253119 134.30878 0.20320573  -0.51960996 0.82988729  -48.15654  -0.82273039 0.36892526  0.43244519  86.82448   
4  'point symmetry operation' ?     ?     -0.53086921 0.20320573  -0.82273039 152.51922 -0.77064884 -0.51960996 0.36892526  46.45054   -0.35253119 0.82988729  0.43244519  49.76571   
5  'point symmetry operation' ?     ?     0.41525999  0.67949291  -0.60485414 69.51183  -0.89623688 0.41956064  -0.14397329 76.21292   0.15594416  0.60187894  0.78321335  -3.89477   
6  'point symmetry operation' ?     ?     -0.09995882 -0.82785785 -0.55195978 36.36512  -0.82785785 -0.23853637 0.50769260  95.75273   -0.55195978 0.50769260  -0.66150481 -84.31691  
7  'point symmetry operation' ?     ?     -0.27017727 -0.17828232 -0.94616048 65.04797  -0.81293998 0.56878210  0.12496201  109.39983  0.51588063  0.80293358  -0.29860483 -182.53363 
8  'point symmetry operation' ?     ?     0.33895370  0.30356443  -0.89048246 14.88292  -0.02668184 0.94923419  0.31343663  40.13138   0.94042462  -0.08248080 0.32984610  -240.33349 
9  'point symmetry operation' ?     ?     0.88563579  -0.04821342 -0.46187087 -44.80364 0.44433455  0.37704805  0.81265096  -16.32597  0.13496683  -0.92493795 0.35535014  -177.83904 
10 'point symmetry operation' ?     ?     0.61437294  -0.74747086 -0.25265235 -31.52691 -0.05081946 -0.35703452 0.93270773  18.04991   -0.78737746 -0.56019074 -0.25733842 -81.41549  
11 'point symmetry operation' ?     ?     -0.76936705 -0.16135942 0.61809180  344.71132 -0.16135942 -0.88710692 -0.43244011 -181.34957 0.61809180  -0.43244011 0.65647396  -175.96779 
12 'point symmetry operation' ?     ?     -0.80298532 0.53284635  0.26700061  360.95842 -0.40822577 -0.16531905 -0.89778690 -143.87028 -0.43424219 -0.82990624 0.35027039  -81.16902  
13 'point symmetry operation' ?     ?     -0.13287879 0.90478547  0.40460657  302.81458 0.26117717  0.42576297  -0.86632118 -197.84795 -0.95610131 -0.00944171 -0.29288418 -15.12981  
14 'point symmetry operation' ?     ?     0.31488810  0.44045070  0.84074291  250.63260 0.92175730  0.06928388  -0.38152749 -268.68727 -0.22629399 0.89509938  -0.38417198 -69.11410  
15 'point symmetry operation' ?     ?     -0.07848328 -0.21846308 0.97268405  276.52621 0.66061531  -0.74211432 -0.11337425 -258.49072 0.74661085  0.63367200  0.20256362  -168.51744 
16 'point symmetry operation' ?     ?     -0.13067413 0.98921727  -0.06613201 249.16700 0.98921727  0.12564328  -0.07525248 -235.69832 -0.06613201 -0.07525248 -0.99496916 -250.24999 
17 'point symmetry operation' ?     ?     0.65790260  0.54167285  0.52321570  164.19032 0.54167285  -0.82302369 0.17094595  -209.96016 0.52321570  0.17094595  -0.83487891 -302.89962 
18 'point symmetry operation' ?     ?     0.32479430  -0.43770106 0.83840708  178.23715 -0.43770106 -0.85538719 -0.27700275 -115.42206 0.83840708  -0.27700275 -0.46940711 -341.89588 
19 'point symmetry operation' ?     ?     -0.66965468 -0.59544301 0.44385835  271.89526 -0.59544301 0.07327803  -0.80004872 -82.73247  0.44385835  -0.80004872 -0.40362335 -313.34725 
20 'point symmetry operation' ?     ?     -0.95114966 0.28644103  -0.11517756 315.73231 0.28644103  0.67958821  -0.67536019 -157.06729 -0.11517756 -0.67536019 -0.72843855 -256.70698 
21 'point symmetry operation' ?     ?     -0.00941261 -0.50218415 -0.86470947 8.34054   0.86944221  -0.43126684 0.24099614  -221.19562 -0.49394497 -0.74954652 0.44067945  -53.76816  
22 'point symmetry operation' ?     ?     0.17788386  -0.07776570 -0.98097392 -1.91841  -0.07776570 -0.99486579 0.06476541  -139.71611 -0.98097392 0.06476541  -0.18301807 8.77236    
23 'point symmetry operation' ?     ?     0.61437294  -0.05081946 -0.78737746 -43.81816 -0.74747086 -0.35703452 -0.56019074 -62.72921  -0.25265235 0.93270773  -0.25733842 -45.75198  
24 'point symmetry operation' ?     ?     0.69684156  -0.45858421 -0.55146383 -59.45467 -0.21416348 0.60076582  -0.77020415 -96.62821  0.68450408  0.65481367  0.32042661  -141.99038 
25 'point symmetry operation' ?     ?     0.31132089  -0.73754293 -0.59925764 -27.21883 0.78514375  0.55488773  -0.27504342 -194.56583 0.53537704  -0.38487664 0.75182537  -146.94466 
26 'point symmetry operation' ?     ?     0.89396283  -0.31142511 0.32224969  32.82237  0.13709904  -0.49454979 -0.85826823 -251.19328 0.42665480  0.81144002  -0.39941304 -180.65838 
27 'point symmetry operation' ?     ?     -0.03529822 -0.97825952 0.20435833  110.62797 0.24001577  -0.20679914 -0.94848644 -255.81058 0.97012704  0.01556934  0.24209736  -248.33736 
28 'point symmetry operation' ?     ?     -0.80298532 -0.40822577 -0.43424219 195.86575 0.53284635  -0.16531905 -0.82990624 -283.48256 0.26700061  -0.89778690 0.35027039  -197.10987 
29 'point symmetry operation' ?     ?     -0.34818101 0.61090888  -0.71102765 170.74001 0.61090888  -0.42743359 -0.66640143 -295.96747 -0.71102765 -0.66640143 -0.22438540 -97.77057  
30 'point symmetry operation' ?     ?     0.70059063  0.67073498  -0.24348996 69.97366  0.36632358  -0.63090937 -0.68393010 -276.01159 -0.61235594 0.38995890  -0.68771523 -87.60299  
31 'point symmetry operation' ?     ?     -0.44619594 0.82094491  -0.35631255 248.32780 -0.45037348 0.13807070  0.88209988  114.31345  0.77335173  0.55406311  0.30812524  -165.65203 
32 'point symmetry operation' ?     ?     0.58805604  0.79563292  0.14545906  147.37997 -0.62674580 0.33457154  0.70374114  135.12193  0.51125316  -0.50500508 0.69540640  -159.99381 
33 'point symmetry operation' ?     ?     0.69684156  -0.21416348 0.68450408  117.92925 -0.45858421 0.60076582  0.65481367  123.76319  -0.55146383 -0.77020415 0.32042661  -61.71305  
34 'point symmetry operation' ?     ?     -0.27017727 -0.81293998 0.51588063  200.67554 -0.17828232 0.56878210  0.80293358  95.93462   -0.94616048 0.12496201  -0.29860483 -6.63042   
35 'point symmetry operation' ?     ?     -0.97661330 -0.17320781 -0.12737943 281.26628 -0.17320781 0.28282079  0.94340418  90.09436   -0.12737943 0.94340418  -0.30620749 -70.86824  
36 'point symmetry operation' ?     ?     -0.43835428 -0.00733565 0.89877233  340.75272 -0.55616777 0.78774593  -0.26482779 36.78028   -0.70606156 -0.61595660 -0.34939165 -110.45612 
37 'point symmetry operation' ?     ?     -0.73064168 0.26039231  0.63115653  374.15391 0.46449573  0.86709339  0.17997990  -60.89041  -0.50040627 0.42467033  -0.75448569 -110.97588 
38 'point symmetry operation' ?     ?     -0.50822918 0.67320871  0.53711557  360.26659 0.67320871  -0.07841225 0.73528331  -98.84660  0.53711557  0.73528331  -0.41335858 -205.95979 
39 'point symmetry operation' ?     ?     -0.07848328 0.66061531  0.74661085  318.28256 -0.21846308 -0.74211432 0.63367200  -24.63412  0.97268405  -0.11337425 0.20256362  -264.14332 
40 'point symmetry operation' ?     ?     -0.03529822 0.24001577  0.97012704  306.22233 -0.97825952 -0.20679914 0.01556934  59.18790   0.20435833  -0.94848644 0.24209736  -205.11880 
41 'point symmetry operation' ?     ?     -0.00941261 0.86944221  -0.49394497 165.83680 -0.50218415 -0.43126684 -0.74954652 -131.50759 -0.86470947 0.24099614  0.44067945  84.21396   
42 'point symmetry operation' ?     ?     0.88563579  0.44433455  0.13496683  70.93627  -0.04821342 0.37704805  -0.92493795 -160.49454 -0.46187087 0.81265096  0.35535014  55.76895   
43 'point symmetry operation' ?     ?     0.58805604  -0.62674580 0.51125316  79.81676  0.79563292  0.33457154  -0.50500508 -243.26600 0.14545906  0.70374114  0.69540640  -5.26790   
44 'point symmetry operation' ?     ?     -0.49090677 -0.86360219 0.11489911  180.20574 0.86318792  -0.49999528 -0.07008085 -265.43462 0.11797099  0.06477636  0.99090205  -14.54573  
45 'point symmetry operation' ?     ?     -0.86016270 0.06109286  -0.50634749 233.36905 0.06109286  -0.97330942 -0.22121577 -196.36412 -0.50634749 -0.22121577 0.83347213  40.75709   
46 'point symmetry operation' ?     ?     -0.44619594 -0.45037348 0.77335173  290.39389 0.82094491  0.13807070  0.55406311  -127.86511 -0.35631255 0.88209988  0.30812524  38.68800   
47 'point symmetry operation' ?     ?     -0.95907790 0.09959627  0.26504744  350.50293 0.09959627  -0.75760237 0.64507304  -74.53672  0.26504744  0.64507304  0.71668028  -26.10753  
48 'point symmetry operation' ?     ?     -0.49090677 0.86318792  0.11797099  319.30015 -0.86360219 -0.49999528 0.06477636  23.85224   0.11489911  -0.07008085 0.99090205  -24.89397  
49 'point symmetry operation' ?     ?     0.31132089  0.78514375  0.53537704  239.90673 -0.73754293 0.55488773  -0.38487664 31.33157   -0.59925764 -0.27504342 0.75182537  40.65158   
50 'point symmetry operation' ?     ?     0.33895370  -0.02668184 0.94042462  222.04169 0.30356443  0.94923419  -0.08248080 -62.43490  -0.89048246 0.31343663  0.32984610  79.94740   
51 'point symmetry operation' ?     ?     -0.43835428 -0.55616777 -0.70606156 91.83760  -0.00733565 0.78774593  -0.61595660 -94.51004  0.89877233  -0.26482779 -0.34939165 -335.11112 
52 'point symmetry operation' ?     ?     -0.13287879 0.26117717  -0.95610131 77.44538  0.90478547  0.42576297  -0.00944171 -189.88875 0.40460657  -0.86632118 -0.29288418 -298.35192 
53 'point symmetry operation' ?     ?     0.70059063  0.36632358  -0.61235594 -1.55754  0.67073498  -0.63090937 0.38995890  -186.91052 -0.24348996 -0.68393010 -0.68771523 -231.98066 
54 'point symmetry operation' ?     ?     0.91022756  -0.38603730 -0.14986988 -35.99180 -0.38603730 -0.92198583 0.03028716  -89.69116  -0.14986988 0.03028716  -0.98824172 -227.72019 
55 'point symmetry operation' ?     ?     0.20632090  -0.95616832 -0.20778314 21.72957  -0.80510799 -0.04520864 -0.59140282 -32.58453  0.55608704  0.28930663  -0.77914624 -291.45831 
56 'point symmetry operation' ?     ?     0.89396283  0.13709904  0.42665480  82.17514  -0.31142511 -0.49454979 0.81144002  32.58757   0.32224969  -0.85826823 -0.39941304 -298.32552 
57 'point symmetry operation' ?     ?     0.20632090  -0.80510799 0.55608704  131.35886 -0.95616832 -0.04520864 0.28930663  103.62485  -0.20778314 -0.59140282 -0.77914624 -241.84419 
58 'point symmetry operation' ?     ?     -0.79773990 -0.60276571 -0.01686821 232.68406 -0.60276571 0.79633311  0.05026982  85.02911   -0.01686821 0.05026982  -0.99859321 -248.39216 
59 'point symmetry operation' ?     ?     -0.73064168 0.46449573  -0.50040627 246.12276 0.26039231  0.86709339  0.42467033  2.49904    0.63115653  0.17997990  -0.75448569 -308.92035 
60 'point symmetry operation' ?     ?     0.31488810  0.92175730  -0.22629399 153.10313 0.44045070  0.06928388  0.89509938  -29.91162  0.84074291  -0.38152749 -0.38417198 -339.78086  
# 
_pdbx_point_symmetry.entry_id             1N6G 
_pdbx_point_symmetry.Schoenflies_symbol   I 
_pdbx_point_symmetry.H-M_notation         532 
_pdbx_point_symmetry.circular_symmetry    ? 
# 
_pdbx_database_remark.id     999 
_pdbx_database_remark.text   
;SEQUENCE
AUTHORS PROVIDED COORDINATES FOR ALPHA CARBONS
ONLY. THE SEQRES RECORDS ARE FROM TICK-BORN 
ENCEPHALITIS VIRUS BECAUSE THE FITTING MODEL 
OF MAJOR ENVELOPE PROTEIN E (1SVB) WAS USED 
IN THIS STUDY.
;
# 
_em_3d_fitting.id                1 
_em_3d_fitting.entry_id          1N6G 
_em_3d_fitting.ref_protocol      OTHER 
_em_3d_fitting.ref_space         REAL 
_em_3d_fitting.overall_b_value   ? 
_em_3d_fitting.target_criteria   ? 
_em_3d_fitting.details           
;METHOD--The atomic structure of TBEV-E monomer was first fitted in one position 
in one asymmetry unit, then the densities at all pixels covered by the first 
fitted monomer was set to zero. After that, the second monomer was fitted into 
the left densities. The densities coresponding to the second monomer was again 
set to zero, then the third monomer was fitted.
;
_em_3d_fitting.method            ? 
# 
_em_3d_fitting_list.3d_fitting_id                 1 
_em_3d_fitting_list.id                            1 
_em_3d_fitting_list.pdb_entry_id                  1SVB 
_em_3d_fitting_list.pdb_chain_id                  ? 
_em_3d_fitting_list.details                       ? 
_em_3d_fitting_list.initial_refinement_model_id   1 
_em_3d_fitting_list.chain_id                      ? 
_em_3d_fitting_list.chain_residue_range           ? 
_em_3d_fitting_list.pdb_chain_residue_range       ? 
_em_3d_fitting_list.source_name                   PDB 
_em_3d_fitting_list.type                          'experimental model' 
_em_3d_fitting_list.accession_code                1SVB 
# 
_em_3d_reconstruction.entry_id                    1N6G 
_em_3d_reconstruction.id                          1 
_em_3d_reconstruction.symmetry_type               POINT 
_em_3d_reconstruction.image_processing_id         1 
_em_3d_reconstruction.method                      
;COMMON-LINES AND POLAR-FOURIER-TRANSFORM ((FULLER ET AL. 1996,J.STRUC.BIOL. 116, 48-55 BAKER ANDCHENG, 1996, J.STRUC.BIOL. 116, 120-130)
;
_em_3d_reconstruction.nominal_pixel_size          4.240 
_em_3d_reconstruction.actual_pixel_size           ? 
_em_3d_reconstruction.resolution                  16.00 
_em_3d_reconstruction.magnification_calibration   ? 
_em_3d_reconstruction.details                     ? 
_em_3d_reconstruction.resolution_method           ? 
_em_3d_reconstruction.num_class_averages          ? 
_em_3d_reconstruction.num_particles               ? 
_em_3d_reconstruction.algorithm                   ? 
# 
_em_entity_assembly.id                   1 
_em_entity_assembly.name                 'dengue-2 immature particle' 
_em_entity_assembly.type                 COMPLEX 
_em_entity_assembly.parent_id            0 
_em_entity_assembly.synonym              ? 
_em_entity_assembly.details              
'The samples were produced by adding ammonium cloride to the medium in the late infection stage' 
_em_entity_assembly.oligomeric_details   ? 
# 
_em_imaging.entry_id                        1N6G 
_em_imaging.id                              1 
_em_imaging.microscope_model                'FEI/PHILIPS CM300FEG/T' 
_em_imaging.illumination_mode               'FLOOD BEAM' 
_em_imaging.specimen_id                     1 
_em_imaging.date                            ? 
_em_imaging.temperature                     100.00 
_em_imaging.nominal_defocus_min             1662.00 
_em_imaging.nominal_defocus_max             3640.00 
_em_imaging.tilt_angle_min                  0.00 
_em_imaging.tilt_angle_max                  0.00 
_em_imaging.nominal_cs                      2.00 
_em_imaging.mode                            'BRIGHT FIELD' 
_em_imaging.nominal_magnification           33000 
_em_imaging.calibrated_magnification        ? 
_em_imaging.electron_source                 'FIELD EMISSION GUN' 
_em_imaging.accelerating_voltage            . 
_em_imaging.details                         ? 
_em_imaging.specimen_holder_type            ? 
_em_imaging.specimen_holder_model           ? 
_em_imaging.citation_id                     ? 
_em_imaging.detector_distance               ? 
_em_imaging.recording_temperature_maximum   ? 
_em_imaging.recording_temperature_minimum   ? 
_em_imaging.astigmatism                     ? 
_em_imaging.electron_beam_tilt_params       ? 
_em_imaging.calibrated_defocus_max          ? 
_em_imaging.alignment_procedure             ? 
_em_imaging.c2_aperture_diameter            ? 
_em_imaging.calibrated_defocus_min          ? 
_em_imaging.cryogen                         ? 
_em_imaging.residual_tilt                   ? 
# 
_em_experiment.entry_id                1N6G 
_em_experiment.id                      1 
_em_experiment.aggregation_state       PARTICLE 
_em_experiment.entity_assembly_id      1 
_em_experiment.reconstruction_method   'SINGLE PARTICLE' 
# 
_em_single_particle_entity.entry_id              1N6G 
_em_single_particle_entity.id                    1 
_em_single_particle_entity.point_symmetry        I 
_em_single_particle_entity.image_processing_id   1 
# 
loop_
_chem_comp_atom.comp_id 
_chem_comp_atom.atom_id 
_chem_comp_atom.type_symbol 
_chem_comp_atom.pdbx_aromatic_flag 
_chem_comp_atom.pdbx_stereo_config 
_chem_comp_atom.pdbx_ordinal 
ALA N    N N N 1   
ALA CA   C N S 2   
ALA C    C N N 3   
ALA O    O N N 4   
ALA CB   C N N 5   
ALA OXT  O N N 6   
ALA H    H N N 7   
ALA H2   H N N 8   
ALA HA   H N N 9   
ALA HB1  H N N 10  
ALA HB2  H N N 11  
ALA HB3  H N N 12  
ALA HXT  H N N 13  
ARG N    N N N 14  
ARG CA   C N S 15  
ARG C    C N N 16  
ARG O    O N N 17  
ARG CB   C N N 18  
ARG CG   C N N 19  
ARG CD   C N N 20  
ARG NE   N N N 21  
ARG CZ   C N N 22  
ARG NH1  N N N 23  
ARG NH2  N N N 24  
ARG OXT  O N N 25  
ARG H    H N N 26  
ARG H2   H N N 27  
ARG HA   H N N 28  
ARG HB2  H N N 29  
ARG HB3  H N N 30  
ARG HG2  H N N 31  
ARG HG3  H N N 32  
ARG HD2  H N N 33  
ARG HD3  H N N 34  
ARG HE   H N N 35  
ARG HH11 H N N 36  
ARG HH12 H N N 37  
ARG HH21 H N N 38  
ARG HH22 H N N 39  
ARG HXT  H N N 40  
ASN N    N N N 41  
ASN CA   C N S 42  
ASN C    C N N 43  
ASN O    O N N 44  
ASN CB   C N N 45  
ASN CG   C N N 46  
ASN OD1  O N N 47  
ASN ND2  N N N 48  
ASN OXT  O N N 49  
ASN H    H N N 50  
ASN H2   H N N 51  
ASN HA   H N N 52  
ASN HB2  H N N 53  
ASN HB3  H N N 54  
ASN HD21 H N N 55  
ASN HD22 H N N 56  
ASN HXT  H N N 57  
ASP N    N N N 58  
ASP CA   C N S 59  
ASP C    C N N 60  
ASP O    O N N 61  
ASP CB   C N N 62  
ASP CG   C N N 63  
ASP OD1  O N N 64  
ASP OD2  O N N 65  
ASP OXT  O N N 66  
ASP H    H N N 67  
ASP H2   H N N 68  
ASP HA   H N N 69  
ASP HB2  H N N 70  
ASP HB3  H N N 71  
ASP HD2  H N N 72  
ASP HXT  H N N 73  
CYS N    N N N 74  
CYS CA   C N R 75  
CYS C    C N N 76  
CYS O    O N N 77  
CYS CB   C N N 78  
CYS SG   S N N 79  
CYS OXT  O N N 80  
CYS H    H N N 81  
CYS H2   H N N 82  
CYS HA   H N N 83  
CYS HB2  H N N 84  
CYS HB3  H N N 85  
CYS HG   H N N 86  
CYS HXT  H N N 87  
GLN N    N N N 88  
GLN CA   C N S 89  
GLN C    C N N 90  
GLN O    O N N 91  
GLN CB   C N N 92  
GLN CG   C N N 93  
GLN CD   C N N 94  
GLN OE1  O N N 95  
GLN NE2  N N N 96  
GLN OXT  O N N 97  
GLN H    H N N 98  
GLN H2   H N N 99  
GLN HA   H N N 100 
GLN HB2  H N N 101 
GLN HB3  H N N 102 
GLN HG2  H N N 103 
GLN HG3  H N N 104 
GLN HE21 H N N 105 
GLN HE22 H N N 106 
GLN HXT  H N N 107 
GLU N    N N N 108 
GLU CA   C N S 109 
GLU C    C N N 110 
GLU O    O N N 111 
GLU CB   C N N 112 
GLU CG   C N N 113 
GLU CD   C N N 114 
GLU OE1  O N N 115 
GLU OE2  O N N 116 
GLU OXT  O N N 117 
GLU H    H N N 118 
GLU H2   H N N 119 
GLU HA   H N N 120 
GLU HB2  H N N 121 
GLU HB3  H N N 122 
GLU HG2  H N N 123 
GLU HG3  H N N 124 
GLU HE2  H N N 125 
GLU HXT  H N N 126 
GLY N    N N N 127 
GLY CA   C N N 128 
GLY C    C N N 129 
GLY O    O N N 130 
GLY OXT  O N N 131 
GLY H    H N N 132 
GLY H2   H N N 133 
GLY HA2  H N N 134 
GLY HA3  H N N 135 
GLY HXT  H N N 136 
HIS N    N N N 137 
HIS CA   C N S 138 
HIS C    C N N 139 
HIS O    O N N 140 
HIS CB   C N N 141 
HIS CG   C Y N 142 
HIS ND1  N Y N 143 
HIS CD2  C Y N 144 
HIS CE1  C Y N 145 
HIS NE2  N Y N 146 
HIS OXT  O N N 147 
HIS H    H N N 148 
HIS H2   H N N 149 
HIS HA   H N N 150 
HIS HB2  H N N 151 
HIS HB3  H N N 152 
HIS HD1  H N N 153 
HIS HD2  H N N 154 
HIS HE1  H N N 155 
HIS HE2  H N N 156 
HIS HXT  H N N 157 
ILE N    N N N 158 
ILE CA   C N S 159 
ILE C    C N N 160 
ILE O    O N N 161 
ILE CB   C N S 162 
ILE CG1  C N N 163 
ILE CG2  C N N 164 
ILE CD1  C N N 165 
ILE OXT  O N N 166 
ILE H    H N N 167 
ILE H2   H N N 168 
ILE HA   H N N 169 
ILE HB   H N N 170 
ILE HG12 H N N 171 
ILE HG13 H N N 172 
ILE HG21 H N N 173 
ILE HG22 H N N 174 
ILE HG23 H N N 175 
ILE HD11 H N N 176 
ILE HD12 H N N 177 
ILE HD13 H N N 178 
ILE HXT  H N N 179 
LEU N    N N N 180 
LEU CA   C N S 181 
LEU C    C N N 182 
LEU O    O N N 183 
LEU CB   C N N 184 
LEU CG   C N N 185 
LEU CD1  C N N 186 
LEU CD2  C N N 187 
LEU OXT  O N N 188 
LEU H    H N N 189 
LEU H2   H N N 190 
LEU HA   H N N 191 
LEU HB2  H N N 192 
LEU HB3  H N N 193 
LEU HG   H N N 194 
LEU HD11 H N N 195 
LEU HD12 H N N 196 
LEU HD13 H N N 197 
LEU HD21 H N N 198 
LEU HD22 H N N 199 
LEU HD23 H N N 200 
LEU HXT  H N N 201 
LYS N    N N N 202 
LYS CA   C N S 203 
LYS C    C N N 204 
LYS O    O N N 205 
LYS CB   C N N 206 
LYS CG   C N N 207 
LYS CD   C N N 208 
LYS CE   C N N 209 
LYS NZ   N N N 210 
LYS OXT  O N N 211 
LYS H    H N N 212 
LYS H2   H N N 213 
LYS HA   H N N 214 
LYS HB2  H N N 215 
LYS HB3  H N N 216 
LYS HG2  H N N 217 
LYS HG3  H N N 218 
LYS HD2  H N N 219 
LYS HD3  H N N 220 
LYS HE2  H N N 221 
LYS HE3  H N N 222 
LYS HZ1  H N N 223 
LYS HZ2  H N N 224 
LYS HZ3  H N N 225 
LYS HXT  H N N 226 
MET N    N N N 227 
MET CA   C N S 228 
MET C    C N N 229 
MET O    O N N 230 
MET CB   C N N 231 
MET CG   C N N 232 
MET SD   S N N 233 
MET CE   C N N 234 
MET OXT  O N N 235 
MET H    H N N 236 
MET H2   H N N 237 
MET HA   H N N 238 
MET HB2  H N N 239 
MET HB3  H N N 240 
MET HG2  H N N 241 
MET HG3  H N N 242 
MET HE1  H N N 243 
MET HE2  H N N 244 
MET HE3  H N N 245 
MET HXT  H N N 246 
PHE N    N N N 247 
PHE CA   C N S 248 
PHE C    C N N 249 
PHE O    O N N 250 
PHE CB   C N N 251 
PHE CG   C Y N 252 
PHE CD1  C Y N 253 
PHE CD2  C Y N 254 
PHE CE1  C Y N 255 
PHE CE2  C Y N 256 
PHE CZ   C Y N 257 
PHE OXT  O N N 258 
PHE H    H N N 259 
PHE H2   H N N 260 
PHE HA   H N N 261 
PHE HB2  H N N 262 
PHE HB3  H N N 263 
PHE HD1  H N N 264 
PHE HD2  H N N 265 
PHE HE1  H N N 266 
PHE HE2  H N N 267 
PHE HZ   H N N 268 
PHE HXT  H N N 269 
PRO N    N N N 270 
PRO CA   C N S 271 
PRO C    C N N 272 
PRO O    O N N 273 
PRO CB   C N N 274 
PRO CG   C N N 275 
PRO CD   C N N 276 
PRO OXT  O N N 277 
PRO H    H N N 278 
PRO HA   H N N 279 
PRO HB2  H N N 280 
PRO HB3  H N N 281 
PRO HG2  H N N 282 
PRO HG3  H N N 283 
PRO HD2  H N N 284 
PRO HD3  H N N 285 
PRO HXT  H N N 286 
SER N    N N N 287 
SER CA   C N S 288 
SER C    C N N 289 
SER O    O N N 290 
SER CB   C N N 291 
SER OG   O N N 292 
SER OXT  O N N 293 
SER H    H N N 294 
SER H2   H N N 295 
SER HA   H N N 296 
SER HB2  H N N 297 
SER HB3  H N N 298 
SER HG   H N N 299 
SER HXT  H N N 300 
THR N    N N N 301 
THR CA   C N S 302 
THR C    C N N 303 
THR O    O N N 304 
THR CB   C N R 305 
THR OG1  O N N 306 
THR CG2  C N N 307 
THR OXT  O N N 308 
THR H    H N N 309 
THR H2   H N N 310 
THR HA   H N N 311 
THR HB   H N N 312 
THR HG1  H N N 313 
THR HG21 H N N 314 
THR HG22 H N N 315 
THR HG23 H N N 316 
THR HXT  H N N 317 
TRP N    N N N 318 
TRP CA   C N S 319 
TRP C    C N N 320 
TRP O    O N N 321 
TRP CB   C N N 322 
TRP CG   C Y N 323 
TRP CD1  C Y N 324 
TRP CD2  C Y N 325 
TRP NE1  N Y N 326 
TRP CE2  C Y N 327 
TRP CE3  C Y N 328 
TRP CZ2  C Y N 329 
TRP CZ3  C Y N 330 
TRP CH2  C Y N 331 
TRP OXT  O N N 332 
TRP H    H N N 333 
TRP H2   H N N 334 
TRP HA   H N N 335 
TRP HB2  H N N 336 
TRP HB3  H N N 337 
TRP HD1  H N N 338 
TRP HE1  H N N 339 
TRP HE3  H N N 340 
TRP HZ2  H N N 341 
TRP HZ3  H N N 342 
TRP HH2  H N N 343 
TRP HXT  H N N 344 
TYR N    N N N 345 
TYR CA   C N S 346 
TYR C    C N N 347 
TYR O    O N N 348 
TYR CB   C N N 349 
TYR CG   C Y N 350 
TYR CD1  C Y N 351 
TYR CD2  C Y N 352 
TYR CE1  C Y N 353 
TYR CE2  C Y N 354 
TYR CZ   C Y N 355 
TYR OH   O N N 356 
TYR OXT  O N N 357 
TYR H    H N N 358 
TYR H2   H N N 359 
TYR HA   H N N 360 
TYR HB2  H N N 361 
TYR HB3  H N N 362 
TYR HD1  H N N 363 
TYR HD2  H N N 364 
TYR HE1  H N N 365 
TYR HE2  H N N 366 
TYR HH   H N N 367 
TYR HXT  H N N 368 
VAL N    N N N 369 
VAL CA   C N S 370 
VAL C    C N N 371 
VAL O    O N N 372 
VAL CB   C N N 373 
VAL CG1  C N N 374 
VAL CG2  C N N 375 
VAL OXT  O N N 376 
VAL H    H N N 377 
VAL H2   H N N 378 
VAL HA   H N N 379 
VAL HB   H N N 380 
VAL HG11 H N N 381 
VAL HG12 H N N 382 
VAL HG13 H N N 383 
VAL HG21 H N N 384 
VAL HG22 H N N 385 
VAL HG23 H N N 386 
VAL HXT  H N N 387 
# 
loop_
_chem_comp_bond.comp_id 
_chem_comp_bond.atom_id_1 
_chem_comp_bond.atom_id_2 
_chem_comp_bond.value_order 
_chem_comp_bond.pdbx_aromatic_flag 
_chem_comp_bond.pdbx_stereo_config 
_chem_comp_bond.pdbx_ordinal 
ALA N   CA   sing N N 1   
ALA N   H    sing N N 2   
ALA N   H2   sing N N 3   
ALA CA  C    sing N N 4   
ALA CA  CB   sing N N 5   
ALA CA  HA   sing N N 6   
ALA C   O    doub N N 7   
ALA C   OXT  sing N N 8   
ALA CB  HB1  sing N N 9   
ALA CB  HB2  sing N N 10  
ALA CB  HB3  sing N N 11  
ALA OXT HXT  sing N N 12  
ARG N   CA   sing N N 13  
ARG N   H    sing N N 14  
ARG N   H2   sing N N 15  
ARG CA  C    sing N N 16  
ARG CA  CB   sing N N 17  
ARG CA  HA   sing N N 18  
ARG C   O    doub N N 19  
ARG C   OXT  sing N N 20  
ARG CB  CG   sing N N 21  
ARG CB  HB2  sing N N 22  
ARG CB  HB3  sing N N 23  
ARG CG  CD   sing N N 24  
ARG CG  HG2  sing N N 25  
ARG CG  HG3  sing N N 26  
ARG CD  NE   sing N N 27  
ARG CD  HD2  sing N N 28  
ARG CD  HD3  sing N N 29  
ARG NE  CZ   sing N N 30  
ARG NE  HE   sing N N 31  
ARG CZ  NH1  sing N N 32  
ARG CZ  NH2  doub N N 33  
ARG NH1 HH11 sing N N 34  
ARG NH1 HH12 sing N N 35  
ARG NH2 HH21 sing N N 36  
ARG NH2 HH22 sing N N 37  
ARG OXT HXT  sing N N 38  
ASN N   CA   sing N N 39  
ASN N   H    sing N N 40  
ASN N   H2   sing N N 41  
ASN CA  C    sing N N 42  
ASN CA  CB   sing N N 43  
ASN CA  HA   sing N N 44  
ASN C   O    doub N N 45  
ASN C   OXT  sing N N 46  
ASN CB  CG   sing N N 47  
ASN CB  HB2  sing N N 48  
ASN CB  HB3  sing N N 49  
ASN CG  OD1  doub N N 50  
ASN CG  ND2  sing N N 51  
ASN ND2 HD21 sing N N 52  
ASN ND2 HD22 sing N N 53  
ASN OXT HXT  sing N N 54  
ASP N   CA   sing N N 55  
ASP N   H    sing N N 56  
ASP N   H2   sing N N 57  
ASP CA  C    sing N N 58  
ASP CA  CB   sing N N 59  
ASP CA  HA   sing N N 60  
ASP C   O    doub N N 61  
ASP C   OXT  sing N N 62  
ASP CB  CG   sing N N 63  
ASP CB  HB2  sing N N 64  
ASP CB  HB3  sing N N 65  
ASP CG  OD1  doub N N 66  
ASP CG  OD2  sing N N 67  
ASP OD2 HD2  sing N N 68  
ASP OXT HXT  sing N N 69  
CYS N   CA   sing N N 70  
CYS N   H    sing N N 71  
CYS N   H2   sing N N 72  
CYS CA  C    sing N N 73  
CYS CA  CB   sing N N 74  
CYS CA  HA   sing N N 75  
CYS C   O    doub N N 76  
CYS C   OXT  sing N N 77  
CYS CB  SG   sing N N 78  
CYS CB  HB2  sing N N 79  
CYS CB  HB3  sing N N 80  
CYS SG  HG   sing N N 81  
CYS OXT HXT  sing N N 82  
GLN N   CA   sing N N 83  
GLN N   H    sing N N 84  
GLN N   H2   sing N N 85  
GLN CA  C    sing N N 86  
GLN CA  CB   sing N N 87  
GLN CA  HA   sing N N 88  
GLN C   O    doub N N 89  
GLN C   OXT  sing N N 90  
GLN CB  CG   sing N N 91  
GLN CB  HB2  sing N N 92  
GLN CB  HB3  sing N N 93  
GLN CG  CD   sing N N 94  
GLN CG  HG2  sing N N 95  
GLN CG  HG3  sing N N 96  
GLN CD  OE1  doub N N 97  
GLN CD  NE2  sing N N 98  
GLN NE2 HE21 sing N N 99  
GLN NE2 HE22 sing N N 100 
GLN OXT HXT  sing N N 101 
GLU N   CA   sing N N 102 
GLU N   H    sing N N 103 
GLU N   H2   sing N N 104 
GLU CA  C    sing N N 105 
GLU CA  CB   sing N N 106 
GLU CA  HA   sing N N 107 
GLU C   O    doub N N 108 
GLU C   OXT  sing N N 109 
GLU CB  CG   sing N N 110 
GLU CB  HB2  sing N N 111 
GLU CB  HB3  sing N N 112 
GLU CG  CD   sing N N 113 
GLU CG  HG2  sing N N 114 
GLU CG  HG3  sing N N 115 
GLU CD  OE1  doub N N 116 
GLU CD  OE2  sing N N 117 
GLU OE2 HE2  sing N N 118 
GLU OXT HXT  sing N N 119 
GLY N   CA   sing N N 120 
GLY N   H    sing N N 121 
GLY N   H2   sing N N 122 
GLY CA  C    sing N N 123 
GLY CA  HA2  sing N N 124 
GLY CA  HA3  sing N N 125 
GLY C   O    doub N N 126 
GLY C   OXT  sing N N 127 
GLY OXT HXT  sing N N 128 
HIS N   CA   sing N N 129 
HIS N   H    sing N N 130 
HIS N   H2   sing N N 131 
HIS CA  C    sing N N 132 
HIS CA  CB   sing N N 133 
HIS CA  HA   sing N N 134 
HIS C   O    doub N N 135 
HIS C   OXT  sing N N 136 
HIS CB  CG   sing N N 137 
HIS CB  HB2  sing N N 138 
HIS CB  HB3  sing N N 139 
HIS CG  ND1  sing Y N 140 
HIS CG  CD2  doub Y N 141 
HIS ND1 CE1  doub Y N 142 
HIS ND1 HD1  sing N N 143 
HIS CD2 NE2  sing Y N 144 
HIS CD2 HD2  sing N N 145 
HIS CE1 NE2  sing Y N 146 
HIS CE1 HE1  sing N N 147 
HIS NE2 HE2  sing N N 148 
HIS OXT HXT  sing N N 149 
ILE N   CA   sing N N 150 
ILE N   H    sing N N 151 
ILE N   H2   sing N N 152 
ILE CA  C    sing N N 153 
ILE CA  CB   sing N N 154 
ILE CA  HA   sing N N 155 
ILE C   O    doub N N 156 
ILE C   OXT  sing N N 157 
ILE CB  CG1  sing N N 158 
ILE CB  CG2  sing N N 159 
ILE CB  HB   sing N N 160 
ILE CG1 CD1  sing N N 161 
ILE CG1 HG12 sing N N 162 
ILE CG1 HG13 sing N N 163 
ILE CG2 HG21 sing N N 164 
ILE CG2 HG22 sing N N 165 
ILE CG2 HG23 sing N N 166 
ILE CD1 HD11 sing N N 167 
ILE CD1 HD12 sing N N 168 
ILE CD1 HD13 sing N N 169 
ILE OXT HXT  sing N N 170 
LEU N   CA   sing N N 171 
LEU N   H    sing N N 172 
LEU N   H2   sing N N 173 
LEU CA  C    sing N N 174 
LEU CA  CB   sing N N 175 
LEU CA  HA   sing N N 176 
LEU C   O    doub N N 177 
LEU C   OXT  sing N N 178 
LEU CB  CG   sing N N 179 
LEU CB  HB2  sing N N 180 
LEU CB  HB3  sing N N 181 
LEU CG  CD1  sing N N 182 
LEU CG  CD2  sing N N 183 
LEU CG  HG   sing N N 184 
LEU CD1 HD11 sing N N 185 
LEU CD1 HD12 sing N N 186 
LEU CD1 HD13 sing N N 187 
LEU CD2 HD21 sing N N 188 
LEU CD2 HD22 sing N N 189 
LEU CD2 HD23 sing N N 190 
LEU OXT HXT  sing N N 191 
LYS N   CA   sing N N 192 
LYS N   H    sing N N 193 
LYS N   H2   sing N N 194 
LYS CA  C    sing N N 195 
LYS CA  CB   sing N N 196 
LYS CA  HA   sing N N 197 
LYS C   O    doub N N 198 
LYS C   OXT  sing N N 199 
LYS CB  CG   sing N N 200 
LYS CB  HB2  sing N N 201 
LYS CB  HB3  sing N N 202 
LYS CG  CD   sing N N 203 
LYS CG  HG2  sing N N 204 
LYS CG  HG3  sing N N 205 
LYS CD  CE   sing N N 206 
LYS CD  HD2  sing N N 207 
LYS CD  HD3  sing N N 208 
LYS CE  NZ   sing N N 209 
LYS CE  HE2  sing N N 210 
LYS CE  HE3  sing N N 211 
LYS NZ  HZ1  sing N N 212 
LYS NZ  HZ2  sing N N 213 
LYS NZ  HZ3  sing N N 214 
LYS OXT HXT  sing N N 215 
MET N   CA   sing N N 216 
MET N   H    sing N N 217 
MET N   H2   sing N N 218 
MET CA  C    sing N N 219 
MET CA  CB   sing N N 220 
MET CA  HA   sing N N 221 
MET C   O    doub N N 222 
MET C   OXT  sing N N 223 
MET CB  CG   sing N N 224 
MET CB  HB2  sing N N 225 
MET CB  HB3  sing N N 226 
MET CG  SD   sing N N 227 
MET CG  HG2  sing N N 228 
MET CG  HG3  sing N N 229 
MET SD  CE   sing N N 230 
MET CE  HE1  sing N N 231 
MET CE  HE2  sing N N 232 
MET CE  HE3  sing N N 233 
MET OXT HXT  sing N N 234 
PHE N   CA   sing N N 235 
PHE N   H    sing N N 236 
PHE N   H2   sing N N 237 
PHE CA  C    sing N N 238 
PHE CA  CB   sing N N 239 
PHE CA  HA   sing N N 240 
PHE C   O    doub N N 241 
PHE C   OXT  sing N N 242 
PHE CB  CG   sing N N 243 
PHE CB  HB2  sing N N 244 
PHE CB  HB3  sing N N 245 
PHE CG  CD1  doub Y N 246 
PHE CG  CD2  sing Y N 247 
PHE CD1 CE1  sing Y N 248 
PHE CD1 HD1  sing N N 249 
PHE CD2 CE2  doub Y N 250 
PHE CD2 HD2  sing N N 251 
PHE CE1 CZ   doub Y N 252 
PHE CE1 HE1  sing N N 253 
PHE CE2 CZ   sing Y N 254 
PHE CE2 HE2  sing N N 255 
PHE CZ  HZ   sing N N 256 
PHE OXT HXT  sing N N 257 
PRO N   CA   sing N N 258 
PRO N   CD   sing N N 259 
PRO N   H    sing N N 260 
PRO CA  C    sing N N 261 
PRO CA  CB   sing N N 262 
PRO CA  HA   sing N N 263 
PRO C   O    doub N N 264 
PRO C   OXT  sing N N 265 
PRO CB  CG   sing N N 266 
PRO CB  HB2  sing N N 267 
PRO CB  HB3  sing N N 268 
PRO CG  CD   sing N N 269 
PRO CG  HG2  sing N N 270 
PRO CG  HG3  sing N N 271 
PRO CD  HD2  sing N N 272 
PRO CD  HD3  sing N N 273 
PRO OXT HXT  sing N N 274 
SER N   CA   sing N N 275 
SER N   H    sing N N 276 
SER N   H2   sing N N 277 
SER CA  C    sing N N 278 
SER CA  CB   sing N N 279 
SER CA  HA   sing N N 280 
SER C   O    doub N N 281 
SER C   OXT  sing N N 282 
SER CB  OG   sing N N 283 
SER CB  HB2  sing N N 284 
SER CB  HB3  sing N N 285 
SER OG  HG   sing N N 286 
SER OXT HXT  sing N N 287 
THR N   CA   sing N N 288 
THR N   H    sing N N 289 
THR N   H2   sing N N 290 
THR CA  C    sing N N 291 
THR CA  CB   sing N N 292 
THR CA  HA   sing N N 293 
THR C   O    doub N N 294 
THR C   OXT  sing N N 295 
THR CB  OG1  sing N N 296 
THR CB  CG2  sing N N 297 
THR CB  HB   sing N N 298 
THR OG1 HG1  sing N N 299 
THR CG2 HG21 sing N N 300 
THR CG2 HG22 sing N N 301 
THR CG2 HG23 sing N N 302 
THR OXT HXT  sing N N 303 
TRP N   CA   sing N N 304 
TRP N   H    sing N N 305 
TRP N   H2   sing N N 306 
TRP CA  C    sing N N 307 
TRP CA  CB   sing N N 308 
TRP CA  HA   sing N N 309 
TRP C   O    doub N N 310 
TRP C   OXT  sing N N 311 
TRP CB  CG   sing N N 312 
TRP CB  HB2  sing N N 313 
TRP CB  HB3  sing N N 314 
TRP CG  CD1  doub Y N 315 
TRP CG  CD2  sing Y N 316 
TRP CD1 NE1  sing Y N 317 
TRP CD1 HD1  sing N N 318 
TRP CD2 CE2  doub Y N 319 
TRP CD2 CE3  sing Y N 320 
TRP NE1 CE2  sing Y N 321 
TRP NE1 HE1  sing N N 322 
TRP CE2 CZ2  sing Y N 323 
TRP CE3 CZ3  doub Y N 324 
TRP CE3 HE3  sing N N 325 
TRP CZ2 CH2  doub Y N 326 
TRP CZ2 HZ2  sing N N 327 
TRP CZ3 CH2  sing Y N 328 
TRP CZ3 HZ3  sing N N 329 
TRP CH2 HH2  sing N N 330 
TRP OXT HXT  sing N N 331 
TYR N   CA   sing N N 332 
TYR N   H    sing N N 333 
TYR N   H2   sing N N 334 
TYR CA  C    sing N N 335 
TYR CA  CB   sing N N 336 
TYR CA  HA   sing N N 337 
TYR C   O    doub N N 338 
TYR C   OXT  sing N N 339 
TYR CB  CG   sing N N 340 
TYR CB  HB2  sing N N 341 
TYR CB  HB3  sing N N 342 
TYR CG  CD1  doub Y N 343 
TYR CG  CD2  sing Y N 344 
TYR CD1 CE1  sing Y N 345 
TYR CD1 HD1  sing N N 346 
TYR CD2 CE2  doub Y N 347 
TYR CD2 HD2  sing N N 348 
TYR CE1 CZ   doub Y N 349 
TYR CE1 HE1  sing N N 350 
TYR CE2 CZ   sing Y N 351 
TYR CE2 HE2  sing N N 352 
TYR CZ  OH   sing N N 353 
TYR OH  HH   sing N N 354 
TYR OXT HXT  sing N N 355 
VAL N   CA   sing N N 356 
VAL N   H    sing N N 357 
VAL N   H2   sing N N 358 
VAL CA  C    sing N N 359 
VAL CA  CB   sing N N 360 
VAL CA  HA   sing N N 361 
VAL C   O    doub N N 362 
VAL C   OXT  sing N N 363 
VAL CB  CG1  sing N N 364 
VAL CB  CG2  sing N N 365 
VAL CB  HB   sing N N 366 
VAL CG1 HG11 sing N N 367 
VAL CG1 HG12 sing N N 368 
VAL CG1 HG13 sing N N 369 
VAL CG2 HG21 sing N N 370 
VAL CG2 HG22 sing N N 371 
VAL CG2 HG23 sing N N 372 
VAL OXT HXT  sing N N 373 
# 
_em_ctf_correction.id        1 
_em_ctf_correction.details   
'EACH VIRAL IMAGE WAS CTF CORRECTED BEFORE RECONSTRUCTION, BASED ON THE FOLLOWING EQUATION: F(CORR)=F(OBS)/[|CTF|+WIENER]' 
_em_ctf_correction.type      . 
# 
_em_image_processing.id                   1 
_em_image_processing.image_recording_id   1 
_em_image_processing.details              ? 
# 
_em_image_recording.id                            1 
_em_image_recording.imaging_id                    1 
_em_image_recording.film_or_detector_model        'KODAK SO-163 FILM' 
_em_image_recording.avg_electron_dose_per_image   15 
_em_image_recording.average_exposure_time         ? 
_em_image_recording.details                       ? 
_em_image_recording.num_grids_imaged              ? 
_em_image_recording.num_diffraction_images        ? 
_em_image_recording.num_real_images               ? 
_em_image_recording.detector_mode                 ? 
# 
loop_
_em_software.id 
_em_software.name 
_em_software.version 
_em_software.category 
_em_software.details 
_em_software.image_processing_id 
1 EMfit  ? 'MODEL FITTING' ?                    ? 
2 EMfit  ? 'MODEL FITTING' ?                    ? 
3 Custom ? RECONSTRUCTION  'common-line method' 1 
# 
_em_specimen.experiment_id           1 
_em_specimen.id                      1 
_em_specimen.concentration           ? 
_em_specimen.vitrification_applied   YES 
_em_specimen.staining_applied        NO 
_em_specimen.embedding_applied       NO 
_em_specimen.shadowing_applied       NO 
_em_specimen.details                 ? 
# 
loop_
_pdbx_coordinate_model.asym_id 
_pdbx_coordinate_model.type 
A 'CA ATOMS ONLY' 
B 'CA ATOMS ONLY' 
C 'CA ATOMS ONLY' 
# 
_pdbx_initial_refinement_model.id               1 
_pdbx_initial_refinement_model.type             'experimental model' 
_pdbx_initial_refinement_model.source_name      PDB 
_pdbx_initial_refinement_model.accession_code   1SVB 
# 
_atom_sites.entry_id                    1N6G 
_atom_sites.fract_transf_matrix[1][1]   1.000000 
_atom_sites.fract_transf_matrix[1][2]   0.000000 
_atom_sites.fract_transf_matrix[1][3]   0.000000 
_atom_sites.fract_transf_matrix[2][1]   0.000000 
_atom_sites.fract_transf_matrix[2][2]   1.000000 
_atom_sites.fract_transf_matrix[2][3]   0.000000 
_atom_sites.fract_transf_matrix[3][1]   0.000000 
_atom_sites.fract_transf_matrix[3][2]   0.000000 
_atom_sites.fract_transf_matrix[3][3]   1.000000 
_atom_sites.fract_transf_vector[1]      0.00000 
_atom_sites.fract_transf_vector[2]      0.00000 
_atom_sites.fract_transf_vector[3]      0.00000 
# 
_atom_type.symbol   C 
# 
loop_
_atom_site.group_PDB 
_atom_site.id 
_atom_site.type_symbol 
_atom_site.label_atom_id 
_atom_site.label_alt_id 
_atom_site.label_comp_id 
_atom_site.label_asym_id 
_atom_site.label_entity_id 
_atom_site.label_seq_id 
_atom_site.pdbx_PDB_ins_code 
_atom_site.Cartn_x 
_atom_site.Cartn_y 
_atom_site.Cartn_z 
_atom_site.occupancy 
_atom_site.B_iso_or_equiv 
_atom_site.pdbx_formal_charge 
_atom_site.auth_seq_id 
_atom_site.auth_comp_id 
_atom_site.auth_asym_id 
_atom_site.auth_atom_id 
_atom_site.pdbx_PDB_model_num 
ATOM 1    C CA . SER A 1 1   ? -30.275 -52.054 -17.410 1.00 22.01 ? 1   SER A CA 1 
ATOM 2    C CA . ARG A 1 2   ? -29.179 -50.295 -14.205 1.00 20.31 ? 2   ARG A CA 1 
ATOM 3    C CA . CYS A 1 3   ? -25.956 -48.857 -15.643 1.00 16.01 ? 3   CYS A CA 1 
ATOM 4    C CA . THR A 1 4   ? -27.978 -46.884 -18.224 1.00 22.61 ? 4   THR A CA 1 
ATOM 5    C CA . HIS A 1 5   ? -29.275 -44.775 -15.289 1.00 25.07 ? 5   HIS A CA 1 
ATOM 6    C CA . LEU A 1 6   ? -25.957 -43.004 -14.700 1.00 32.74 ? 6   LEU A CA 1 
ATOM 7    C CA . GLU A 1 7   ? -23.386 -40.962 -16.586 1.00 38.06 ? 7   GLU A CA 1 
ATOM 8    C CA . ASN A 1 8   ? -20.419 -42.775 -15.045 1.00 33.04 ? 8   ASN A CA 1 
ATOM 9    C CA . ARG A 1 9   ? -20.433 -46.149 -16.832 1.00 22.55 ? 9   ARG A CA 1 
ATOM 10   C CA . ASP A 1 10  ? -17.652 -48.472 -17.994 1.00 24.62 ? 10  ASP A CA 1 
ATOM 11   C CA . PHE A 1 11  ? -17.810 -51.396 -20.383 1.00 25.09 ? 11  PHE A CA 1 
ATOM 12   C CA . VAL A 1 12  ? -15.709 -54.497 -19.696 1.00 34.09 ? 12  VAL A CA 1 
ATOM 13   C CA . THR A 1 13  ? -15.535 -57.187 -22.320 1.00 53.74 ? 13  THR A CA 1 
ATOM 14   C CA . GLY A 1 14  ? -14.275 -60.755 -22.132 1.00 72.23 ? 14  GLY A CA 1 
ATOM 15   C CA . THR A 1 15  ? -13.327 -62.500 -25.401 1.00 88.26 ? 15  THR A CA 1 
ATOM 16   C CA . GLN A 1 16  ? -12.759 -66.214 -26.215 1.00 95.26 ? 16  GLN A CA 1 
ATOM 17   C CA . GLY A 1 17  ? -11.633 -68.198 -23.155 1.00 94.85 ? 17  GLY A CA 1 
ATOM 18   C CA . THR A 1 18  ? -12.043 -65.228 -20.793 1.00 88.41 ? 18  THR A CA 1 
ATOM 19   C CA . THR A 1 19  ? -13.790 -66.859 -17.840 1.00 72.87 ? 19  THR A CA 1 
ATOM 20   C CA . ARG A 1 20  ? -12.673 -64.427 -15.120 1.00 59.07 ? 20  ARG A CA 1 
ATOM 21   C CA . VAL A 1 21  ? -12.806 -60.609 -15.108 1.00 42.81 ? 21  VAL A CA 1 
ATOM 22   C CA . THR A 1 22  ? -11.045 -58.163 -12.755 1.00 35.02 ? 22  THR A CA 1 
ATOM 23   C CA . LEU A 1 23  ? -12.814 -54.822 -12.224 1.00 29.89 ? 23  LEU A CA 1 
ATOM 24   C CA . VAL A 1 24  ? -12.160 -51.689 -10.185 1.00 25.49 ? 24  VAL A CA 1 
ATOM 25   C CA . LEU A 1 25  ? -15.580 -50.667 -8.932  1.00 22.40 ? 25  LEU A CA 1 
ATOM 26   C CA . GLU A 1 26  ? -16.057 -47.146 -7.686  1.00 22.12 ? 26  GLU A CA 1 
ATOM 27   C CA . LEU A 1 27  ? -18.861 -45.579 -5.659  1.00 21.25 ? 27  LEU A CA 1 
ATOM 28   C CA . GLY A 1 28  ? -21.052 -43.673 -8.132  1.00 20.94 ? 28  GLY A CA 1 
ATOM 29   C CA . GLY A 1 29  ? -19.837 -45.766 -11.071 1.00 19.73 ? 29  GLY A CA 1 
ATOM 30   C CA . CYS A 1 30  ? -21.337 -48.776 -12.845 1.00 20.81 ? 30  CYS A CA 1 
ATOM 31   C CA . VAL A 1 31  ? -19.820 -51.519 -15.006 1.00 18.92 ? 31  VAL A CA 1 
ATOM 32   C CA . THR A 1 32  ? -21.491 -53.392 -17.873 1.00 20.60 ? 32  THR A CA 1 
ATOM 33   C CA . ILE A 1 33  ? -19.823 -56.754 -18.488 1.00 19.70 ? 33  ILE A CA 1 
ATOM 34   C CA . THR A 1 34  ? -20.373 -58.486 -21.853 1.00 27.52 ? 34  THR A CA 1 
ATOM 35   C CA . ALA A 1 35  ? -18.797 -61.809 -22.918 1.00 32.10 ? 35  ALA A CA 1 
ATOM 36   C CA . GLU A 1 36  ? -19.284 -64.279 -25.796 1.00 36.87 ? 36  GLU A CA 1 
ATOM 37   C CA . GLY A 1 37  ? -21.894 -66.885 -24.947 1.00 33.82 ? 37  GLY A CA 1 
ATOM 38   C CA . LYS A 1 38  ? -22.639 -65.306 -21.554 1.00 33.04 ? 38  LYS A CA 1 
ATOM 39   C CA . PRO A 1 39  ? -25.622 -63.211 -20.491 1.00 25.16 ? 39  PRO A CA 1 
ATOM 40   C CA . SER A 1 40  ? -24.496 -59.601 -19.876 1.00 21.11 ? 40  SER A CA 1 
ATOM 41   C CA . MET A 1 41  ? -24.214 -58.321 -16.288 1.00 23.96 ? 41  MET A CA 1 
ATOM 42   C CA . ASP A 1 42  ? -24.306 -54.878 -14.637 1.00 18.81 ? 42  ASP A CA 1 
ATOM 43   C CA . VAL A 1 43  ? -22.141 -54.669 -11.496 1.00 17.86 ? 43  VAL A CA 1 
ATOM 44   C CA . TRP A 1 44  ? -21.503 -51.766 -9.150  1.00 13.54 ? 44  TRP A CA 1 
ATOM 45   C CA . LEU A 1 45  ? -20.134 -50.856 -5.726  1.00 14.83 ? 45  LEU A CA 1 
ATOM 46   C CA . ASP A 1 46  ? -23.219 -49.636 -3.896  1.00 15.84 ? 46  ASP A CA 1 
ATOM 47   C CA . ALA A 1 47  ? -21.982 -48.606 -0.413  1.00 13.93 ? 47  ALA A CA 1 
ATOM 48   C CA . ILE A 1 48  ? -19.003 -48.513 1.982   1.00 16.45 ? 48  ILE A CA 1 
ATOM 49   C CA . TYR A 1 49  ? -19.818 -48.158 5.661   1.00 14.56 ? 49  TYR A CA 1 
ATOM 50   C CA . GLN A 1 50  ? -19.291 -49.313 9.192   1.00 16.26 ? 50  GLN A CA 1 
ATOM 51   C CA . GLU A 1 51  ? -21.988 -49.615 11.842  1.00 18.71 ? 51  GLU A CA 1 
ATOM 52   C CA . ASN A 1 52  ? -21.302 -47.839 15.157  1.00 22.03 ? 52  ASN A CA 1 
ATOM 53   C CA . PRO A 1 53  ? -17.702 -46.803 14.495  1.00 18.27 ? 53  PRO A CA 1 
ATOM 54   C CA . ALA A 1 54  ? -15.633 -45.836 17.573  1.00 18.33 ? 54  ALA A CA 1 
ATOM 55   C CA . LYS A 1 55  ? -15.981 -42.231 18.666  1.00 21.47 ? 55  LYS A CA 1 
ATOM 56   C CA . THR A 1 56  ? -12.889 -40.193 19.258  1.00 27.53 ? 56  THR A CA 1 
ATOM 57   C CA . ARG A 1 57  ? -13.358 -36.722 20.860  1.00 25.12 ? 57  ARG A CA 1 
ATOM 58   C CA . GLU A 1 58  ? -16.533 -34.678 21.016  1.00 19.17 ? 58  GLU A CA 1 
ATOM 59   C CA . TYR A 1 59  ? -16.088 -30.916 20.644  1.00 15.80 ? 59  TYR A CA 1 
ATOM 60   C CA . CYS A 1 60  ? -18.479 -28.228 21.897  1.00 16.35 ? 60  CYS A CA 1 
ATOM 61   C CA . LEU A 1 61  ? -19.508 -25.548 19.350  1.00 16.02 ? 61  LEU A CA 1 
ATOM 62   C CA . HIS A 1 62  ? -21.622 -23.451 21.694  1.00 15.31 ? 62  HIS A CA 1 
ATOM 63   C CA . ALA A 1 63  ? -21.009 -23.105 25.430  1.00 16.98 ? 63  ALA A CA 1 
ATOM 64   C CA . LYS A 1 64  ? -23.943 -22.872 27.829  1.00 22.57 ? 64  LYS A CA 1 
ATOM 65   C CA . LEU A 1 65  ? -22.739 -20.793 30.797  1.00 26.20 ? 65  LEU A CA 1 
ATOM 66   C CA . SER A 1 66  ? -24.501 -20.458 34.102  1.00 29.72 ? 66  SER A CA 1 
ATOM 67   C CA . ASP A 1 67  ? -24.238 -19.632 37.804  1.00 38.40 ? 67  ASP A CA 1 
ATOM 68   C CA . THR A 1 68  ? -21.634 -16.865 37.558  1.00 33.72 ? 68  THR A CA 1 
ATOM 69   C CA . LYS A 1 69  ? -19.965 -16.341 40.956  1.00 34.18 ? 69  LYS A CA 1 
ATOM 70   C CA . VAL A 1 70  ? -17.526 -13.647 42.090  1.00 30.60 ? 70  VAL A CA 1 
ATOM 71   C CA . ALA A 1 71  ? -15.480 -13.373 45.297  1.00 28.74 ? 71  ALA A CA 1 
ATOM 72   C CA . ALA A 1 72  ? -13.432 -10.241 46.076  1.00 27.17 ? 72  ALA A CA 1 
ATOM 73   C CA . ARG A 1 73  ? -11.221 -9.272  49.044  1.00 28.49 ? 73  ARG A CA 1 
ATOM 74   C CA . CYS A 1 74  ? -9.914  -5.928  50.228  1.00 21.71 ? 74  CYS A CA 1 
ATOM 75   C CA . PRO A 1 75  ? -6.133  -5.219  49.880  1.00 26.80 ? 75  PRO A CA 1 
ATOM 76   C CA . THR A 1 76  ? -5.163  -6.637  53.347  1.00 37.13 ? 76  THR A CA 1 
ATOM 77   C CA . MET A 1 77  ? -7.679  -9.499  53.496  1.00 32.47 ? 77  MET A CA 1 
ATOM 78   C CA . GLY A 1 78  ? -5.732  -12.070 51.451  1.00 33.20 ? 78  GLY A CA 1 
ATOM 79   C CA . PRO A 1 79  ? -6.747  -14.190 48.378  1.00 34.88 ? 79  PRO A CA 1 
ATOM 80   C CA . ALA A 1 80  ? -10.341 -14.387 47.246  1.00 30.58 ? 80  ALA A CA 1 
ATOM 81   C CA . THR A 1 81  ? -11.517 -17.975 46.760  1.00 31.46 ? 81  THR A CA 1 
ATOM 82   C CA . LEU A 1 82  ? -14.540 -19.894 45.466  1.00 35.56 ? 82  LEU A CA 1 
ATOM 83   C CA . ALA A 1 83  ? -15.315 -23.593 45.906  1.00 39.29 ? 83  ALA A CA 1 
ATOM 84   C CA . GLU A 1 84  ? -15.850 -23.644 42.114  1.00 35.54 ? 84  GLU A CA 1 
ATOM 85   C CA . GLU A 1 85  ? -12.158 -23.030 41.468  1.00 36.65 ? 85  GLU A CA 1 
ATOM 86   C CA . HIS A 1 86  ? -11.607 -26.667 42.404  1.00 47.21 ? 86  HIS A CA 1 
ATOM 87   C CA . GLN A 1 87  ? -14.578 -28.219 40.678  1.00 45.95 ? 87  GLN A CA 1 
ATOM 88   C CA . GLY A 1 88  ? -14.419 -29.635 37.179  1.00 41.04 ? 88  GLY A CA 1 
ATOM 89   C CA . GLY A 1 89  ? -16.937 -28.158 34.789  1.00 35.17 ? 89  GLY A CA 1 
ATOM 90   C CA . THR A 1 90  ? -16.264 -24.522 35.735  1.00 27.12 ? 90  THR A CA 1 
ATOM 91   C CA . VAL A 1 91  ? -14.047 -21.862 34.131  1.00 24.10 ? 91  VAL A CA 1 
ATOM 92   C CA . CYS A 1 92  ? -12.469 -19.294 36.470  1.00 24.79 ? 92  CYS A CA 1 
ATOM 93   C CA . LYS A 1 93  ? -10.197 -16.268 36.291  1.00 25.91 ? 93  LYS A CA 1 
ATOM 94   C CA . ARG A 1 94  ? -8.301  -14.743 39.198  1.00 26.93 ? 94  ARG A CA 1 
ATOM 95   C CA . ASP A 1 95  ? -7.261  -11.100 38.880  1.00 27.06 ? 95  ASP A CA 1 
ATOM 96   C CA . GLN A 1 96  ? -6.904  -7.899  40.947  1.00 30.12 ? 96  GLN A CA 1 
ATOM 97   C CA . SER A 1 97  ? -9.261  -4.956  41.131  1.00 27.74 ? 97  SER A CA 1 
ATOM 98   C CA . ASP A 1 98  ? -8.749  -1.414  42.429  1.00 23.53 ? 98  ASP A CA 1 
ATOM 99   C CA . ARG A 1 99  ? -10.276 -1.038  45.892  1.00 18.60 ? 99  ARG A CA 1 
ATOM 100  C CA . GLY A 1 100 ? -10.526 1.819   48.395  1.00 18.97 ? 100 GLY A CA 1 
ATOM 101  C CA . TRP A 1 101 ? -12.984 3.599   50.675  1.00 18.04 ? 101 TRP A CA 1 
ATOM 102  C CA . GLY A 1 102 ? -15.403 3.965   47.750  1.00 17.92 ? 102 GLY A CA 1 
ATOM 103  C CA . ASN A 1 103 ? -16.022 0.233   47.724  1.00 22.41 ? 103 ASN A CA 1 
ATOM 104  C CA . HIS A 1 104 ? -15.617 -0.370  51.448  1.00 24.45 ? 104 HIS A CA 1 
ATOM 105  C CA . CYS A 1 105 ? -11.971 -1.258  52.030  1.00 21.64 ? 105 CYS A CA 1 
ATOM 106  C CA . GLY A 1 106 ? -9.769  0.343   54.693  1.00 22.45 ? 106 GLY A CA 1 
ATOM 107  C CA . LEU A 1 107 ? -6.860  0.827   52.275  1.00 21.59 ? 107 LEU A CA 1 
ATOM 108  C CA . PHE A 1 108 ? -6.709  2.077   48.677  1.00 23.83 ? 108 PHE A CA 1 
ATOM 109  C CA . GLY A 1 109 ? -4.903  -0.561  46.616  1.00 27.03 ? 109 GLY A CA 1 
ATOM 110  C CA . LYS A 1 110 ? -5.174  -3.831  44.703  1.00 26.39 ? 110 LYS A CA 1 
ATOM 111  C CA . GLY A 1 111 ? -7.587  -6.415  46.021  1.00 24.11 ? 111 GLY A CA 1 
ATOM 112  C CA . SER A 1 112 ? -7.895  -10.054 45.006  1.00 26.37 ? 112 SER A CA 1 
ATOM 113  C CA . ILE A 1 113 ? -10.906 -11.013 42.856  1.00 23.64 ? 113 ILE A CA 1 
ATOM 114  C CA . VAL A 1 114 ? -11.943 -14.352 41.303  1.00 26.37 ? 114 VAL A CA 1 
ATOM 115  C CA . ALA A 1 115 ? -14.923 -15.122 39.050  1.00 24.17 ? 115 ALA A CA 1 
ATOM 116  C CA . CYS A 1 116 ? -16.182 -18.559 37.918  1.00 24.63 ? 116 CYS A CA 1 
ATOM 117  C CA . VAL A 1 117 ? -18.927 -19.878 35.620  1.00 23.09 ? 117 VAL A CA 1 
ATOM 118  C CA . LYS A 1 118 ? -20.215 -23.384 35.153  1.00 24.51 ? 118 LYS A CA 1 
ATOM 119  C CA . ALA A 1 119 ? -19.501 -24.374 31.552  1.00 24.34 ? 119 ALA A CA 1 
ATOM 120  C CA . ALA A 1 120 ? -21.540 -26.966 29.682  1.00 21.56 ? 120 ALA A CA 1 
ATOM 121  C CA . CYS A 1 121 ? -22.589 -27.384 26.060  1.00 17.75 ? 121 CYS A CA 1 
ATOM 122  C CA . GLU A 1 122 ? -25.851 -26.377 24.394  1.00 16.95 ? 122 GLU A CA 1 
ATOM 123  C CA . ALA A 1 123 ? -28.086 -29.286 23.395  1.00 22.62 ? 123 ALA A CA 1 
ATOM 124  C CA . LYS A 1 124 ? -27.242 -30.478 19.878  1.00 21.82 ? 124 LYS A CA 1 
ATOM 125  C CA . LYS A 1 125 ? -24.199 -28.240 19.554  1.00 14.01 ? 125 LYS A CA 1 
ATOM 126  C CA . LYS A 1 126 ? -21.487 -30.912 19.515  1.00 15.27 ? 126 LYS A CA 1 
ATOM 127  C CA . ALA A 1 127 ? -19.125 -31.901 16.693  1.00 14.63 ? 127 ALA A CA 1 
ATOM 128  C CA . THR A 1 128 ? -18.221 -35.596 17.128  1.00 17.90 ? 128 THR A CA 1 
ATOM 129  C CA . GLY A 1 129 ? -15.495 -37.535 15.321  1.00 15.71 ? 129 GLY A CA 1 
ATOM 130  C CA . HIS A 1 130 ? -15.637 -41.249 14.405  1.00 14.77 ? 130 HIS A CA 1 
ATOM 131  C CA . VAL A 1 131 ? -12.894 -43.603 13.190  1.00 17.04 ? 131 VAL A CA 1 
ATOM 132  C CA . TYR A 1 132 ? -13.151 -46.709 11.044  1.00 13.93 ? 132 TYR A CA 1 
ATOM 133  C CA . ASP A 1 133 ? -11.820 -50.151 11.820  1.00 14.10 ? 133 ASP A CA 1 
ATOM 134  C CA . ALA A 1 134 ? -10.670 -51.786 8.525   1.00 18.96 ? 134 ALA A CA 1 
ATOM 135  C CA . ASN A 1 135 ? -11.780 -55.085 9.977   1.00 20.57 ? 135 ASN A CA 1 
ATOM 136  C CA . LYS A 1 136 ? -15.356 -53.979 10.482  1.00 17.31 ? 136 LYS A CA 1 
ATOM 137  C CA . ILE A 1 137 ? -15.939 -51.880 7.372   1.00 17.36 ? 137 ILE A CA 1 
ATOM 138  C CA . VAL A 1 138 ? -18.453 -53.356 4.866   1.00 16.08 ? 138 VAL A CA 1 
ATOM 139  C CA . TYR A 1 139 ? -18.438 -53.005 1.058   1.00 13.72 ? 139 TYR A CA 1 
ATOM 140  C CA . THR A 1 140 ? -21.741 -53.758 -0.690  1.00 15.76 ? 140 THR A CA 1 
ATOM 141  C CA . VAL A 1 141 ? -21.751 -54.832 -4.348  1.00 18.20 ? 141 VAL A CA 1 
ATOM 142  C CA . LYS A 1 142 ? -24.845 -55.221 -6.543  1.00 17.37 ? 142 LYS A CA 1 
ATOM 143  C CA . VAL A 1 143 ? -25.257 -57.419 -9.626  1.00 17.23 ? 143 VAL A CA 1 
ATOM 144  C CA . GLU A 1 144 ? -28.105 -57.309 -12.148 1.00 18.56 ? 144 GLU A CA 1 
ATOM 145  C CA . PRO A 1 145 ? -28.511 -59.531 -15.204 1.00 22.62 ? 145 PRO A CA 1 
ATOM 146  C CA . HIS A 1 146 ? -29.502 -58.077 -18.630 1.00 24.01 ? 146 HIS A CA 1 
ATOM 147  C CA . THR A 1 147 ? -32.953 -59.601 -19.029 1.00 22.67 ? 147 THR A CA 1 
ATOM 148  C CA . GLY A 1 148 ? -34.258 -57.528 -21.942 1.00 19.96 ? 148 GLY A CA 1 
ATOM 149  C CA . ASP A 1 149 ? -36.537 -55.674 -19.494 1.00 22.67 ? 149 ASP A CA 1 
ATOM 150  C CA . TYR A 1 150 ? -36.135 -51.971 -18.937 1.00 17.39 ? 150 TYR A CA 1 
ATOM 151  C CA . VAL A 1 151 ? -36.618 -50.754 -15.371 1.00 20.29 ? 151 VAL A CA 1 
ATOM 152  C CA . ALA A 1 152 ? -36.498 -47.093 -14.324 1.00 20.48 ? 152 ALA A CA 1 
ATOM 153  C CA . ALA A 1 153 ? -34.346 -45.845 -11.434 1.00 25.58 ? 153 ALA A CA 1 
ATOM 154  C CA . ASN A 1 154 ? -37.291 -45.568 -9.005  1.00 31.21 ? 154 ASN A CA 1 
ATOM 155  C CA . GLU A 1 155 ? -38.279 -49.163 -9.820  1.00 39.45 ? 155 GLU A CA 1 
ATOM 156  C CA . THR A 1 156 ? -36.822 -52.457 -8.571  1.00 44.00 ? 156 THR A CA 1 
ATOM 157  C CA . HIS A 1 157 ? -35.365 -55.067 -10.941 1.00 32.42 ? 157 HIS A CA 1 
ATOM 158  C CA . SER A 1 158 ? -36.488 -58.499 -9.694  1.00 30.42 ? 158 SER A CA 1 
ATOM 159  C CA . GLY A 1 159 ? -33.202 -60.086 -10.774 1.00 23.79 ? 159 GLY A CA 1 
ATOM 160  C CA . ARG A 1 160 ? -30.869 -57.787 -8.816  1.00 24.39 ? 160 ARG A CA 1 
ATOM 161  C CA . LYS A 1 161 ? -28.654 -59.483 -6.168  1.00 23.67 ? 161 LYS A CA 1 
ATOM 162  C CA . THR A 1 162 ? -26.585 -58.000 -3.317  1.00 21.03 ? 162 THR A CA 1 
ATOM 163  C CA . ALA A 1 163 ? -23.225 -59.174 -1.934  1.00 20.17 ? 163 ALA A CA 1 
ATOM 164  C CA . SER A 1 164 ? -21.505 -57.844 1.212   1.00 20.33 ? 164 SER A CA 1 
ATOM 165  C CA . PHE A 1 165 ? -17.791 -58.036 1.848   1.00 17.19 ? 165 PHE A CA 1 
ATOM 166  C CA . THR A 1 166 ? -15.559 -57.586 4.924   1.00 16.04 ? 166 THR A CA 1 
ATOM 167  C CA . ILE A 1 167 ? -11.813 -58.300 5.129   1.00 22.79 ? 167 ILE A CA 1 
ATOM 168  C CA . SER A 1 168 ? -12.520 -61.692 6.713   1.00 24.82 ? 168 SER A CA 1 
ATOM 169  C CA . SER A 1 169 ? -15.121 -62.693 4.070   1.00 21.99 ? 169 SER A CA 1 
ATOM 170  C CA . GLU A 1 170 ? -13.906 -61.799 0.583   1.00 23.07 ? 170 GLU A CA 1 
ATOM 171  C CA . LYS A 1 171 ? -15.743 -64.284 -1.617  1.00 21.88 ? 171 LYS A CA 1 
ATOM 172  C CA . THR A 1 172 ? -19.458 -64.722 -2.361  1.00 24.51 ? 172 THR A CA 1 
ATOM 173  C CA . ILE A 1 173 ? -21.265 -67.009 -4.866  1.00 25.56 ? 173 ILE A CA 1 
ATOM 174  C CA . LEU A 1 174 ? -24.562 -65.482 -6.094  1.00 25.02 ? 174 LEU A CA 1 
ATOM 175  C CA . THR A 1 175 ? -27.332 -67.358 -7.869  1.00 26.03 ? 175 THR A CA 1 
ATOM 176  C CA . MET A 1 176 ? -28.554 -65.100 -10.708 1.00 24.87 ? 176 MET A CA 1 
ATOM 177  C CA . GLY A 1 177 ? -31.996 -66.720 -11.078 1.00 28.77 ? 177 GLY A CA 1 
ATOM 178  C CA . GLU A 1 178 ? -31.981 -68.994 -14.123 1.00 32.47 ? 178 GLU A CA 1 
ATOM 179  C CA . TYR A 1 179 ? -28.739 -67.510 -15.487 1.00 28.58 ? 179 TYR A CA 1 
ATOM 180  C CA . GLY A 1 180 ? -26.562 -69.612 -13.204 1.00 26.73 ? 180 GLY A CA 1 
ATOM 181  C CA . ASP A 1 181 ? -24.092 -68.745 -10.479 1.00 25.23 ? 181 ASP A CA 1 
ATOM 182  C CA . VAL A 1 182 ? -21.591 -65.876 -10.493 1.00 24.32 ? 182 VAL A CA 1 
ATOM 183  C CA . SER A 1 183 ? -18.634 -65.680 -8.070  1.00 25.11 ? 183 SER A CA 1 
ATOM 184  C CA . LEU A 1 184 ? -17.421 -62.393 -6.596  1.00 24.25 ? 184 LEU A CA 1 
ATOM 185  C CA . LEU A 1 185 ? -14.083 -61.963 -4.886  1.00 20.87 ? 185 LEU A CA 1 
ATOM 186  C CA . CYS A 1 186 ? -13.692 -58.398 -3.660  1.00 21.01 ? 186 CYS A CA 1 
ATOM 187  C CA . ARG A 1 187 ? -10.722 -57.433 -1.507  1.00 29.34 ? 187 ARG A CA 1 
ATOM 188  C CA . VAL A 1 188 ? -11.483 -54.763 1.093   1.00 30.94 ? 188 VAL A CA 1 
ATOM 189  C CA . ALA A 1 189 ? -7.672  -54.402 1.569   1.00 32.12 ? 189 ALA A CA 1 
ATOM 190  C CA . SER A 1 190 ? -7.574  -53.020 -1.997  1.00 33.51 ? 190 SER A CA 1 
ATOM 191  C CA . GLY A 1 191 ? -10.032 -50.349 -0.917  1.00 35.73 ? 191 GLY A CA 1 
ATOM 192  C CA . VAL A 1 192 ? -9.672  -46.866 0.528   1.00 43.41 ? 192 VAL A CA 1 
ATOM 193  C CA . ASP A 1 193 ? -6.989  -46.403 3.228   1.00 42.76 ? 193 ASP A CA 1 
ATOM 194  C CA . LEU A 1 194 ? -8.756  -44.972 6.279   1.00 35.34 ? 194 LEU A CA 1 
ATOM 195  C CA . ALA A 1 195 ? -5.923  -44.348 8.728   1.00 32.00 ? 195 ALA A CA 1 
ATOM 196  C CA . GLN A 1 196 ? -6.116  -40.538 8.531   1.00 27.39 ? 196 GLN A CA 1 
ATOM 197  C CA . THR A 1 197 ? -9.926  -40.320 8.116   1.00 19.61 ? 197 THR A CA 1 
ATOM 198  C CA . VAL A 1 198 ? -12.408 -39.057 10.700  1.00 17.51 ? 198 VAL A CA 1 
ATOM 199  C CA . ILE A 1 199 ? -16.148 -38.878 9.975   1.00 13.46 ? 199 ILE A CA 1 
ATOM 200  C CA . LEU A 1 200 ? -17.337 -35.593 11.538  1.00 11.99 ? 200 LEU A CA 1 
ATOM 201  C CA . GLU A 1 201 ? -20.946 -35.415 12.717  1.00 12.98 ? 201 GLU A CA 1 
ATOM 202  C CA . LEU A 1 202 ? -22.726 -32.288 13.941  1.00 16.20 ? 202 LEU A CA 1 
ATOM 203  C CA . ASP A 1 203 ? -26.480 -32.514 14.459  1.00 19.22 ? 203 ASP A CA 1 
ATOM 204  C CA . LYS A 1 204 ? -27.709 -34.977 11.791  1.00 23.08 ? 204 LYS A CA 1 
ATOM 205  C CA . THR A 1 205 ? -31.332 -33.876 12.361  1.00 25.88 ? 205 THR A CA 1 
ATOM 206  C CA . VAL A 1 206 ? -30.673 -30.396 10.842  1.00 30.15 ? 206 VAL A CA 1 
ATOM 207  C CA . GLU A 1 207 ? -32.434 -30.359 7.482   1.00 35.17 ? 207 GLU A CA 1 
ATOM 208  C CA . HIS A 1 208 ? -30.360 -27.974 5.367   1.00 25.12 ? 208 HIS A CA 1 
ATOM 209  C CA . LEU A 1 209 ? -26.961 -29.568 5.881   1.00 23.03 ? 209 LEU A CA 1 
ATOM 210  C CA . PRO A 1 210 ? -25.164 -32.797 4.892   1.00 20.53 ? 210 PRO A CA 1 
ATOM 211  C CA . THR A 1 211 ? -25.340 -35.346 7.761   1.00 17.27 ? 211 THR A CA 1 
ATOM 212  C CA . ALA A 1 212 ? -21.532 -35.760 7.989   1.00 15.42 ? 212 ALA A CA 1 
ATOM 213  C CA . TRP A 1 213 ? -18.149 -34.844 6.540   1.00 17.95 ? 213 TRP A CA 1 
ATOM 214  C CA . GLN A 1 214 ? -15.024 -36.841 5.835   1.00 17.70 ? 214 GLN A CA 1 
ATOM 215  C CA . VAL A 1 215 ? -12.147 -34.882 7.374   1.00 18.54 ? 215 VAL A CA 1 
ATOM 216  C CA . HIS A 1 216 ? -8.428  -35.339 8.026   1.00 19.37 ? 216 HIS A CA 1 
ATOM 217  C CA . ARG A 1 217 ? -7.474  -36.674 11.477  1.00 24.44 ? 217 ARG A CA 1 
ATOM 218  C CA . ASP A 1 218 ? -4.778  -34.032 12.101  1.00 28.29 ? 218 ASP A CA 1 
ATOM 219  C CA . TRP A 1 219 ? -7.157  -31.169 11.281  1.00 23.83 ? 219 TRP A CA 1 
ATOM 220  C CA . PHE A 1 220 ? -9.835  -32.655 13.564  1.00 21.83 ? 220 PHE A CA 1 
ATOM 221  C CA . ASN A 1 221 ? -7.391  -33.136 16.445  1.00 24.96 ? 221 ASN A CA 1 
ATOM 222  C CA . ASP A 1 222 ? -6.328  -29.489 16.235  1.00 28.33 ? 222 ASP A CA 1 
ATOM 223  C CA . LEU A 1 223 ? -9.748  -27.838 16.535  1.00 26.75 ? 223 LEU A CA 1 
ATOM 224  C CA . ALA A 1 224 ? -9.565  -25.008 19.058  1.00 24.60 ? 224 ALA A CA 1 
ATOM 225  C CA . LEU A 1 225 ? -12.764 -25.919 20.860  1.00 20.87 ? 225 LEU A CA 1 
ATOM 226  C CA . PRO A 1 226 ? -13.667 -27.378 24.255  1.00 17.15 ? 226 PRO A CA 1 
ATOM 227  C CA . TRP A 1 227 ? -13.537 -31.206 24.045  1.00 18.27 ? 227 TRP A CA 1 
ATOM 228  C CA . LYS A 1 228 ? -14.264 -34.369 26.025  1.00 18.97 ? 228 LYS A CA 1 
ATOM 229  C CA . HIS A 1 229 ? -14.695 -38.108 25.622  1.00 22.11 ? 229 HIS A CA 1 
ATOM 230  C CA . GLU A 1 230 ? -18.218 -39.371 25.022  1.00 29.63 ? 230 GLU A CA 1 
ATOM 231  C CA . GLY A 1 231 ? -19.486 -40.342 28.459  1.00 32.52 ? 231 GLY A CA 1 
ATOM 232  C CA . ALA A 1 232 ? -17.259 -37.844 30.307  1.00 26.38 ? 232 ALA A CA 1 
ATOM 233  C CA . GLN A 1 233 ? -19.275 -35.306 32.302  1.00 34.46 ? 233 GLN A CA 1 
ATOM 234  C CA . ASN A 1 234 ? -17.122 -32.191 31.888  1.00 27.12 ? 234 ASN A CA 1 
ATOM 235  C CA . TRP A 1 235 ? -15.353 -30.352 29.078  1.00 22.02 ? 235 TRP A CA 1 
ATOM 236  C CA . ASN A 1 236 ? -11.605 -29.841 28.794  1.00 20.84 ? 236 ASN A CA 1 
ATOM 237  C CA . ASN A 1 237 ? -10.412 -26.401 27.730  1.00 16.72 ? 237 ASN A CA 1 
ATOM 238  C CA . ALA A 1 238 ? -13.861 -24.842 28.166  1.00 18.28 ? 238 ALA A CA 1 
ATOM 239  C CA . GLU A 1 239 ? -12.086 -21.492 28.446  1.00 19.97 ? 239 GLU A CA 1 
ATOM 240  C CA . ARG A 1 240 ? -11.704 -21.561 24.655  1.00 21.65 ? 240 ARG A CA 1 
ATOM 241  C CA . LEU A 1 241 ? -15.276 -20.198 24.338  1.00 20.49 ? 241 LEU A CA 1 
ATOM 242  C CA . VAL A 1 242 ? -15.215 -17.884 27.372  1.00 26.35 ? 242 VAL A CA 1 
ATOM 243  C CA . GLU A 1 243 ? -13.701 -14.442 27.905  1.00 30.41 ? 243 GLU A CA 1 
ATOM 244  C CA . PHE A 1 244 ? -13.462 -12.424 31.112  1.00 27.24 ? 244 PHE A CA 1 
ATOM 245  C CA . GLY A 1 245 ? -13.752 -8.643  31.252  1.00 27.10 ? 245 GLY A CA 1 
ATOM 246  C CA . ALA A 1 246 ? -11.366 -6.365  33.159  1.00 27.56 ? 246 ALA A CA 1 
ATOM 247  C CA . PRO A 1 247 ? -12.520 -6.318  36.794  1.00 29.83 ? 247 PRO A CA 1 
ATOM 248  C CA . HIS A 1 248 ? -13.944 -3.182  38.414  1.00 42.89 ? 248 HIS A CA 1 
ATOM 249  C CA . ALA A 1 249 ? -14.317 -3.150  42.203  1.00 38.08 ? 249 ALA A CA 1 
ATOM 250  C CA . VAL A 1 250 ? -16.210 -6.320  43.199  1.00 30.58 ? 250 VAL A CA 1 
ATOM 251  C CA . LYS A 1 251 ? -17.363 -7.368  39.713  1.00 30.73 ? 251 LYS A CA 1 
ATOM 252  C CA . MET A 1 252 ? -15.938 -9.096  36.656  1.00 27.10 ? 252 MET A CA 1 
ATOM 253  C CA . ASP A 1 253 ? -17.973 -9.800  33.478  1.00 26.51 ? 253 ASP A CA 1 
ATOM 254  C CA . VAL A 1 254 ? -18.043 -13.165 31.717  1.00 26.47 ? 254 VAL A CA 1 
ATOM 255  C CA . TYR A 1 255 ? -18.464 -13.232 27.926  1.00 24.37 ? 255 TYR A CA 1 
ATOM 256  C CA . ASN A 1 256 ? -19.553 -16.135 25.737  1.00 21.16 ? 256 ASN A CA 1 
ATOM 257  C CA . LEU A 1 257 ? -17.919 -16.299 22.305  1.00 16.30 ? 257 LEU A CA 1 
ATOM 258  C CA . GLY A 1 258 ? -21.161 -17.585 20.741  1.00 15.82 ? 258 GLY A CA 1 
ATOM 259  C CA . ASP A 1 259 ? -22.079 -20.441 18.434  1.00 13.85 ? 259 ASP A CA 1 
ATOM 260  C CA . GLN A 1 260 ? -19.052 -21.613 16.419  1.00 15.13 ? 260 GLN A CA 1 
ATOM 261  C CA . THR A 1 261 ? -21.107 -23.645 13.909  1.00 14.45 ? 261 THR A CA 1 
ATOM 262  C CA . GLY A 1 262 ? -20.928 -20.928 11.255  1.00 11.14 ? 262 GLY A CA 1 
ATOM 263  C CA . VAL A 1 263 ? -17.169 -20.742 11.722  1.00 15.00 ? 263 VAL A CA 1 
ATOM 264  C CA . LEU A 1 264 ? -16.803 -24.529 11.395  1.00 18.85 ? 264 LEU A CA 1 
ATOM 265  C CA . LEU A 1 265 ? -19.037 -24.679 8.310   1.00 19.68 ? 265 LEU A CA 1 
ATOM 266  C CA . LYS A 1 266 ? -16.771 -22.165 6.492   1.00 23.21 ? 266 LYS A CA 1 
ATOM 267  C CA . ALA A 1 267 ? -13.818 -24.419 7.241   1.00 27.07 ? 267 ALA A CA 1 
ATOM 268  C CA . LEU A 1 268 ? -15.830 -27.419 5.947   1.00 29.14 ? 268 LEU A CA 1 
ATOM 269  C CA . ALA A 1 269 ? -16.641 -25.954 2.527   1.00 38.89 ? 269 ALA A CA 1 
ATOM 270  C CA . GLY A 1 270 ? -14.735 -27.955 -0.057  1.00 38.81 ? 270 GLY A CA 1 
ATOM 271  C CA . VAL A 1 271 ? -14.314 -30.886 2.344   1.00 28.33 ? 271 VAL A CA 1 
ATOM 272  C CA . PRO A 1 272 ? -15.981 -34.079 1.038   1.00 21.48 ? 272 PRO A CA 1 
ATOM 273  C CA . VAL A 1 273 ? -19.348 -35.036 2.539   1.00 19.68 ? 273 VAL A CA 1 
ATOM 274  C CA . ALA A 1 274 ? -20.140 -38.419 4.088   1.00 16.71 ? 274 ALA A CA 1 
ATOM 275  C CA . HIS A 1 275 ? -23.530 -39.783 5.171   1.00 17.39 ? 275 HIS A CA 1 
ATOM 276  C CA . ILE A 1 276 ? -25.084 -41.326 8.298   1.00 17.40 ? 276 ILE A CA 1 
ATOM 277  C CA . GLU A 1 277 ? -28.112 -43.651 8.097   1.00 22.33 ? 277 GLU A CA 1 
ATOM 278  C CA . GLY A 1 278 ? -29.069 -44.627 11.644  1.00 22.34 ? 278 GLY A CA 1 
ATOM 279  C CA . THR A 1 279 ? -26.042 -46.504 12.977  1.00 22.85 ? 279 THR A CA 1 
ATOM 280  C CA . LYS A 1 280 ? -24.349 -46.808 9.553   1.00 18.08 ? 280 LYS A CA 1 
ATOM 281  C CA . TYR A 1 281 ? -21.563 -44.352 8.771   1.00 16.58 ? 281 TYR A CA 1 
ATOM 282  C CA . HIS A 1 282 ? -21.069 -44.242 4.978   1.00 16.96 ? 282 HIS A CA 1 
ATOM 283  C CA . LEU A 1 283 ? -18.258 -42.983 2.795   1.00 22.98 ? 283 LEU A CA 1 
ATOM 284  C CA . LYS A 1 284 ? -19.600 -41.225 -0.345  1.00 22.70 ? 284 LYS A CA 1 
ATOM 285  C CA . SER A 1 285 ? -16.450 -41.824 -2.319  1.00 22.42 ? 285 SER A CA 1 
ATOM 286  C CA . GLY A 1 286 ? -14.310 -44.945 -2.575  1.00 20.20 ? 286 GLY A CA 1 
ATOM 287  C CA . HIS A 1 287 ? -13.388 -48.005 -4.667  1.00 24.53 ? 287 HIS A CA 1 
ATOM 288  C CA . VAL A 1 288 ? -12.578 -51.726 -4.480  1.00 21.46 ? 288 VAL A CA 1 
ATOM 289  C CA . THR A 1 289 ? -11.242 -54.303 -6.955  1.00 22.44 ? 289 THR A CA 1 
ATOM 290  C CA . CYS A 1 290 ? -13.245 -57.495 -7.525  1.00 24.38 ? 290 CYS A CA 1 
ATOM 291  C CA . GLU A 1 291 ? -12.736 -60.639 -9.582  1.00 26.47 ? 291 GLU A CA 1 
ATOM 292  C CA . VAL A 1 292 ? -15.934 -61.831 -11.278 1.00 25.34 ? 292 VAL A CA 1 
ATOM 293  C CA . GLY A 1 293 ? -16.200 -65.507 -12.226 1.00 26.18 ? 293 GLY A CA 1 
ATOM 294  C CA . LEU A 1 294 ? -18.422 -66.052 -15.258 1.00 30.88 ? 294 LEU A CA 1 
ATOM 295  C CA . GLU A 1 295 ? -17.921 -69.763 -16.010 1.00 34.96 ? 295 GLU A CA 1 
ATOM 296  C CA . LYS A 1 296 ? -21.212 -70.876 -14.392 1.00 35.37 ? 296 LYS A CA 1 
ATOM 297  C CA . LEU A 1 297 ? -23.399 -68.347 -16.250 1.00 34.88 ? 297 LEU A CA 1 
ATOM 298  C CA . LYS A 1 298 ? -25.701 -69.615 -19.028 1.00 33.60 ? 298 LYS A CA 1 
ATOM 299  C CA . MET A 1 299 ? -27.802 -67.690 -21.603 1.00 31.14 ? 299 MET A CA 1 
ATOM 300  C CA . LYS A 1 300 ? -31.583 -67.886 -21.688 1.00 29.82 ? 300 LYS A CA 1 
ATOM 301  C CA . GLY A 1 301 ? -33.805 -68.857 -24.627 1.00 30.30 ? 301 GLY A CA 1 
ATOM 302  C CA . LEU A 1 302 ? -31.254 -70.279 -27.081 1.00 33.38 ? 302 LEU A CA 1 
ATOM 303  C CA . THR A 1 303 ? -33.566 -73.069 -28.249 1.00 33.77 ? 303 THR A CA 1 
ATOM 304  C CA . TYR A 1 304 ? -36.670 -70.936 -28.891 1.00 31.77 ? 304 TYR A CA 1 
ATOM 305  C CA . THR A 1 305 ? -37.766 -70.456 -32.492 1.00 32.22 ? 305 THR A CA 1 
ATOM 306  C CA . MET A 1 306 ? -37.345 -67.059 -34.132 1.00 30.75 ? 306 MET A CA 1 
ATOM 307  C CA . CYS A 1 307 ? -40.183 -64.650 -33.486 1.00 27.77 ? 307 CYS A CA 1 
ATOM 308  C CA . ASP A 1 308 ? -42.620 -64.040 -36.342 1.00 27.79 ? 308 ASP A CA 1 
ATOM 309  C CA . LYS A 1 309 ? -40.839 -61.249 -38.331 1.00 29.67 ? 309 LYS A CA 1 
ATOM 310  C CA . THR A 1 310 ? -44.237 -59.655 -39.020 1.00 30.45 ? 310 THR A CA 1 
ATOM 311  C CA . LYS A 1 311 ? -45.428 -58.924 -35.473 1.00 27.27 ? 311 LYS A CA 1 
ATOM 312  C CA . PHE A 1 312 ? -43.066 -56.276 -34.022 1.00 19.91 ? 312 PHE A CA 1 
ATOM 313  C CA . THR A 1 313 ? -43.866 -52.612 -33.333 1.00 16.91 ? 313 THR A CA 1 
ATOM 314  C CA . TRP A 1 314 ? -41.806 -49.894 -31.590 1.00 15.80 ? 314 TRP A CA 1 
ATOM 315  C CA . LYS A 1 315 ? -42.794 -49.157 -27.970 1.00 17.56 ? 315 LYS A CA 1 
ATOM 316  C CA . ARG A 1 316 ? -39.785 -46.818 -27.638 1.00 17.05 ? 316 ARG A CA 1 
ATOM 317  C CA . ALA A 1 317 ? -38.115 -45.823 -30.888 1.00 16.80 ? 317 ALA A CA 1 
ATOM 318  C CA . PRO A 1 318 ? -34.280 -46.029 -31.050 1.00 18.71 ? 318 PRO A CA 1 
ATOM 319  C CA . THR A 1 319 ? -32.701 -43.323 -28.931 1.00 23.47 ? 319 THR A CA 1 
ATOM 320  C CA . ASP A 1 320 ? -29.225 -42.202 -27.968 1.00 24.77 ? 320 ASP A CA 1 
ATOM 321  C CA . SER A 1 321 ? -28.251 -43.605 -24.547 1.00 20.77 ? 321 SER A CA 1 
ATOM 322  C CA . GLY A 1 322 ? -25.508 -41.111 -23.836 1.00 29.27 ? 322 GLY A CA 1 
ATOM 323  C CA . HIS A 1 323 ? -22.927 -43.945 -23.724 1.00 25.29 ? 323 HIS A CA 1 
ATOM 324  C CA . ASP A 1 324 ? -22.513 -44.171 -27.501 1.00 27.11 ? 324 ASP A CA 1 
ATOM 325  C CA . THR A 1 325 ? -25.055 -46.985 -27.677 1.00 19.97 ? 325 THR A CA 1 
ATOM 326  C CA . VAL A 1 326 ? -28.635 -47.058 -28.930 1.00 16.29 ? 326 VAL A CA 1 
ATOM 327  C CA . VAL A 1 327 ? -31.519 -48.191 -26.709 1.00 14.03 ? 327 VAL A CA 1 
ATOM 328  C CA . MET A 1 328 ? -35.013 -49.151 -27.879 1.00 15.41 ? 328 MET A CA 1 
ATOM 329  C CA . GLU A 1 329 ? -37.957 -51.284 -26.904 1.00 17.26 ? 329 GLU A CA 1 
ATOM 330  C CA . VAL A 1 330 ? -40.257 -53.352 -29.094 1.00 20.60 ? 330 VAL A CA 1 
ATOM 331  C CA . THR A 1 331 ? -43.670 -54.978 -28.557 1.00 24.54 ? 331 THR A CA 1 
ATOM 332  C CA . PHE A 1 332 ? -44.446 -58.403 -30.075 1.00 25.98 ? 332 PHE A CA 1 
ATOM 333  C CA . SER A 1 333 ? -47.976 -59.601 -30.851 1.00 31.56 ? 333 SER A CA 1 
ATOM 334  C CA . GLY A 1 334 ? -47.204 -63.159 -31.889 1.00 32.33 ? 334 GLY A CA 1 
ATOM 335  C CA . THR A 1 335 ? -46.736 -66.366 -29.904 1.00 36.88 ? 335 THR A CA 1 
ATOM 336  C CA . LYS A 1 336 ? -44.193 -66.412 -27.089 1.00 36.01 ? 336 LYS A CA 1 
ATOM 337  C CA . PRO A 1 337 ? -41.519 -67.223 -26.158 1.00 34.17 ? 337 PRO A CA 1 
ATOM 338  C CA . CYS A 1 338 ? -39.197 -66.591 -29.125 1.00 27.42 ? 338 CYS A CA 1 
ATOM 339  C CA . ARG A 1 339 ? -35.868 -65.097 -30.206 1.00 25.78 ? 339 ARG A CA 1 
ATOM 340  C CA . ILE A 1 340 ? -35.973 -61.528 -31.541 1.00 24.82 ? 340 ILE A CA 1 
ATOM 341  C CA . PRO A 1 341 ? -34.495 -61.229 -35.079 1.00 25.40 ? 341 PRO A CA 1 
ATOM 342  C CA . VAL A 1 342 ? -32.474 -58.004 -34.627 1.00 23.71 ? 342 VAL A CA 1 
ATOM 343  C CA . ARG A 1 343 ? -29.838 -56.654 -36.994 1.00 21.55 ? 343 ARG A CA 1 
ATOM 344  C CA . ALA A 1 344 ? -28.761 -53.386 -38.550 1.00 21.26 ? 344 ALA A CA 1 
ATOM 345  C CA . VAL A 1 345 ? -27.146 -52.452 -41.856 1.00 23.00 ? 345 VAL A CA 1 
ATOM 346  C CA . ALA A 1 346 ? -25.242 -49.424 -43.046 1.00 23.90 ? 346 ALA A CA 1 
ATOM 347  C CA . HIS A 1 347 ? -27.195 -47.339 -45.584 1.00 30.53 ? 347 HIS A CA 1 
ATOM 348  C CA . GLY A 1 348 ? -26.168 -48.792 -48.980 1.00 32.20 ? 348 GLY A CA 1 
ATOM 349  C CA . SER A 1 349 ? -24.906 -52.220 -47.807 1.00 34.66 ? 349 SER A CA 1 
ATOM 350  C CA . PRO A 1 350 ? -27.996 -54.317 -46.998 1.00 35.73 ? 350 PRO A CA 1 
ATOM 351  C CA . ASP A 1 351 ? -25.937 -57.526 -46.734 1.00 43.40 ? 351 ASP A CA 1 
ATOM 352  C CA . VAL A 1 352 ? -23.565 -56.797 -43.828 1.00 37.86 ? 352 VAL A CA 1 
ATOM 353  C CA . ASN A 1 353 ? -25.004 -56.864 -40.272 1.00 29.18 ? 353 ASN A CA 1 
ATOM 354  C CA . VAL A 1 354 ? -23.245 -54.036 -38.388 1.00 25.94 ? 354 VAL A CA 1 
ATOM 355  C CA . ALA A 1 355 ? -25.072 -54.336 -35.029 1.00 27.21 ? 355 ALA A CA 1 
ATOM 356  C CA . MET A 1 356 ? -23.015 -55.188 -31.907 1.00 25.95 ? 356 MET A CA 1 
ATOM 357  C CA . LEU A 1 357 ? -25.547 -56.257 -29.274 1.00 22.84 ? 357 LEU A CA 1 
ATOM 358  C CA . ILE A 1 358 ? -25.017 -55.414 -25.606 1.00 22.95 ? 358 ILE A CA 1 
ATOM 359  C CA . THR A 1 359 ? -28.258 -57.221 -24.656 1.00 23.54 ? 359 THR A CA 1 
ATOM 360  C CA . PRO A 1 360 ? -27.528 -60.999 -24.961 1.00 32.75 ? 360 PRO A CA 1 
ATOM 361  C CA . ASN A 1 361 ? -29.797 -63.216 -27.100 1.00 25.29 ? 361 ASN A CA 1 
ATOM 362  C CA . PRO A 1 362 ? -32.803 -60.828 -27.151 1.00 20.50 ? 362 PRO A CA 1 
ATOM 363  C CA . THR A 1 363 ? -36.000 -62.777 -26.565 1.00 23.03 ? 363 THR A CA 1 
ATOM 364  C CA . ILE A 1 364 ? -39.654 -62.082 -25.991 1.00 26.27 ? 364 ILE A CA 1 
ATOM 365  C CA . GLU A 1 365 ? -40.605 -64.173 -22.944 1.00 32.90 ? 365 GLU A CA 1 
ATOM 366  C CA . ASN A 1 366 ? -44.166 -64.855 -21.823 1.00 44.33 ? 366 ASN A CA 1 
ATOM 367  C CA . ASN A 1 367 ? -43.987 -61.825 -19.501 1.00 45.89 ? 367 ASN A CA 1 
ATOM 368  C CA . GLY A 1 368 ? -40.883 -59.873 -20.470 1.00 33.38 ? 368 GLY A CA 1 
ATOM 369  C CA . GLY A 1 369 ? -38.223 -59.060 -23.033 1.00 24.14 ? 369 GLY A CA 1 
ATOM 370  C CA . GLY A 1 370 ? -38.244 -56.384 -25.696 1.00 16.84 ? 370 GLY A CA 1 
ATOM 371  C CA . PHE A 1 371 ? -35.612 -53.922 -24.474 1.00 16.77 ? 371 PHE A CA 1 
ATOM 372  C CA . ILE A 1 372 ? -32.451 -53.937 -26.583 1.00 17.63 ? 372 ILE A CA 1 
ATOM 373  C CA . GLU A 1 373 ? -29.237 -51.965 -26.301 1.00 15.55 ? 373 GLU A CA 1 
ATOM 374  C CA . MET A 1 374 ? -26.732 -52.079 -29.162 1.00 17.12 ? 374 MET A CA 1 
ATOM 375  C CA . GLN A 1 375 ? -23.787 -50.212 -30.632 1.00 22.05 ? 375 GLN A CA 1 
ATOM 376  C CA . LEU A 1 376 ? -23.679 -49.123 -34.279 1.00 24.12 ? 376 LEU A CA 1 
ATOM 377  C CA . PRO A 1 377 ? -20.904 -47.659 -36.446 1.00 28.13 ? 377 PRO A CA 1 
ATOM 378  C CA . PRO A 1 378 ? -20.955 -43.886 -37.194 1.00 31.04 ? 378 PRO A CA 1 
ATOM 379  C CA . GLY A 1 379 ? -23.153 -42.766 -40.082 1.00 31.04 ? 379 GLY A CA 1 
ATOM 380  C CA . ASP A 1 380 ? -26.568 -43.663 -41.508 1.00 26.52 ? 380 ASP A CA 1 
ATOM 381  C CA . ASN A 1 381 ? -27.886 -47.109 -40.599 1.00 16.62 ? 381 ASN A CA 1 
ATOM 382  C CA . ILE A 1 382 ? -31.239 -48.888 -40.640 1.00 19.09 ? 382 ILE A CA 1 
ATOM 383  C CA . ILE A 1 383 ? -32.229 -51.013 -37.673 1.00 19.35 ? 383 ILE A CA 1 
ATOM 384  C CA . TYR A 1 384 ? -34.356 -54.094 -38.331 1.00 19.13 ? 384 TYR A CA 1 
ATOM 385  C CA . VAL A 1 385 ? -36.345 -56.126 -35.835 1.00 21.43 ? 385 VAL A CA 1 
ATOM 386  C CA . GLY A 1 386 ? -37.725 -58.623 -38.324 1.00 20.46 ? 386 GLY A CA 1 
ATOM 387  C CA . GLU A 1 387 ? -39.567 -56.519 -40.908 1.00 24.82 ? 387 GLU A CA 1 
ATOM 388  C CA . LEU A 1 388 ? -39.919 -53.612 -38.506 1.00 17.68 ? 388 LEU A CA 1 
ATOM 389  C CA . SER A 1 389 ? -37.353 -50.978 -39.482 1.00 16.86 ? 389 SER A CA 1 
ATOM 390  C CA . HIS A 1 390 ? -35.993 -47.665 -38.272 1.00 18.59 ? 390 HIS A CA 1 
ATOM 391  C CA . GLN A 1 391 ? -33.561 -45.132 -39.716 1.00 21.31 ? 391 GLN A CA 1 
ATOM 392  C CA . TRP A 1 392 ? -30.688 -44.290 -37.389 1.00 22.47 ? 392 TRP A CA 1 
ATOM 393  C CA . PHE A 1 393 ? -27.938 -41.725 -37.783 1.00 24.89 ? 393 PHE A CA 1 
ATOM 394  C CA . GLN A 1 394 ? -25.063 -42.659 -35.437 1.00 29.58 ? 394 GLN A CA 1 
ATOM 395  C CA . LYS A 1 395 ? -23.031 -39.868 -33.770 1.00 43.37 ? 395 LYS A CA 1 
ATOM 396  C CA . SER B 1 1   ? 1.534   45.235  -39.893 1.00 22.01 ? 1   SER B CA 1 
ATOM 397  C CA . ARG B 1 2   ? -0.713  42.770  -38.035 1.00 20.31 ? 2   ARG B CA 1 
ATOM 398  C CA . CYS B 1 3   ? 1.827   39.931  -37.950 1.00 16.01 ? 3   CYS B CA 1 
ATOM 399  C CA . THR B 1 4   ? 4.220   42.121  -35.924 1.00 22.61 ? 4   THR B CA 1 
ATOM 400  C CA . HIS B 1 5   ? 1.701   41.846  -33.040 1.00 25.07 ? 5   HIS B CA 1 
ATOM 401  C CA . LEU B 1 6   ? 2.463   38.186  -32.319 1.00 32.74 ? 6   LEU B CA 1 
ATOM 402  C CA . GLU B 1 7   ? 5.409   35.936  -31.543 1.00 38.06 ? 7   GLU B CA 1 
ATOM 403  C CA . ASN B 1 8   ? 4.267   33.176  -33.896 1.00 33.04 ? 8   ASN B CA 1 
ATOM 404  C CA . ARG B 1 9   ? 5.052   34.594  -37.353 1.00 22.55 ? 9   ARG B CA 1 
ATOM 405  C CA . ASP B 1 10  ? 6.247   32.994  -40.593 1.00 24.62 ? 10  ASP B CA 1 
ATOM 406  C CA . PHE B 1 11  ? 7.673   34.626  -43.690 1.00 25.09 ? 11  PHE B CA 1 
ATOM 407  C CA . VAL B 1 12  ? 6.770   33.249  -47.123 1.00 34.09 ? 12  VAL B CA 1 
ATOM 408  C CA . THR B 1 13  ? 8.561   34.594  -50.146 1.00 53.74 ? 13  THR B CA 1 
ATOM 409  C CA . GLY B 1 14  ? 7.786   34.260  -53.838 1.00 72.23 ? 14  GLY B CA 1 
ATOM 410  C CA . THR B 1 15  ? 10.621  34.872  -56.333 1.00 88.26 ? 15  THR B CA 1 
ATOM 411  C CA . GLN B 1 16  ? 10.563  35.529  -60.120 1.00 95.26 ? 16  GLN B CA 1 
ATOM 412  C CA . GLY B 1 17  ? 7.489   34.007  -61.792 1.00 94.85 ? 17  GLY B CA 1 
ATOM 413  C CA . THR B 1 18  ? 5.953   32.892  -58.481 1.00 88.41 ? 18  THR B CA 1 
ATOM 414  C CA . THR B 1 19  ? 2.333   33.944  -58.946 1.00 72.87 ? 19  THR B CA 1 
ATOM 415  C CA . ARG B 1 20  ? 0.718   31.451  -56.551 1.00 59.07 ? 20  ARG B CA 1 
ATOM 416  C CA . VAL B 1 21  ? 1.661   30.628  -52.942 1.00 42.81 ? 21  VAL B CA 1 
ATOM 417  C CA . THR B 1 22  ? 0.556   27.660  -50.800 1.00 35.02 ? 22  THR B CA 1 
ATOM 418  C CA . LEU B 1 23  ? 0.473   28.284  -47.034 1.00 29.89 ? 23  LEU B CA 1 
ATOM 419  C CA . VAL B 1 24  ? -0.446  26.259  -43.959 1.00 25.49 ? 24  VAL B CA 1 
ATOM 420  C CA . LEU B 1 25  ? -2.228  28.735  -41.718 1.00 22.40 ? 25  LEU B CA 1 
ATOM 421  C CA . GLU B 1 26  ? -2.597  27.902  -38.063 1.00 22.12 ? 26  GLU B CA 1 
ATOM 422  C CA . LEU B 1 27  ? -4.799  29.430  -35.373 1.00 21.25 ? 27  LEU B CA 1 
ATOM 423  C CA . GLY B 1 28  ? -2.566  31.758  -33.337 1.00 20.94 ? 28  GLY B CA 1 
ATOM 424  C CA . GLY B 1 29  ? -0.059  32.106  -36.182 1.00 19.73 ? 29  GLY B CA 1 
ATOM 425  C CA . CYS B 1 30  ? 0.428   34.788  -38.831 1.00 20.81 ? 30  CYS B CA 1 
ATOM 426  C CA . VAL B 1 31  ? 2.119   34.770  -42.244 1.00 18.92 ? 31  VAL B CA 1 
ATOM 427  C CA . THR B 1 32  ? 3.874   37.679  -43.967 1.00 20.60 ? 32  THR B CA 1 
ATOM 428  C CA . ILE B 1 33  ? 4.005   37.180  -47.736 1.00 19.70 ? 33  ILE B CA 1 
ATOM 429  C CA . THR B 1 34  ? 6.548   39.189  -49.766 1.00 27.52 ? 34  THR B CA 1 
ATOM 430  C CA . ALA B 1 35  ? 7.082   38.908  -53.546 1.00 32.10 ? 35  ALA B CA 1 
ATOM 431  C CA . GLU B 1 36  ? 8.998   40.884  -56.201 1.00 36.87 ? 36  GLU B CA 1 
ATOM 432  C CA . GLY B 1 37  ? 6.862   43.641  -57.671 1.00 33.82 ? 37  GLY B CA 1 
ATOM 433  C CA . LYS B 1 38  ? 3.921   42.846  -55.375 1.00 33.04 ? 38  LYS B CA 1 
ATOM 434  C CA . PRO B 1 39  ? 2.707   44.717  -52.302 1.00 25.16 ? 39  PRO B CA 1 
ATOM 435  C CA . SER B 1 40  ? 3.360   42.600  -49.176 1.00 21.11 ? 40  SER B CA 1 
ATOM 436  C CA . MET B 1 41  ? 0.423   40.875  -47.445 1.00 23.96 ? 41  MET B CA 1 
ATOM 437  C CA . ASP B 1 42  ? -0.248  39.582  -43.914 1.00 18.81 ? 42  ASP B CA 1 
ATOM 438  C CA . VAL B 1 43  ? -2.561  36.542  -43.850 1.00 17.86 ? 43  VAL B CA 1 
ATOM 439  C CA . TRP B 1 44  ? -3.830  34.491  -40.932 1.00 13.54 ? 44  TRP B CA 1 
ATOM 440  C CA . LEU B 1 45  ? -6.430  31.917  -39.915 1.00 14.83 ? 45  LEU B CA 1 
ATOM 441  C CA . ASP B 1 46  ? -8.610  33.851  -37.494 1.00 15.84 ? 46  ASP B CA 1 
ATOM 442  C CA . ALA B 1 47  ? -11.270 31.348  -36.313 1.00 13.93 ? 47  ALA B CA 1 
ATOM 443  C CA . ILE B 1 48  ? -12.710 27.833  -36.742 1.00 16.45 ? 48  ILE B CA 1 
ATOM 444  C CA . TYR B 1 49  ? -16.253 27.311  -35.517 1.00 14.56 ? 49  TYR B CA 1 
ATOM 445  C CA . GLN B 1 50  ? -19.704 25.980  -36.147 1.00 16.26 ? 50  GLN B CA 1 
ATOM 446  C CA . GLU B 1 51  ? -22.944 27.671  -35.127 1.00 18.71 ? 51  GLU B CA 1 
ATOM 447  C CA . ASN B 1 52  ? -25.393 25.543  -33.106 1.00 22.03 ? 52  ASN B CA 1 
ATOM 448  C CA . PRO B 1 53  ? -23.583 22.207  -33.379 1.00 18.27 ? 53  PRO B CA 1 
ATOM 449  C CA . ALA B 1 54  ? -25.668 19.090  -32.588 1.00 18.33 ? 54  ALA B CA 1 
ATOM 450  C CA . LYS B 1 55  ? -25.840 18.168  -28.923 1.00 21.47 ? 55  LYS B CA 1 
ATOM 451  C CA . THR B 1 56  ? -25.069 14.649  -27.883 1.00 27.53 ? 56  THR B CA 1 
ATOM 452  C CA . ARG B 1 57  ? -25.784 13.708  -24.216 1.00 25.12 ? 57  ARG B CA 1 
ATOM 453  C CA . GLU B 1 58  ? -26.215 16.058  -21.289 1.00 19.17 ? 58  GLU B CA 1 
ATOM 454  C CA . TYR B 1 59  ? -24.779 14.844  -17.979 1.00 15.80 ? 59  TYR B CA 1 
ATOM 455  C CA . CYS B 1 60  ? -25.864 15.967  -14.503 1.00 16.35 ? 60  CYS B CA 1 
ATOM 456  C CA . LEU B 1 61  ? -23.062 17.063  -12.122 1.00 16.02 ? 61  LEU B CA 1 
ATOM 457  C CA . HIS B 1 62  ? -25.245 17.728  -9.096  1.00 15.31 ? 62  HIS B CA 1 
ATOM 458  C CA . ALA B 1 63  ? -28.477 15.884  -8.315  1.00 16.98 ? 63  ALA B CA 1 
ATOM 459  C CA . LYS B 1 64  ? -31.403 17.741  -6.764  1.00 22.57 ? 64  LYS B CA 1 
ATOM 460  C CA . LEU B 1 65  ? -33.319 15.175  -4.684  1.00 26.20 ? 65  LEU B CA 1 
ATOM 461  C CA . SER B 1 66  ? -36.762 15.644  -3.246  1.00 29.72 ? 66  SER B CA 1 
ATOM 462  C CA . ASP B 1 67  ? -39.928 14.011  -1.915  1.00 38.40 ? 67  ASP B CA 1 
ATOM 463  C CA . THR B 1 68  ? -38.313 11.028  -0.188  1.00 33.72 ? 68  THR B CA 1 
ATOM 464  C CA . LYS B 1 69  ? -40.912 8.282   0.371   1.00 34.18 ? 69  LYS B CA 1 
ATOM 465  C CA . VAL B 1 70  ? -40.644 5.024   2.322   1.00 30.60 ? 70  VAL B CA 1 
ATOM 466  C CA . ALA B 1 71  ? -43.034 2.057   2.494   1.00 28.74 ? 71  ALA B CA 1 
ATOM 467  C CA . ALA B 1 72  ? -42.422 -0.837  4.915   1.00 27.17 ? 72  ALA B CA 1 
ATOM 468  C CA . ARG B 1 73  ? -44.367 -4.052  5.644   1.00 28.49 ? 73  ARG B CA 1 
ATOM 469  C CA . CYS B 1 74  ? -44.268 -6.451  8.565   1.00 21.71 ? 74  CYS B CA 1 
ATOM 470  C CA . PRO B 1 75  ? -42.789 -9.972  7.985   1.00 26.80 ? 75  PRO B CA 1 
ATOM 471  C CA . THR B 1 76  ? -46.134 -11.622 6.959   1.00 37.13 ? 76  THR B CA 1 
ATOM 472  C CA . MET B 1 77  ? -47.661 -8.662  5.099   1.00 32.47 ? 77  MET B CA 1 
ATOM 473  C CA . GLY B 1 78  ? -45.922 -9.154  1.734   1.00 33.20 ? 78  GLY B CA 1 
ATOM 474  C CA . PRO B 1 79  ? -43.871 -6.717  -0.462  1.00 34.88 ? 79  PRO B CA 1 
ATOM 475  C CA . ALA B 1 80  ? -43.791 -3.019  0.280   1.00 30.58 ? 80  ALA B CA 1 
ATOM 476  C CA . THR B 1 81  ? -44.570 -0.903  -2.788  1.00 31.46 ? 81  THR B CA 1 
ATOM 477  C CA . LEU B 1 82  ? -44.640 2.749   -3.860  1.00 35.56 ? 82  LEU B CA 1 
ATOM 478  C CA . ALA B 1 83  ? -46.205 4.228   -6.995  1.00 39.29 ? 83  ALA B CA 1 
ATOM 479  C CA . GLU B 1 84  ? -42.825 5.947   -7.534  1.00 35.54 ? 84  GLU B CA 1 
ATOM 480  C CA . GLU B 1 85  ? -41.117 2.626   -8.227  1.00 36.65 ? 85  GLU B CA 1 
ATOM 481  C CA . HIS B 1 86  ? -42.789 2.718   -11.633 1.00 47.21 ? 86  HIS B CA 1 
ATOM 482  C CA . GLN B 1 87  ? -42.347 6.372   -12.454 1.00 45.95 ? 87  GLN B CA 1 
ATOM 483  C CA . GLY B 1 88  ? -39.414 7.698   -14.434 1.00 41.04 ? 88  GLY B CA 1 
ATOM 484  C CA . GLY B 1 89  ? -37.454 10.403  -12.682 1.00 35.17 ? 89  GLY B CA 1 
ATOM 485  C CA . THR B 1 90  ? -37.220 8.588   -9.332  1.00 27.12 ? 90  THR B CA 1 
ATOM 486  C CA . VAL B 1 91  ? -34.468 6.420   -7.820  1.00 24.10 ? 91  VAL B CA 1 
ATOM 487  C CA . CYS B 1 92  ? -35.576 3.594   -5.507  1.00 24.79 ? 92  CYS B CA 1 
ATOM 488  C CA . LYS B 1 93  ? -34.041 0.827   -3.423  1.00 25.91 ? 93  LYS B CA 1 
ATOM 489  C CA . ARG B 1 94  ? -35.866 -2.215  -2.087  1.00 26.93 ? 94  ARG B CA 1 
ATOM 490  C CA . ASP B 1 95  ? -34.359 -3.961  0.935   1.00 27.06 ? 95  ASP B CA 1 
ATOM 491  C CA . GLN B 1 96  ? -35.364 -5.739  4.172   1.00 30.12 ? 96  GLN B CA 1 
ATOM 492  C CA . SER B 1 97  ? -35.378 -4.368  7.688   1.00 27.74 ? 97  SER B CA 1 
ATOM 493  C CA . ASP B 1 98  ? -35.538 -6.127  11.062  1.00 23.53 ? 98  ASP B CA 1 
ATOM 494  C CA . ARG B 1 99  ? -39.056 -5.933  12.491  1.00 18.60 ? 99  ARG B CA 1 
ATOM 495  C CA . GLY B 1 100 ? -40.711 -7.211  15.673  1.00 18.97 ? 100 GLY B CA 1 
ATOM 496  C CA . TRP B 1 101 ? -43.003 -6.134  18.498  1.00 18.04 ? 101 TRP B CA 1 
ATOM 497  C CA . GLY B 1 102 ? -40.807 -3.073  19.089  1.00 17.92 ? 102 GLY B CA 1 
ATOM 498  C CA . ASN B 1 103 ? -41.908 -1.578  15.791  1.00 22.41 ? 103 ASN B CA 1 
ATOM 499  C CA . HIS B 1 104 ? -45.429 -2.995  15.749  1.00 24.45 ? 104 HIS B CA 1 
ATOM 500  C CA . CYS B 1 105 ? -45.263 -6.298  13.881  1.00 21.64 ? 105 CYS B CA 1 
ATOM 501  C CA . GLY B 1 106 ? -46.763 -9.560  15.151  1.00 22.45 ? 106 GLY B CA 1 
ATOM 502  C CA . LEU B 1 107 ? -43.639 -11.564 14.274  1.00 21.59 ? 107 LEU B CA 1 
ATOM 503  C CA . PHE B 1 108 ? -39.927 -10.856 14.770  1.00 23.83 ? 108 PHE B CA 1 
ATOM 504  C CA . GLY B 1 109 ? -38.227 -11.197 11.384  1.00 27.03 ? 109 GLY B CA 1 
ATOM 505  C CA . LYS B 1 110 ? -37.363 -9.529  8.082   1.00 26.39 ? 110 LYS B CA 1 
ATOM 506  C CA . GLY B 1 111 ? -39.880 -7.109  6.652   1.00 24.11 ? 111 GLY B CA 1 
ATOM 507  C CA . SER B 1 112 ? -39.955 -5.604  3.174   1.00 26.37 ? 112 SER B CA 1 
ATOM 508  C CA . ILE B 1 113 ? -38.975 -1.925  2.845   1.00 23.64 ? 113 ILE B CA 1 
ATOM 509  C CA . VAL B 1 114 ? -38.661 0.344   -0.218  1.00 26.37 ? 114 VAL B CA 1 
ATOM 510  C CA . ALA B 1 115 ? -37.527 3.983   -0.397  1.00 24.17 ? 115 ALA B CA 1 
ATOM 511  C CA . CYS B 1 116 ? -37.687 6.343   -3.411  1.00 24.63 ? 116 CYS B CA 1 
ATOM 512  C CA . VAL B 1 117 ? -36.594 9.916   -4.183  1.00 23.09 ? 117 VAL B CA 1 
ATOM 513  C CA . LYS B 1 118 ? -37.398 12.108  -7.136  1.00 24.51 ? 118 LYS B CA 1 
ATOM 514  C CA . ALA B 1 119 ? -34.119 12.854  -8.909  1.00 24.34 ? 119 ALA B CA 1 
ATOM 515  C CA . ALA B 1 120 ? -33.572 15.957  -11.017 1.00 21.56 ? 120 ALA B CA 1 
ATOM 516  C CA . CYS B 1 121 ? -30.577 18.182  -11.708 1.00 17.75 ? 121 CYS B CA 1 
ATOM 517  C CA . GLU B 1 122 ? -29.602 21.451  -10.037 1.00 16.95 ? 122 GLU B CA 1 
ATOM 518  C CA . ALA B 1 123 ? -30.000 24.532  -12.230 1.00 22.62 ? 123 ALA B CA 1 
ATOM 519  C CA . LYS B 1 124 ? -26.817 25.183  -14.216 1.00 21.82 ? 124 LYS B CA 1 
ATOM 520  C CA . LYS B 1 125 ? -25.154 21.952  -13.135 1.00 14.01 ? 125 LYS B CA 1 
ATOM 521  C CA . LYS B 1 126 ? -25.113 20.142  -16.483 1.00 15.27 ? 126 LYS B CA 1 
ATOM 522  C CA . ALA B 1 127 ? -22.135 19.131  -18.637 1.00 14.63 ? 127 ALA B CA 1 
ATOM 523  C CA . THR B 1 128 ? -23.266 19.074  -22.294 1.00 17.90 ? 128 THR B CA 1 
ATOM 524  C CA . GLY B 1 129 ? -21.385 17.641  -25.269 1.00 15.71 ? 129 GLY B CA 1 
ATOM 525  C CA . HIS B 1 130 ? -21.531 18.979  -28.853 1.00 14.77 ? 130 HIS B CA 1 
ATOM 526  C CA . VAL B 1 131 ? -20.305 17.440  -32.120 1.00 17.04 ? 131 VAL B CA 1 
ATOM 527  C CA . TYR B 1 132 ? -19.177 19.129  -35.314 1.00 13.93 ? 132 TYR B CA 1 
ATOM 528  C CA . ASP B 1 133 ? -20.449 18.510  -38.809 1.00 14.10 ? 133 ASP B CA 1 
ATOM 529  C CA . ALA B 1 134 ? -17.510 18.919  -41.267 1.00 18.96 ? 134 ALA B CA 1 
ATOM 530  C CA . ASN B 1 135 ? -20.002 20.281  -43.749 1.00 20.57 ? 135 ASN B CA 1 
ATOM 531  C CA . LYS B 1 136 ? -21.104 23.117  -41.510 1.00 17.31 ? 136 LYS B CA 1 
ATOM 532  C CA . ILE B 1 137 ? -17.814 24.131  -39.908 1.00 17.36 ? 137 ILE B CA 1 
ATOM 533  C CA . VAL B 1 138 ? -16.508 27.598  -40.935 1.00 16.08 ? 138 VAL B CA 1 
ATOM 534  C CA . TYR B 1 139 ? -12.868 28.718  -41.274 1.00 13.72 ? 139 TYR B CA 1 
ATOM 535  C CA . THR B 1 140 ? -12.285 32.485  -41.249 1.00 15.76 ? 140 THR B CA 1 
ATOM 536  C CA . VAL B 1 141 ? -9.159  33.932  -42.883 1.00 18.20 ? 141 VAL B CA 1 
ATOM 537  C CA . LYS B 1 142 ? -8.010  37.564  -42.661 1.00 17.37 ? 142 LYS B CA 1 
ATOM 538  C CA . VAL B 1 143 ? -5.814  39.470  -45.120 1.00 17.23 ? 143 VAL B CA 1 
ATOM 539  C CA . GLU B 1 144 ? -4.171  42.857  -44.565 1.00 18.56 ? 144 GLU B CA 1 
ATOM 540  C CA . PRO B 1 145 ? -2.003  44.756  -47.045 1.00 22.62 ? 145 PRO B CA 1 
ATOM 541  C CA . HIS B 1 146 ? 1.308   46.404  -45.971 1.00 24.01 ? 146 HIS B CA 1 
ATOM 542  C CA . THR B 1 147 ? 0.399   50.064  -46.385 1.00 22.67 ? 147 THR B CA 1 
ATOM 543  C CA . GLY B 1 148 ? 3.313   51.680  -44.547 1.00 19.96 ? 148 GLY B CA 1 
ATOM 544  C CA . ASP B 1 149 ? 0.927   52.522  -41.679 1.00 22.67 ? 149 ASP B CA 1 
ATOM 545  C CA . TYR B 1 150 ? 1.473   51.062  -38.249 1.00 17.39 ? 150 TYR B CA 1 
ATOM 546  C CA . VAL B 1 151 ? -1.657  50.061  -36.342 1.00 20.29 ? 151 VAL B CA 1 
ATOM 547  C CA . ALA B 1 152 ? -1.652  48.713  -32.780 1.00 20.48 ? 152 ALA B CA 1 
ATOM 548  C CA . ALA B 1 153 ? -3.467  45.509  -31.785 1.00 25.58 ? 153 ALA B CA 1 
ATOM 549  C CA . ASN B 1 154 ? -6.415  47.357  -30.183 1.00 31.21 ? 154 ASN B CA 1 
ATOM 550  C CA . GLU B 1 155 ? -6.840  49.407  -33.374 1.00 39.45 ? 155 GLU B CA 1 
ATOM 551  C CA . THR B 1 156 ? -8.483  48.486  -36.688 1.00 44.00 ? 156 THR B CA 1 
ATOM 552  C CA . HIS B 1 157 ? -6.577  48.556  -39.992 1.00 32.42 ? 157 HIS B CA 1 
ATOM 553  C CA . SER B 1 158 ? -8.916  50.030  -42.630 1.00 30.42 ? 158 SER B CA 1 
ATOM 554  C CA . GLY B 1 159 ? -7.477  47.761  -45.327 1.00 23.79 ? 159 GLY B CA 1 
ATOM 555  C CA . ARG B 1 160 ? -8.106  44.435  -43.569 1.00 24.39 ? 160 ARG B CA 1 
ATOM 556  C CA . LYS B 1 161 ? -10.443 41.976  -45.386 1.00 23.67 ? 161 LYS B CA 1 
ATOM 557  C CA . THR B 1 162 ? -12.181 38.804  -44.153 1.00 21.03 ? 162 THR B CA 1 
ATOM 558  C CA . ALA B 1 163 ? -12.911 35.576  -46.058 1.00 20.17 ? 163 ALA B CA 1 
ATOM 559  C CA . SER B 1 164 ? -15.052 32.666  -44.808 1.00 20.33 ? 164 SER B CA 1 
ATOM 560  C CA . PHE B 1 165 ? -14.742 29.113  -46.038 1.00 17.19 ? 165 PHE B CA 1 
ATOM 561  C CA . THR B 1 166 ? -16.915 25.975  -45.781 1.00 16.04 ? 166 THR B CA 1 
ATOM 562  C CA . ILE B 1 167 ? -16.329 22.660  -47.582 1.00 22.79 ? 167 ILE B CA 1 
ATOM 563  C CA . SER B 1 168 ? -18.864 23.633  -50.255 1.00 24.82 ? 168 SER B CA 1 
ATOM 564  C CA . SER B 1 169 ? -17.331 27.107  -50.835 1.00 21.99 ? 169 SER B CA 1 
ATOM 565  C CA . GLU B 1 170 ? -13.540 26.894  -50.985 1.00 23.07 ? 170 GLU B CA 1 
ATOM 566  C CA . LYS B 1 171 ? -12.607 29.891  -53.115 1.00 21.88 ? 171 LYS B CA 1 
ATOM 567  C CA . THR B 1 172 ? -12.982 33.636  -52.493 1.00 24.51 ? 172 THR B CA 1 
ATOM 568  C CA . ILE B 1 173 ? -11.706 36.655  -54.498 1.00 25.56 ? 173 ILE B CA 1 
ATOM 569  C CA . LEU B 1 174 ? -11.014 39.688  -52.254 1.00 25.02 ? 174 LEU B CA 1 
ATOM 570  C CA . THR B 1 175 ? -10.558 43.254  -53.448 1.00 26.03 ? 175 THR B CA 1 
ATOM 571  C CA . MET B 1 176 ? -7.644  44.725  -51.449 1.00 24.87 ? 176 MET B CA 1 
ATOM 572  C CA . GLY B 1 177 ? -8.603  48.391  -51.952 1.00 28.77 ? 177 GLY B CA 1 
ATOM 573  C CA . GLU B 1 178 ? -6.353  49.915  -54.609 1.00 32.47 ? 178 GLU B CA 1 
ATOM 574  C CA . TYR B 1 179 ? -3.866  47.021  -54.474 1.00 28.58 ? 179 TYR B CA 1 
ATOM 575  C CA . GLY B 1 180 ? -5.976  44.815  -56.720 1.00 26.73 ? 180 GLY B CA 1 
ATOM 576  C CA . ASP B 1 181 ? -7.656  41.469  -56.209 1.00 25.23 ? 181 ASP B CA 1 
ATOM 577  C CA . VAL B 1 182 ? -6.256  38.479  -54.314 1.00 24.32 ? 182 VAL B CA 1 
ATOM 578  C CA . SER B 1 183 ? -7.703  34.949  -54.635 1.00 25.11 ? 183 SER B CA 1 
ATOM 579  C CA . LEU B 1 184 ? -7.912  32.557  -51.688 1.00 24.25 ? 184 LEU B CA 1 
ATOM 580  C CA . LEU B 1 185 ? -8.536  28.850  -52.032 1.00 20.87 ? 185 LEU B CA 1 
ATOM 581  C CA . CYS B 1 186 ? -8.653  27.220  -48.612 1.00 21.01 ? 186 CYS B CA 1 
ATOM 582  C CA . ARG B 1 187 ? -9.645  23.577  -48.266 1.00 29.34 ? 187 ARG B CA 1 
ATOM 583  C CA . VAL B 1 188 ? -11.570 22.780  -45.083 1.00 30.94 ? 188 VAL B CA 1 
ATOM 584  C CA . ALA B 1 189 ? -10.941 19.053  -45.855 1.00 32.12 ? 189 ALA B CA 1 
ATOM 585  C CA . SER B 1 190 ? -7.238  19.767  -45.214 1.00 33.51 ? 190 SER B CA 1 
ATOM 586  C CA . GLY B 1 191 ? -8.182  21.011  -41.763 1.00 35.73 ? 191 GLY B CA 1 
ATOM 587  C CA . VAL B 1 192 ? -8.533  19.359  -38.372 1.00 43.41 ? 192 VAL B CA 1 
ATOM 588  C CA . ASP B 1 193 ? -10.239 15.925  -38.310 1.00 42.76 ? 193 ASP B CA 1 
ATOM 589  C CA . LEU B 1 194 ? -13.162 16.209  -35.891 1.00 35.34 ? 194 LEU B CA 1 
ATOM 590  C CA . ALA B 1 195 ? -14.553 12.679  -35.768 1.00 32.00 ? 195 ALA B CA 1 
ATOM 591  C CA . GLN B 1 196 ? -13.433 11.981  -32.185 1.00 27.39 ? 196 GLN B CA 1 
ATOM 592  C CA . THR B 1 197 ? -13.968 15.544  -30.862 1.00 19.61 ? 197 THR B CA 1 
ATOM 593  C CA . VAL B 1 198 ? -16.685 16.674  -28.458 1.00 17.51 ? 198 VAL B CA 1 
ATOM 594  C CA . ILE B 1 199 ? -16.924 20.283  -27.248 1.00 13.46 ? 199 ILE B CA 1 
ATOM 595  C CA . LEU B 1 200 ? -17.833 20.060  -23.536 1.00 11.99 ? 200 LEU B CA 1 
ATOM 596  C CA . GLU B 1 201 ? -19.812 22.938  -22.038 1.00 12.98 ? 201 GLU B CA 1 
ATOM 597  C CA . LEU B 1 202 ? -20.599 23.402  -18.349 1.00 16.20 ? 202 LEU B CA 1 
ATOM 598  C CA . ASP B 1 203 ? -22.103 26.725  -17.298 1.00 19.22 ? 203 ASP B CA 1 
ATOM 599  C CA . LYS B 1 204 ? -20.573 29.313  -19.677 1.00 23.08 ? 204 LYS B CA 1 
ATOM 600  C CA . THR B 1 205 ? -21.749 32.172  -17.417 1.00 25.88 ? 205 THR B CA 1 
ATOM 601  C CA . VAL B 1 206 ? -19.264 31.199  -14.636 1.00 30.15 ? 206 VAL B CA 1 
ATOM 602  C CA . GLU B 1 207 ? -16.578 33.878  -14.635 1.00 35.17 ? 207 GLU B CA 1 
ATOM 603  C CA . HIS B 1 208 ? -13.459 32.071  -13.423 1.00 25.12 ? 208 HIS B CA 1 
ATOM 604  C CA . LEU B 1 209 ? -13.476 29.191  -15.885 1.00 23.03 ? 209 LEU B CA 1 
ATOM 605  C CA . PRO B 1 210 ? -12.930 28.661  -19.635 1.00 20.53 ? 210 PRO B CA 1 
ATOM 606  C CA . THR B 1 211 ? -16.308 28.531  -21.462 1.00 17.27 ? 211 THR B CA 1 
ATOM 607  C CA . ALA B 1 212 ? -15.650 25.076  -22.999 1.00 15.42 ? 212 ALA B CA 1 
ATOM 608  C CA . TRP B 1 213 ? -13.194 22.222  -23.451 1.00 17.95 ? 213 TRP B CA 1 
ATOM 609  C CA . GLN B 1 214 ? -12.252 20.081  -26.415 1.00 17.70 ? 214 GLN B CA 1 
ATOM 610  C CA . VAL B 1 215 ? -12.439 16.474  -25.219 1.00 18.54 ? 215 VAL B CA 1 
ATOM 611  C CA . HIS B 1 216 ? -12.209 12.976  -26.694 1.00 19.37 ? 216 HIS B CA 1 
ATOM 612  C CA . ARG B 1 217 ? -15.523 11.326  -27.639 1.00 24.44 ? 217 ARG B CA 1 
ATOM 613  C CA . ASP B 1 218 ? -14.728 8.009   -25.906 1.00 28.29 ? 218 ASP B CA 1 
ATOM 614  C CA . TRP B 1 219 ? -13.834 9.741   -22.632 1.00 23.83 ? 219 TRP B CA 1 
ATOM 615  C CA . PHE B 1 220 ? -17.032 11.826  -22.786 1.00 21.83 ? 220 PHE B CA 1 
ATOM 616  C CA . ASN B 1 221 ? -19.211 8.784   -23.500 1.00 24.96 ? 221 ASN B CA 1 
ATOM 617  C CA . ASP B 1 222 ? -17.798 6.981   -20.462 1.00 28.33 ? 222 ASP B CA 1 
ATOM 618  C CA . LEU B 1 223 ? -18.528 9.605   -17.799 1.00 26.75 ? 223 LEU B CA 1 
ATOM 619  C CA . ALA B 1 224 ? -20.097 7.932   -14.776 1.00 24.60 ? 224 ALA B CA 1 
ATOM 620  C CA . LEU B 1 225 ? -22.832 10.503  -14.313 1.00 20.87 ? 225 LEU B CA 1 
ATOM 621  C CA . PRO B 1 226 ? -26.604 10.599  -14.805 1.00 17.15 ? 226 PRO B CA 1 
ATOM 622  C CA . TRP B 1 227 ? -27.366 11.491  -18.456 1.00 18.27 ? 227 TRP B CA 1 
ATOM 623  C CA . LYS B 1 228 ? -30.216 12.301  -20.839 1.00 18.97 ? 228 LYS B CA 1 
ATOM 624  C CA . HIS B 1 229 ? -30.920 13.745  -24.267 1.00 22.11 ? 229 HIS B CA 1 
ATOM 625  C CA . GLU B 1 230 ? -31.593 17.471  -24.450 1.00 29.63 ? 230 GLU B CA 1 
ATOM 626  C CA . GLY B 1 231 ? -35.371 17.766  -24.363 1.00 32.52 ? 231 GLY B CA 1 
ATOM 627  C CA . ALA B 1 232 ? -35.872 14.522  -22.405 1.00 26.38 ? 232 ALA B CA 1 
ATOM 628  C CA . GLN B 1 233 ? -37.590 15.101  -19.059 1.00 34.46 ? 233 GLN B CA 1 
ATOM 629  C CA . ASN B 1 234 ? -35.845 12.497  -16.894 1.00 27.12 ? 234 ASN B CA 1 
ATOM 630  C CA . TRP B 1 235 ? -32.297 11.327  -16.218 1.00 22.02 ? 235 TRP B CA 1 
ATOM 631  C CA . ASN B 1 236 ? -30.939 7.864   -16.961 1.00 20.84 ? 236 ASN B CA 1 
ATOM 632  C CA . ASN B 1 237 ? -28.751 6.267   -14.306 1.00 16.72 ? 237 ASN B CA 1 
ATOM 633  C CA . ALA B 1 238 ? -29.637 8.898   -11.697 1.00 18.28 ? 238 ALA B CA 1 
ATOM 634  C CA . GLU B 1 239 ? -28.575 6.358   -9.074  1.00 19.97 ? 239 GLU B CA 1 
ATOM 635  C CA . ARG B 1 240 ? -24.965 7.243   -9.916  1.00 21.65 ? 240 ARG B CA 1 
ATOM 636  C CA . LEU B 1 241 ? -25.235 10.275  -7.581  1.00 20.49 ? 241 LEU B CA 1 
ATOM 637  C CA . VAL B 1 242 ? -27.444 8.676   -4.913  1.00 26.35 ? 242 VAL B CA 1 
ATOM 638  C CA . GLU B 1 243 ? -26.660 6.272   -2.078  1.00 30.41 ? 243 GLU B CA 1 
ATOM 639  C CA . PHE B 1 244 ? -29.062 4.528   0.288   1.00 27.24 ? 244 PHE B CA 1 
ATOM 640  C CA . GLY B 1 245 ? -28.288 3.816   3.934   1.00 27.10 ? 245 GLY B CA 1 
ATOM 641  C CA . ALA B 1 246 ? -28.860 0.462   5.647   1.00 27.56 ? 246 ALA B CA 1 
ATOM 642  C CA . PRO B 1 247 ? -32.529 0.339   6.682   1.00 29.83 ? 247 PRO B CA 1 
ATOM 643  C CA . HIS B 1 248 ? -33.591 0.349   10.337  1.00 42.89 ? 248 HIS B CA 1 
ATOM 644  C CA . ALA B 1 249 ? -37.206 -0.533  11.142  1.00 38.08 ? 249 ALA B CA 1 
ATOM 645  C CA . VAL B 1 250 ? -39.440 1.659   8.946   1.00 30.58 ? 250 VAL B CA 1 
ATOM 646  C CA . LYS B 1 251 ? -36.762 4.091   7.722   1.00 30.73 ? 251 LYS B CA 1 
ATOM 647  C CA . MET B 1 252 ? -33.998 4.194   5.132   1.00 27.10 ? 252 MET B CA 1 
ATOM 648  C CA . ASP B 1 253 ? -31.744 7.247   4.559   1.00 26.51 ? 253 ASP B CA 1 
ATOM 649  C CA . VAL B 1 254 ? -30.994 8.706   1.132   1.00 26.47 ? 254 VAL B CA 1 
ATOM 650  C CA . TYR B 1 255 ? -27.590 10.323  0.543   1.00 24.37 ? 255 TYR B CA 1 
ATOM 651  C CA . ASN B 1 256 ? -26.582 12.737  -2.208  1.00 21.16 ? 256 ASN B CA 1 
ATOM 652  C CA . LEU B 1 257 ? -23.011 12.385  -3.467  1.00 16.30 ? 257 LEU B CA 1 
ATOM 653  C CA . GLY B 1 258 ? -22.721 16.168  -3.926  1.00 15.82 ? 258 GLY B CA 1 
ATOM 654  C CA . ASP B 1 259 ? -21.548 18.450  -6.707  1.00 13.85 ? 259 ASP B CA 1 
ATOM 655  C CA . GLN B 1 260 ? -19.198 16.618  -9.098  1.00 15.13 ? 260 GLN B CA 1 
ATOM 656  C CA . THR B 1 261 ? -17.914 19.803  -10.788 1.00 14.45 ? 261 THR B CA 1 
ATOM 657  C CA . GLY B 1 262 ? -14.692 19.820  -8.769  1.00 11.14 ? 262 GLY B CA 1 
ATOM 658  C CA . VAL B 1 263 ? -14.115 16.188  -9.689  1.00 15.00 ? 263 VAL B CA 1 
ATOM 659  C CA . LEU B 1 264 ? -14.696 16.891  -13.396 1.00 18.85 ? 264 LEU B CA 1 
ATOM 660  C CA . LEU B 1 265 ? -12.437 19.961  -13.373 1.00 19.68 ? 265 LEU B CA 1 
ATOM 661  C CA . LYS B 1 266 ? -9.512  17.853  -12.050 1.00 23.21 ? 266 LYS B CA 1 
ATOM 662  C CA . ALA B 1 267 ? -10.034 15.466  -14.947 1.00 27.07 ? 267 ALA B CA 1 
ATOM 663  C CA . LEU B 1 268 ? -10.124 18.460  -17.346 1.00 29.14 ? 268 LEU B CA 1 
ATOM 664  C CA . ALA B 1 269 ? -6.767  19.939  -16.317 1.00 38.89 ? 269 ALA B CA 1 
ATOM 665  C CA . GLY B 1 270 ? -4.390  19.518  -19.231 1.00 38.81 ? 270 GLY B CA 1 
ATOM 666  C CA . VAL B 1 271 ? -7.276  19.085  -21.682 1.00 28.33 ? 271 VAL B CA 1 
ATOM 667  C CA . PRO B 1 272 ? -7.316  21.816  -24.370 1.00 21.48 ? 272 PRO B CA 1 
ATOM 668  C CA . VAL B 1 273 ? -9.826  24.649  -23.951 1.00 19.68 ? 273 VAL B CA 1 
ATOM 669  C CA . ALA B 1 274 ? -12.349 25.708  -26.594 1.00 16.71 ? 274 ALA B CA 1 
ATOM 670  C CA . HIS B 1 275 ? -14.582 28.799  -26.621 1.00 17.39 ? 275 HIS B CA 1 
ATOM 671  C CA . ILE B 1 276 ? -18.291 29.596  -27.032 1.00 17.40 ? 276 ILE B CA 1 
ATOM 672  C CA . GLU B 1 277 ? -19.483 33.003  -28.293 1.00 22.33 ? 277 GLU B CA 1 
ATOM 673  C CA . GLY B 1 278 ? -23.285 32.981  -28.291 1.00 22.34 ? 278 GLY B CA 1 
ATOM 674  C CA . THR B 1 279 ? -24.235 30.248  -30.757 1.00 22.85 ? 279 THR B CA 1 
ATOM 675  C CA . LYS B 1 280 ? -20.691 29.872  -32.164 1.00 18.08 ? 280 LYS B CA 1 
ATOM 676  C CA . TYR B 1 281 ? -18.611 26.970  -30.877 1.00 16.58 ? 281 TYR B CA 1 
ATOM 677  C CA . HIS B 1 282 ? -14.924 27.709  -31.586 1.00 16.96 ? 282 HIS B CA 1 
ATOM 678  C CA . LEU B 1 283 ? -11.844 25.527  -31.669 1.00 22.98 ? 283 LEU B CA 1 
ATOM 679  C CA . LYS B 1 284 ? -8.809  27.329  -30.153 1.00 22.70 ? 284 LYS B CA 1 
ATOM 680  C CA . SER B 1 285 ? -6.317  25.230  -32.039 1.00 22.42 ? 285 SER B CA 1 
ATOM 681  C CA . GLY B 1 286 ? -6.339  24.123  -35.668 1.00 20.20 ? 286 GLY B CA 1 
ATOM 682  C CA . HIS B 1 287 ? -4.946  24.705  -39.177 1.00 24.53 ? 287 HIS B CA 1 
ATOM 683  C CA . VAL B 1 288 ? -5.877  24.822  -42.873 1.00 21.46 ? 288 VAL B CA 1 
ATOM 684  C CA . THR B 1 289 ? -3.896  25.029  -46.127 1.00 22.44 ? 289 THR B CA 1 
ATOM 685  C CA . CYS B 1 290 ? -4.706  27.828  -48.581 1.00 24.38 ? 290 CYS B CA 1 
ATOM 686  C CA . GLU B 1 291 ? -3.474  28.798  -52.033 1.00 26.47 ? 291 GLU B CA 1 
ATOM 687  C CA . VAL B 1 292 ? -3.025  32.560  -52.440 1.00 25.34 ? 292 VAL B CA 1 
ATOM 688  C CA . GLY B 1 293 ? -3.163  34.014  -55.955 1.00 26.18 ? 293 GLY B CA 1 
ATOM 689  C CA . LEU B 1 294 ? -1.052  37.153  -56.296 1.00 30.88 ? 294 LEU B CA 1 
ATOM 690  C CA . GLU B 1 295 ? -1.184  37.852  -60.049 1.00 34.96 ? 295 GLU B CA 1 
ATOM 691  C CA . LYS B 1 296 ? -3.823  40.616  -59.779 1.00 35.37 ? 296 LYS B CA 1 
ATOM 692  C CA . LEU B 1 297 ? -2.001  42.589  -57.057 1.00 34.88 ? 297 LEU B CA 1 
ATOM 693  C CA . LYS B 1 298 ? -0.335  45.898  -58.004 1.00 33.60 ? 298 LYS B CA 1 
ATOM 694  C CA . MET B 1 299 ? 2.023   48.169  -55.997 1.00 31.14 ? 299 MET B CA 1 
ATOM 695  C CA . LYS B 1 300 ? 1.080   51.704  -55.012 1.00 29.82 ? 300 LYS B CA 1 
ATOM 696  C CA . GLY B 1 301 ? 2.995   54.918  -55.735 1.00 30.30 ? 301 GLY B CA 1 
ATOM 697  C CA . LEU B 1 302 ? 5.566   53.723  -58.287 1.00 33.38 ? 302 LEU B CA 1 
ATOM 698  C CA . THR B 1 303 ? 5.338   56.900  -60.371 1.00 33.77 ? 303 THR B CA 1 
ATOM 699  C CA . TYR B 1 304 ? 5.690   59.418  -57.521 1.00 31.77 ? 304 TYR B CA 1 
ATOM 700  C CA . THR B 1 305 ? 8.887   61.458  -57.356 1.00 32.22 ? 305 THR B CA 1 
ATOM 701  C CA . MET B 1 306 ? 11.401  60.762  -54.599 1.00 30.75 ? 306 MET B CA 1 
ATOM 702  C CA . CYS B 1 307 ? 10.694  62.558  -51.351 1.00 27.77 ? 307 CYS B CA 1 
ATOM 703  C CA . ASP B 1 308 ? 12.887  65.552  -50.516 1.00 27.79 ? 308 ASP B CA 1 
ATOM 704  C CA . LYS B 1 309 ? 15.918  63.872  -48.810 1.00 29.67 ? 309 LYS B CA 1 
ATOM 705  C CA . THR B 1 310 ? 16.100  66.809  -46.380 1.00 30.45 ? 310 THR B CA 1 
ATOM 706  C CA . LYS B 1 311 ? 12.682  66.579  -44.709 1.00 27.27 ? 311 LYS B CA 1 
ATOM 707  C CA . PHE B 1 312 ? 12.623  63.301  -42.722 1.00 19.91 ? 312 PHE B CA 1 
ATOM 708  C CA . THR B 1 313 ? 12.725  62.910  -38.931 1.00 16.91 ? 313 THR B CA 1 
ATOM 709  C CA . TRP B 1 314 ? 12.336  59.796  -36.734 1.00 15.80 ? 314 TRP B CA 1 
ATOM 710  C CA . LYS B 1 315 ? 8.902   59.357  -35.108 1.00 17.56 ? 315 LYS B CA 1 
ATOM 711  C CA . ARG B 1 316 ? 9.972   55.922  -33.806 1.00 17.05 ? 316 ARG B CA 1 
ATOM 712  C CA . ALA B 1 317 ? 13.683  55.192  -33.964 1.00 16.80 ? 317 ALA B CA 1 
ATOM 713  C CA . PRO B 1 318 ? 14.767  51.788  -35.383 1.00 18.71 ? 318 PRO B CA 1 
ATOM 714  C CA . THR B 1 319 ? 13.899  48.998  -32.981 1.00 23.47 ? 319 THR B CA 1 
ATOM 715  C CA . ASP B 1 320 ? 14.186  45.233  -32.852 1.00 24.77 ? 320 ASP B CA 1 
ATOM 716  C CA . SER B 1 321 ? 10.887  43.591  -33.874 1.00 20.77 ? 321 SER B CA 1 
ATOM 717  C CA . GLY B 1 322 ? 11.576  40.239  -32.278 1.00 29.27 ? 322 GLY B CA 1 
ATOM 718  C CA . HIS B 1 323 ? 11.401  38.542  -35.712 1.00 25.29 ? 323 HIS B CA 1 
ATOM 719  C CA . ASP B 1 324 ? 14.965  39.432  -36.708 1.00 27.11 ? 324 ASP B CA 1 
ATOM 720  C CA . THR B 1 325 ? 13.746  42.505  -38.573 1.00 19.97 ? 325 THR B CA 1 
ATOM 721  C CA . VAL B 1 326 ? 13.976  46.199  -37.739 1.00 16.29 ? 326 VAL B CA 1 
ATOM 722  C CA . VAL B 1 327 ? 10.873  48.403  -37.511 1.00 14.03 ? 327 VAL B CA 1 
ATOM 723  C CA . MET B 1 328 ? 10.817  52.211  -37.518 1.00 15.41 ? 328 MET B CA 1 
ATOM 724  C CA . GLU B 1 329 ? 8.600   55.116  -38.421 1.00 17.26 ? 329 GLU B CA 1 
ATOM 725  C CA . VAL B 1 330 ? 9.513   58.431  -40.014 1.00 20.60 ? 330 VAL B CA 1 
ATOM 726  C CA . THR B 1 331 ? 7.716   61.781  -40.372 1.00 24.54 ? 331 THR B CA 1 
ATOM 727  C CA . PHE B 1 332 ? 8.042   63.822  -43.593 1.00 25.98 ? 332 PHE B CA 1 
ATOM 728  C CA . SER B 1 333 ? 7.548   67.594  -43.742 1.00 31.56 ? 333 SER B CA 1 
ATOM 729  C CA . GLY B 1 334 ? 7.790   68.097  -47.487 1.00 32.33 ? 334 GLY B CA 1 
ATOM 730  C CA . THR B 1 335 ? 5.232   67.822  -50.284 1.00 36.88 ? 335 THR B CA 1 
ATOM 731  C CA . LYS B 1 336 ? 3.253   64.606  -50.632 1.00 36.01 ? 336 LYS B CA 1 
ATOM 732  C CA . PRO B 1 337 ? 2.863   62.061  -52.065 1.00 34.17 ? 337 PRO B CA 1 
ATOM 733  C CA . CYS B 1 338 ? 6.385   60.734  -52.715 1.00 27.42 ? 338 CYS B CA 1 
ATOM 734  C CA . ARG B 1 339 ? 8.633   57.668  -52.547 1.00 25.78 ? 339 ARG B CA 1 
ATOM 735  C CA . ILE B 1 340 ? 10.774  57.312  -49.413 1.00 24.82 ? 340 ILE B CA 1 
ATOM 736  C CA . PRO B 1 341 ? 14.525  57.023  -50.211 1.00 25.40 ? 341 PRO B CA 1 
ATOM 737  C CA . VAL B 1 342 ? 15.459  54.235  -47.751 1.00 23.71 ? 342 VAL B CA 1 
ATOM 738  C CA . ARG B 1 343 ? 18.689  52.251  -47.725 1.00 21.55 ? 343 ARG B CA 1 
ATOM 739  C CA . ALA B 1 344 ? 21.261  50.960  -45.280 1.00 21.26 ? 344 ALA B CA 1 
ATOM 740  C CA . VAL B 1 345 ? 24.996  50.313  -45.486 1.00 23.00 ? 345 VAL B CA 1 
ATOM 741  C CA . ALA B 1 346 ? 27.377  48.208  -43.461 1.00 23.90 ? 346 ALA B CA 1 
ATOM 742  C CA . HIS B 1 347 ? 29.779  50.294  -41.343 1.00 30.53 ? 347 HIS B CA 1 
ATOM 743  C CA . GLY B 1 348 ? 32.828  50.801  -43.611 1.00 32.20 ? 348 GLY B CA 1 
ATOM 744  C CA . SER B 1 349 ? 31.172  50.116  -47.002 1.00 34.66 ? 349 SER B CA 1 
ATOM 745  C CA . PRO B 1 350 ? 29.082  53.199  -47.856 1.00 35.73 ? 350 PRO B CA 1 
ATOM 746  C CA . ASP B 1 351 ? 28.534  52.022  -51.450 1.00 43.40 ? 351 ASP B CA 1 
ATOM 747  C CA . VAL B 1 352 ? 26.626  48.742  -51.005 1.00 37.86 ? 352 VAL B CA 1 
ATOM 748  C CA . ASN B 1 353 ? 22.929  48.932  -50.002 1.00 29.18 ? 353 ASN B CA 1 
ATOM 749  C CA . VAL B 1 354 ? 22.357  46.023  -47.583 1.00 25.94 ? 354 VAL B CA 1 
ATOM 750  C CA . ALA B 1 355 ? 18.684  46.691  -46.709 1.00 27.21 ? 355 ALA B CA 1 
ATOM 751  C CA . MET B 1 356 ? 16.085  44.019  -47.605 1.00 25.95 ? 356 MET B CA 1 
ATOM 752  C CA . LEU B 1 357 ? 12.706  45.753  -47.355 1.00 22.84 ? 357 LEU B CA 1 
ATOM 753  C CA . ILE B 1 358 ? 9.645   43.882  -46.097 1.00 22.95 ? 358 ILE B CA 1 
ATOM 754  C CA . THR B 1 359 ? 7.460   46.987  -46.606 1.00 23.54 ? 359 THR B CA 1 
ATOM 755  C CA . PRO B 1 360 ? 6.953   47.348  -50.415 1.00 32.75 ? 360 PRO B CA 1 
ATOM 756  C CA . ASN B 1 361 ? 7.788   50.655  -52.150 1.00 25.29 ? 361 ASN B CA 1 
ATOM 757  C CA . PRO B 1 362 ? 7.682   52.833  -48.988 1.00 20.50 ? 362 PRO B CA 1 
ATOM 758  C CA . THR B 1 363 ? 5.810   56.050  -49.707 1.00 23.03 ? 363 THR B CA 1 
ATOM 759  C CA . ILE B 1 364 ? 4.517   59.036  -47.817 1.00 26.27 ? 364 ILE B CA 1 
ATOM 760  C CA . GLU B 1 365 ? 0.893   59.443  -48.943 1.00 32.90 ? 365 GLU B CA 1 
ATOM 761  C CA . ASN B 1 366 ? -1.241  62.508  -48.272 1.00 44.33 ? 366 ASN B CA 1 
ATOM 762  C CA . ASN B 1 367 ? -2.571  60.853  -45.095 1.00 45.89 ? 367 ASN B CA 1 
ATOM 763  C CA . GLY B 1 368 ? -0.367  57.844  -44.411 1.00 33.38 ? 368 GLY B CA 1 
ATOM 764  C CA . GLY B 1 369 ? 2.913   56.033  -44.927 1.00 24.14 ? 369 GLY B CA 1 
ATOM 765  C CA . GLY B 1 370 ? 6.081   56.248  -42.884 1.00 16.84 ? 370 GLY B CA 1 
ATOM 766  C CA . PHE B 1 371 ? 6.257   52.841  -41.196 1.00 16.77 ? 371 PHE B CA 1 
ATOM 767  C CA . ILE B 1 372 ? 9.028   50.631  -42.564 1.00 17.63 ? 372 ILE B CA 1 
ATOM 768  C CA . GLU B 1 373 ? 10.102  47.115  -41.678 1.00 15.55 ? 373 GLU B CA 1 
ATOM 769  C CA . MET B 1 374 ? 13.379  45.770  -43.064 1.00 17.12 ? 374 MET B CA 1 
ATOM 770  C CA . GLN B 1 375 ? 15.988  43.089  -42.495 1.00 22.05 ? 375 GLN B CA 1 
ATOM 771  C CA . LEU B 1 376 ? 19.694  43.891  -42.146 1.00 24.12 ? 376 LEU B CA 1 
ATOM 772  C CA . PRO B 1 377 ? 22.803  41.688  -42.021 1.00 28.13 ? 377 PRO B CA 1 
ATOM 773  C CA . PRO B 1 378 ? 24.464  41.045  -38.612 1.00 31.04 ? 378 PRO B CA 1 
ATOM 774  C CA . GLY B 1 379 ? 26.879  43.705  -37.381 1.00 31.04 ? 379 GLY B CA 1 
ATOM 775  C CA . ASP B 1 380 ? 27.096  47.508  -37.398 1.00 26.52 ? 380 ASP B CA 1 
ATOM 776  C CA . ASN B 1 381 ? 25.019  49.269  -40.047 1.00 16.62 ? 381 ASN B CA 1 
ATOM 777  C CA . ILE B 1 382 ? 23.737  52.788  -40.668 1.00 19.09 ? 382 ILE B CA 1 
ATOM 778  C CA . ILE B 1 383 ? 20.169  53.265  -41.827 1.00 19.35 ? 383 ILE B CA 1 
ATOM 779  C CA . TYR B 1 384 ? 19.437  56.180  -44.155 1.00 19.13 ? 384 TYR B CA 1 
ATOM 780  C CA . VAL B 1 385 ? 16.075  57.699  -44.996 1.00 21.43 ? 385 VAL B CA 1 
ATOM 781  C CA . GLY B 1 386 ? 17.393  60.374  -47.331 1.00 20.46 ? 386 GLY B CA 1 
ATOM 782  C CA . GLU B 1 387 ? 19.870  62.371  -45.238 1.00 24.82 ? 387 GLU B CA 1 
ATOM 783  C CA . LEU B 1 388 ? 18.296  61.206  -41.996 1.00 17.68 ? 388 LEU B CA 1 
ATOM 784  C CA . SER B 1 389 ? 20.547  58.523  -40.508 1.00 16.86 ? 389 SER B CA 1 
ATOM 785  C CA . HIS B 1 390 ? 20.626  56.075  -37.629 1.00 18.59 ? 390 HIS B CA 1 
ATOM 786  C CA . GLN B 1 391 ? 23.252  53.690  -36.274 1.00 21.31 ? 391 GLN B CA 1 
ATOM 787  C CA . TRP B 1 392 ? 22.041  50.107  -35.981 1.00 22.47 ? 392 TRP B CA 1 
ATOM 788  C CA . PHE B 1 393 ? 23.779  47.088  -34.513 1.00 24.89 ? 393 PHE B CA 1 
ATOM 789  C CA . GLN B 1 394 ? 22.090  43.935  -35.877 1.00 29.58 ? 394 GLN B CA 1 
ATOM 790  C CA . LYS B 1 395 ? 21.783  40.855  -33.615 1.00 43.37 ? 395 LYS B CA 1 
ATOM 791  C CA . SER C 1 1   ? 52.170  13.428  38.617  1.00 22.01 ? 1   SER C CA 1 
ATOM 792  C CA . ARG C 1 2   ? 48.532  13.429  37.462  1.00 20.31 ? 2   ARG C CA 1 
ATOM 793  C CA . CYS C 1 3   ? 49.000  10.819  34.726  1.00 16.01 ? 3   CYS C CA 1 
ATOM 794  C CA . THR C 1 4   ? 50.094  8.256   37.348  1.00 22.61 ? 4   THR C CA 1 
ATOM 795  C CA . HIS C 1 5   ? 46.473  8.324   38.625  1.00 25.07 ? 5   HIS C CA 1 
ATOM 796  C CA . LEU C 1 6   ? 45.054  6.483   35.611  1.00 32.74 ? 6   LEU C CA 1 
ATOM 797  C CA . GLU C 1 7   ? 45.567  3.273   33.669  1.00 38.06 ? 7   GLU C CA 1 
ATOM 798  C CA . ASN C 1 8   ? 45.273  4.962   30.274  1.00 33.04 ? 8   ASN C CA 1 
ATOM 799  C CA . ARG C 1 9   ? 48.593  6.814   29.926  1.00 22.55 ? 9   ARG C CA 1 
ATOM 800  C CA . ASP C 1 10  ? 50.848  7.544   26.949  1.00 24.62 ? 10  ASP C CA 1 
ATOM 801  C CA . PHE C 1 11  ? 54.434  8.737   26.890  1.00 25.09 ? 11  PHE C CA 1 
ATOM 802  C CA . VAL C 1 12  ? 55.543  11.221  24.227  1.00 34.09 ? 12  VAL C CA 1 
ATOM 803  C CA . THR C 1 13  ? 59.204  12.028  23.911  1.00 53.74 ? 13  THR C CA 1 
ATOM 804  C CA . GLY C 1 14  ? 60.978  14.810  22.049  1.00 72.23 ? 14  GLY C CA 1 
ATOM 805  C CA . THR C 1 15  ? 64.680  14.338  21.214  1.00 88.26 ? 15  THR C CA 1 
ATOM 806  C CA . GLN C 1 16  ? 67.370  16.858  20.123  1.00 95.26 ? 16  GLN C CA 1 
ATOM 807  C CA . GLY C 1 17  ? 65.869  19.868  18.320  1.00 94.85 ? 17  GLY C CA 1 
ATOM 808  C CA . THR C 1 18  ? 62.276  18.742  18.945  1.00 88.41 ? 18  THR C CA 1 
ATOM 809  C CA . THR C 1 19  ? 60.649  22.001  20.023  1.00 72.87 ? 19  THR C CA 1 
ATOM 810  C CA . ARG C 1 20  ? 57.058  21.189  19.022  1.00 59.07 ? 20  ARG C CA 1 
ATOM 811  C CA . VAL C 1 21  ? 54.993  18.071  19.799  1.00 42.81 ? 21  VAL C CA 1 
ATOM 812  C CA . THR C 1 22  ? 51.708  16.922  18.212  1.00 35.02 ? 22  THR C CA 1 
ATOM 813  C CA . LEU C 1 23  ? 49.447  14.810  20.448  1.00 29.89 ? 23  LEU C CA 1 
ATOM 814  C CA . VAL C 1 24  ? 46.048  13.157  20.098  1.00 25.49 ? 24  VAL C CA 1 
ATOM 815  C CA . LEU C 1 25  ? 44.410  13.682  23.469  1.00 22.40 ? 25  LEU C CA 1 
ATOM 816  C CA . GLU C 1 26  ? 41.462  11.528  24.386  1.00 22.12 ? 26  GLU C CA 1 
ATOM 817  C CA . LEU C 1 27  ? 38.885  11.880  27.153  1.00 21.25 ? 27  LEU C CA 1 
ATOM 818  C CA . GLY C 1 28  ? 39.923  9.464   29.916  1.00 20.94 ? 28  GLY C CA 1 
ATOM 819  C CA . GLY C 1 29  ? 43.537  9.397   28.721  1.00 19.73 ? 29  GLY C CA 1 
ATOM 820  C CA . CYS C 1 30  ? 46.639  11.262  29.889  1.00 20.81 ? 30  CYS C CA 1 
ATOM 821  C CA . VAL C 1 31  ? 49.950  12.077  28.195  1.00 18.92 ? 31  VAL C CA 1 
ATOM 822  C CA . THR C 1 32  ? 53.359  12.465  29.852  1.00 20.60 ? 32  THR C CA 1 
ATOM 823  C CA . ILE C 1 33  ? 55.703  14.572  27.723  1.00 19.70 ? 33  ILE C CA 1 
ATOM 824  C CA . THR C 1 34  ? 59.466  14.350  28.366  1.00 27.52 ? 34  THR C CA 1 
ATOM 825  C CA . ALA C 1 35  ? 62.165  16.207  26.386  1.00 32.10 ? 35  ALA C CA 1 
ATOM 826  C CA . GLU C 1 36  ? 65.916  16.836  26.785  1.00 36.87 ? 36  GLU C CA 1 
ATOM 827  C CA . GLY C 1 37  ? 66.579  19.975  28.794  1.00 33.82 ? 37  GLY C CA 1 
ATOM 828  C CA . LYS C 1 38  ? 62.863  20.606  29.386  1.00 33.04 ? 38  LYS C CA 1 
ATOM 829  C CA . PRO C 1 39  ? 60.813  20.054  32.535  1.00 25.16 ? 39  PRO C CA 1 
ATOM 830  C CA . SER C 1 40  ? 58.363  17.163  31.974  1.00 21.11 ? 40  SER C CA 1 
ATOM 831  C CA . MET C 1 41  ? 54.652  17.931  31.488  1.00 23.96 ? 41  MET C CA 1 
ATOM 832  C CA . ASP C 1 42  ? 51.406  15.975  31.968  1.00 18.81 ? 42  ASP C CA 1 
ATOM 833  C CA . VAL C 1 43  ? 48.666  17.001  29.511  1.00 17.86 ? 43  VAL C CA 1 
ATOM 834  C CA . TRP C 1 44  ? 45.133  15.704  29.101  1.00 13.54 ? 44  TRP C CA 1 
ATOM 835  C CA . LEU C 1 45  ? 41.770  16.466  27.508  1.00 14.83 ? 45  LEU C CA 1 
ATOM 836  C CA . ASP C 1 46  ? 39.544  17.060  30.516  1.00 15.84 ? 46  ASP C CA 1 
ATOM 837  C CA . ALA C 1 47  ? 36.064  17.781  29.066  1.00 13.93 ? 47  ALA C CA 1 
ATOM 838  C CA . ILE C 1 48  ? 34.023  18.342  25.883  1.00 16.45 ? 48  ILE C CA 1 
ATOM 839  C CA . TYR C 1 49  ? 30.725  20.150  26.301  1.00 14.56 ? 49  TYR C CA 1 
ATOM 840  C CA . GLN C 1 50  ? 28.374  22.847  25.168  1.00 16.26 ? 50  GLN C CA 1 
ATOM 841  C CA . GLU C 1 51  ? 26.278  25.048  27.438  1.00 18.71 ? 51  GLU C CA 1 
ATOM 842  C CA . ASN C 1 52  ? 22.535  25.178  26.675  1.00 22.03 ? 52  ASN C CA 1 
ATOM 843  C CA . PRO C 1 53  ? 22.569  23.228  23.409  1.00 18.27 ? 53  PRO C CA 1 
ATOM 844  C CA . ALA C 1 54  ? 19.473  23.617  21.183  1.00 18.33 ? 54  ALA C CA 1 
ATOM 845  C CA . LYS C 1 55  ? 16.609  21.286  22.006  1.00 21.47 ? 55  LYS C CA 1 
ATOM 846  C CA . THR C 1 56  ? 15.041  19.272  19.258  1.00 27.53 ? 56  THR C CA 1 
ATOM 847  C CA . ARG C 1 57  ? 11.818  17.346  20.116  1.00 25.12 ? 57  ARG C CA 1 
ATOM 848  C CA . GLU C 1 58  ? 10.558  16.400  23.551  1.00 19.17 ? 58  GLU C CA 1 
ATOM 849  C CA . TYR C 1 59  ? 8.852   13.007  23.801  1.00 15.80 ? 59  TYR C CA 1 
ATOM 850  C CA . CYS C 1 60  ? 6.327   11.941  26.448  1.00 16.35 ? 60  CYS C CA 1 
ATOM 851  C CA . LEU C 1 61  ? 7.021   8.606   28.212  1.00 16.02 ? 61  LEU C CA 1 
ATOM 852  C CA . HIS C 1 62  ? 3.899   8.544   30.359  1.00 15.31 ? 62  HIS C CA 1 
ATOM 853  C CA . ALA C 1 63  ? 0.569   10.093  29.372  1.00 16.98 ? 63  ALA C CA 1 
ATOM 854  C CA . LYS C 1 64  ? -1.605  11.768  31.997  1.00 22.57 ? 64  LYS C CA 1 
ATOM 855  C CA . LEU C 1 65  ? -5.214  11.361  30.818  1.00 26.20 ? 65  LEU C CA 1 
ATOM 856  C CA . SER C 1 66  ? -8.196  13.184  32.206  1.00 29.72 ? 66  SER C CA 1 
ATOM 857  C CA . ASP C 1 67  ? -11.759 14.390  31.646  1.00 38.40 ? 67  ASP C CA 1 
ATOM 858  C CA . THR C 1 68  ? -13.016 11.437  29.599  1.00 33.72 ? 68  THR C CA 1 
ATOM 859  C CA . LYS C 1 69  ? -16.146 12.440  27.651  1.00 34.18 ? 69  LYS C CA 1 
ATOM 860  C CA . VAL C 1 70  ? -18.530 10.305  25.589  1.00 30.60 ? 70  VAL C CA 1 
ATOM 861  C CA . ALA C 1 71  ? -21.361 11.339  23.252  1.00 28.74 ? 71  ALA C CA 1 
ATOM 862  C CA . ALA C 1 72  ? -23.685 8.737   21.689  1.00 27.17 ? 72  ALA C CA 1 
ATOM 863  C CA . ARG C 1 73  ? -26.688 9.036   19.336  1.00 28.49 ? 73  ARG C CA 1 
ATOM 864  C CA . CYS C 1 74  ? -29.473 6.625   18.487  1.00 21.71 ? 74  CYS C CA 1 
ATOM 865  C CA . PRO C 1 75  ? -29.528 5.072   14.950  1.00 26.80 ? 75  PRO C CA 1 
ATOM 866  C CA . THR C 1 76  ? -31.677 7.860   13.346  1.00 37.13 ? 76  THR C CA 1 
ATOM 867  C CA . MET C 1 77  ? -30.286 10.824  15.303  1.00 32.47 ? 77  MET C CA 1 
ATOM 868  C CA . GLY C 1 78  ? -27.161 11.469  13.204  1.00 33.20 ? 78  GLY C CA 1 
ATOM 869  C CA . PRO C 1 79  ? -23.439 11.816  14.204  1.00 34.88 ? 79  PRO C CA 1 
ATOM 870  C CA . ALA C 1 80  ? -22.412 12.132  17.820  1.00 30.58 ? 80  ALA C CA 1 
ATOM 871  C CA . THR C 1 81  ? -20.082 15.083  18.417  1.00 31.46 ? 81  THR C CA 1 
ATOM 872  C CA . LEU C 1 82  ? -17.987 16.616  21.202  1.00 35.56 ? 82  LEU C CA 1 
ATOM 873  C CA . ALA C 1 83  ? -16.373 20.060  21.278  1.00 39.29 ? 83  ALA C CA 1 
ATOM 874  C CA . GLU C 1 84  ? -13.154 18.223  22.246  1.00 35.54 ? 84  GLU C CA 1 
ATOM 875  C CA . GLU C 1 85  ? -12.907 16.612  18.815  1.00 36.65 ? 85  GLU C CA 1 
ATOM 876  C CA . HIS C 1 86  ? -11.734 19.990  17.546  1.00 47.21 ? 86  HIS C CA 1 
ATOM 877  C CA . GLN C 1 87  ? -9.471  20.982  20.393  1.00 45.95 ? 87  GLN C CA 1 
ATOM 878  C CA . GLY C 1 88  ? -5.758  20.282  20.415  1.00 41.04 ? 88  GLY C CA 1 
ATOM 879  C CA . GLY C 1 89  ? -4.563  18.331  23.415  1.00 35.17 ? 89  GLY C CA 1 
ATOM 880  C CA . THR C 1 90  ? -7.311  15.686  23.261  1.00 27.12 ? 90  THR C CA 1 
ATOM 881  C CA . VAL C 1 91  ? -7.370  12.188  21.737  1.00 24.10 ? 91  VAL C CA 1 
ATOM 882  C CA . CYS C 1 92  ? -10.709 10.969  20.352  1.00 24.79 ? 92  CYS C CA 1 
ATOM 883  C CA . LYS C 1 93  ? -12.166 7.905   18.665  1.00 25.91 ? 93  LYS C CA 1 
ATOM 884  C CA . ARG C 1 94  ? -15.419 7.778   16.723  1.00 26.93 ? 94  ARG C CA 1 
ATOM 885  C CA . ASP C 1 95  ? -17.102 4.388   16.365  1.00 27.06 ? 95  ASP C CA 1 
ATOM 886  C CA . GLN C 1 96  ? -20.564 2.756   16.313  1.00 30.12 ? 96  GLN C CA 1 
ATOM 887  C CA . SER C 1 97  ? -22.324 0.913   19.098  1.00 27.74 ? 97  SER C CA 1 
ATOM 888  C CA . ASP C 1 98  ? -25.319 -1.436  19.045  1.00 23.53 ? 98  ASP C CA 1 
ATOM 889  C CA . ARG C 1 99  ? -28.453 0.388   20.189  1.00 18.60 ? 99  ARG C CA 1 
ATOM 890  C CA . GLY C 1 100 ? -32.103 -0.605  20.623  1.00 18.97 ? 100 GLY C CA 1 
ATOM 891  C CA . TRP C 1 101 ? -35.005 -0.368  23.057  1.00 18.04 ? 101 TRP C CA 1 
ATOM 892  C CA . GLY C 1 102 ? -32.760 -1.702  25.835  1.00 17.92 ? 102 GLY C CA 1 
ATOM 893  C CA . ASN C 1 103 ? -30.734 1.493   25.808  1.00 22.41 ? 103 ASN C CA 1 
ATOM 894  C CA . HIS C 1 104 ? -33.545 3.862   24.866  1.00 24.45 ? 104 HIS C CA 1 
ATOM 895  C CA . CYS C 1 105 ? -33.525 4.143   21.078  1.00 21.64 ? 105 CYS C CA 1 
ATOM 896  C CA . GLY C 1 106 ? -36.609 3.762   18.880  1.00 22.45 ? 106 GLY C CA 1 
ATOM 897  C CA . LEU C 1 107 ? -34.806 1.489   16.406  1.00 21.59 ? 107 LEU C CA 1 
ATOM 898  C CA . PHE C 1 108 ? -32.445 -1.462  16.900  1.00 23.83 ? 108 PHE C CA 1 
ATOM 899  C CA . GLY C 1 109 ? -29.273 -0.740  14.928  1.00 27.03 ? 109 GLY C CA 1 
ATOM 900  C CA . LYS C 1 110 ? -25.902 1.011   14.865  1.00 26.39 ? 110 LYS C CA 1 
ATOM 901  C CA . GLY C 1 111 ? -25.646 4.336   16.629  1.00 24.11 ? 111 GLY C CA 1 
ATOM 902  C CA . SER C 1 112 ? -22.833 6.872   16.432  1.00 26.37 ? 112 SER C CA 1 
ATOM 903  C CA . ILE C 1 113 ? -20.533 7.160   19.470  1.00 23.64 ? 113 ILE C CA 1 
ATOM 904  C CA . VAL C 1 114 ? -17.437 9.316   20.101  1.00 26.37 ? 114 VAL C CA 1 
ATOM 905  C CA . ALA C 1 115 ? -15.150 9.388   23.155  1.00 24.17 ? 115 ALA C CA 1 
ATOM 906  C CA . CYS C 1 116 ? -12.358 11.892  23.935  1.00 24.63 ? 116 CYS C CA 1 
ATOM 907  C CA . VAL C 1 117 ? -9.737  12.345  26.670  1.00 23.09 ? 117 VAL C CA 1 
ATOM 908  C CA . LYS C 1 118 ? -7.468  15.261  27.390  1.00 24.51 ? 118 LYS C CA 1 
ATOM 909  C CA . ALA C 1 119 ? -3.895  14.041  26.952  1.00 24.34 ? 119 ALA C CA 1 
ATOM 910  C CA . ALA C 1 120 ? -0.942  15.621  28.728  1.00 21.56 ? 120 ALA C CA 1 
ATOM 911  C CA . CYS C 1 121 ? 2.327   14.283  30.116  1.00 17.75 ? 121 CYS C CA 1 
ATOM 912  C CA . GLU C 1 122 ? 3.159   13.254  33.675  1.00 16.95 ? 122 GLU C CA 1 
ATOM 913  C CA . ALA C 1 123 ? 5.546   15.596  35.486  1.00 22.62 ? 123 ALA C CA 1 
ATOM 914  C CA . LYS C 1 124 ? 9.159   14.559  34.877  1.00 21.82 ? 124 LYS C CA 1 
ATOM 915  C CA . LYS C 1 125 ? 8.256   11.910  32.319  1.00 14.01 ? 125 LYS C CA 1 
ATOM 916  C CA . LYS C 1 126 ? 9.752   13.531  29.217  1.00 15.27 ? 126 LYS C CA 1 
ATOM 917  C CA . ALA C 1 127 ? 12.684  12.377  27.074  1.00 14.63 ? 127 ALA C CA 1 
ATOM 918  C CA . THR C 1 128 ? 14.313  15.468  25.510  1.00 17.90 ? 128 THR C CA 1 
ATOM 919  C CA . GLY C 1 129 ? 16.904  15.553  22.729  1.00 15.71 ? 129 GLY C CA 1 
ATOM 920  C CA . HIS C 1 130 ? 19.675  18.169  22.345  1.00 14.77 ? 130 HIS C CA 1 
ATOM 921  C CA . VAL C 1 131 ? 21.991  18.905  19.405  1.00 17.04 ? 131 VAL C CA 1 
ATOM 922  C CA . TYR C 1 132 ? 25.469  20.395  19.384  1.00 13.93 ? 132 TYR C CA 1 
ATOM 923  C CA . ASP C 1 133 ? 26.679  23.367  17.404  1.00 14.10 ? 133 ASP C CA 1 
ATOM 924  C CA . ALA C 1 134 ? 30.346  22.750  16.393  1.00 18.96 ? 134 ALA C CA 1 
ATOM 925  C CA . ASN C 1 135 ? 30.887  26.464  16.745  1.00 20.57 ? 135 ASN C CA 1 
ATOM 926  C CA . LYS C 1 136 ? 29.834  26.559  20.371  1.00 17.31 ? 136 LYS C CA 1 
ATOM 927  C CA . ILE C 1 137 ? 31.320  23.315  21.669  1.00 17.36 ? 137 ILE C CA 1 
ATOM 928  C CA . VAL C 1 138 ? 34.204  23.739  24.176  1.00 16.08 ? 138 VAL C CA 1 
ATOM 929  C CA . TYR C 1 139 ? 37.223  21.448  24.675  1.00 13.72 ? 139 TYR C CA 1 
ATOM 930  C CA . THR C 1 140 ? 39.072  21.839  27.986  1.00 15.76 ? 140 THR C CA 1 
ATOM 931  C CA . VAL C 1 141 ? 42.733  20.806  28.249  1.00 18.20 ? 141 VAL C CA 1 
ATOM 932  C CA . LYS C 1 142 ? 44.765  20.618  31.473  1.00 17.37 ? 142 LYS C CA 1 
ATOM 933  C CA . VAL C 1 143 ? 48.542  20.899  31.868  1.00 17.23 ? 143 VAL C CA 1 
ATOM 934  C CA . GLU C 1 144 ? 50.582  20.077  34.973  1.00 18.56 ? 144 GLU C CA 1 
ATOM 935  C CA . PRO C 1 145 ? 54.351  20.391  35.356  1.00 22.62 ? 145 PRO C CA 1 
ATOM 936  C CA . HIS C 1 146 ? 56.446  17.598  36.982  1.00 24.01 ? 146 HIS C CA 1 
ATOM 937  C CA . THR C 1 147 ? 57.571  19.364  40.146  1.00 22.67 ? 147 THR C CA 1 
ATOM 938  C CA . GLY C 1 148 ? 58.899  16.394  42.123  1.00 19.96 ? 148 GLY C CA 1 
ATOM 939  C CA . ASP C 1 149 ? 55.818  16.622  44.375  1.00 22.67 ? 149 ASP C CA 1 
ATOM 940  C CA . TYR C 1 150 ? 53.359  13.774  44.545  1.00 17.39 ? 150 TYR C CA 1 
ATOM 941  C CA . VAL C 1 151 ? 49.694  14.742  44.801  1.00 20.29 ? 151 VAL C CA 1 
ATOM 942  C CA . ALA C 1 152 ? 46.843  12.245  45.180  1.00 20.48 ? 152 ALA C CA 1 
ATOM 943  C CA . ALA C 1 153 ? 43.754  12.284  42.942  1.00 25.58 ? 153 ALA C CA 1 
ATOM 944  C CA . ASN C 1 154 ? 41.532  13.941  45.582  1.00 31.21 ? 154 ASN C CA 1 
ATOM 945  C CA . GLU C 1 155 ? 44.144  16.686  46.034  1.00 39.45 ? 155 GLU C CA 1 
ATOM 946  C CA . THR C 1 156 ? 44.876  19.758  43.899  1.00 44.00 ? 156 THR C CA 1 
ATOM 947  C CA . HIS C 1 157 ? 48.293  20.366  42.313  1.00 32.42 ? 157 HIS C CA 1 
ATOM 948  C CA . SER C 1 158 ? 49.078  24.087  42.679  1.00 30.42 ? 158 SER C CA 1 
ATOM 949  C CA . GLY C 1 159 ? 50.872  24.148  39.323  1.00 23.79 ? 159 GLY C CA 1 
ATOM 950  C CA . ARG C 1 160 ? 48.007  22.794  37.199  1.00 24.39 ? 160 ARG C CA 1 
ATOM 951  C CA . LYS C 1 161 ? 46.707  25.125  34.427  1.00 23.67 ? 161 LYS C CA 1 
ATOM 952  C CA . THR C 1 162 ? 43.526  24.967  32.316  1.00 21.03 ? 162 THR C CA 1 
ATOM 953  C CA . ALA C 1 163 ? 43.021  25.964  28.664  1.00 20.17 ? 163 ALA C CA 1 
ATOM 954  C CA . SER C 1 164 ? 39.670  26.160  26.833  1.00 20.33 ? 164 SER C CA 1 
ATOM 955  C CA . PHE C 1 165 ? 39.272  25.882  23.092  1.00 17.19 ? 165 PHE C CA 1 
ATOM 956  C CA . THR C 1 166 ? 36.458  26.662  20.619  1.00 16.04 ? 166 THR C CA 1 
ATOM 957  C CA . ILE C 1 167 ? 36.703  26.581  16.809  1.00 22.79 ? 167 ILE C CA 1 
ATOM 958  C CA . SER C 1 168 ? 37.186  30.359  16.734  1.00 24.82 ? 168 SER C CA 1 
ATOM 959  C CA . SER C 1 169 ? 39.930  30.338  19.423  1.00 21.99 ? 169 SER C CA 1 
ATOM 960  C CA . GLU C 1 170 ? 42.398  27.518  18.803  1.00 23.07 ? 170 GLU C CA 1 
ATOM 961  C CA . LYS C 1 171 ? 45.573  28.796  20.439  1.00 21.88 ? 171 LYS C CA 1 
ATOM 962  C CA . THR C 1 172 ? 46.403  29.538  24.087  1.00 24.51 ? 172 THR C CA 1 
ATOM 963  C CA . ILE C 1 173 ? 49.728  30.487  25.763  1.00 25.56 ? 173 ILE C CA 1 
ATOM 964  C CA . LEU C 1 174 ? 49.911  29.265  29.395  1.00 25.02 ? 174 LEU C CA 1 
ATOM 965  C CA . THR C 1 175 ? 52.391  30.458  31.997  1.00 26.03 ? 175 THR C CA 1 
ATOM 966  C CA . MET C 1 176 ? 53.557  27.356  33.915  1.00 24.87 ? 176 MET C CA 1 
ATOM 967  C CA . GLY C 1 177 ? 54.709  29.214  37.050  1.00 28.77 ? 177 GLY C CA 1 
ATOM 968  C CA . GLU C 1 178 ? 58.500  29.491  37.012  1.00 32.47 ? 178 GLU C CA 1 
ATOM 969  C CA . TYR C 1 179 ? 58.880  26.877  34.255  1.00 28.58 ? 179 TYR C CA 1 
ATOM 970  C CA . GLY C 1 180 ? 58.108  29.358  31.496  1.00 26.73 ? 180 GLY C CA 1 
ATOM 971  C CA . ASP C 1 181 ? 55.366  29.560  28.903  1.00 25.23 ? 181 ASP C CA 1 
ATOM 972  C CA . VAL C 1 182 ? 53.857  26.664  26.946  1.00 24.32 ? 182 VAL C CA 1 
ATOM 973  C CA . SER C 1 183 ? 51.736  27.161  23.797  1.00 25.11 ? 183 SER C CA 1 
ATOM 974  C CA . LEU C 1 184 ? 48.736  24.969  22.994  1.00 24.25 ? 184 LEU C CA 1 
ATOM 975  C CA . LEU C 1 185 ? 47.094  24.819  19.600  1.00 20.87 ? 185 LEU C CA 1 
ATOM 976  C CA . CYS C 1 186 ? 44.146  22.438  19.677  1.00 21.01 ? 186 CYS C CA 1 
ATOM 977  C CA . ARG C 1 187 ? 41.840  22.155  16.680  1.00 29.34 ? 187 ARG C CA 1 
ATOM 978  C CA . VAL C 1 188 ? 38.204  21.474  17.569  1.00 30.94 ? 188 VAL C CA 1 
ATOM 979  C CA . ALA C 1 189 ? 37.643  20.635  13.845  1.00 32.12 ? 189 ALA C CA 1 
ATOM 980  C CA . SER C 1 190 ? 39.906  17.602  14.410  1.00 33.51 ? 190 SER C CA 1 
ATOM 981  C CA . GLY C 1 191 ? 37.537  16.474  17.140  1.00 35.73 ? 191 GLY C CA 1 
ATOM 982  C CA . VAL C 1 192 ? 34.447  14.283  17.208  1.00 43.41 ? 192 VAL C CA 1 
ATOM 983  C CA . ASP C 1 193 ? 31.946  14.761  14.341  1.00 42.76 ? 193 ASP C CA 1 
ATOM 984  C CA . LEU C 1 194 ? 28.588  15.548  15.948  1.00 35.34 ? 194 LEU C CA 1 
ATOM 985  C CA . ALA C 1 195 ? 26.214  15.730  12.992  1.00 32.00 ? 195 ALA C CA 1 
ATOM 986  C CA . GLN C 1 196 ? 24.329  12.522  13.853  1.00 27.39 ? 196 GLN C CA 1 
ATOM 987  C CA . THR C 1 197 ? 24.526  12.914  17.666  1.00 19.61 ? 197 THR C CA 1 
ATOM 988  C CA . VAL C 1 198 ? 21.646  13.744  20.002  1.00 17.51 ? 198 VAL C CA 1 
ATOM 989  C CA . ILE C 1 199 ? 22.127  13.992  23.776  1.00 13.46 ? 199 ILE C CA 1 
ATOM 990  C CA . LEU C 1 200 ? 19.030  12.347  25.312  1.00 11.99 ? 200 LEU C CA 1 
ATOM 991  C CA . GLU C 1 201 ? 17.909  13.569  28.732  1.00 12.98 ? 201 GLU C CA 1 
ATOM 992  C CA . LEU C 1 202 ? 15.177  11.999  30.859  1.00 16.20 ? 202 LEU C CA 1 
ATOM 993  C CA . ASP C 1 203 ? 14.831  13.237  34.431  1.00 19.22 ? 203 ASP C CA 1 
ATOM 994  C CA . LYS C 1 204 ? 18.392  14.123  35.531  1.00 23.08 ? 204 LYS C CA 1 
ATOM 995  C CA . THR C 1 205 ? 17.285  14.267  39.196  1.00 25.88 ? 205 THR C CA 1 
ATOM 996  C CA . VAL C 1 206 ? 16.700  10.461  39.325  1.00 30.15 ? 206 VAL C CA 1 
ATOM 997  C CA . GLU C 1 207 ? 19.496  9.032   41.453  1.00 35.17 ? 207 GLU C CA 1 
ATOM 998  C CA . HIS C 1 208 ? 20.013  5.522   40.083  1.00 25.12 ? 208 HIS C CA 1 
ATOM 999  C CA . LEU C 1 209 ? 20.470  6.402   36.426  1.00 23.03 ? 209 LEU C CA 1 
ATOM 1000 C CA . PRO C 1 210 ? 23.057  8.175   34.236  1.00 20.53 ? 210 PRO C CA 1 
ATOM 1001 C CA . THR C 1 211 ? 22.009  11.823  33.634  1.00 17.27 ? 211 THR C CA 1 
ATOM 1002 C CA . ALA C 1 212 ? 22.074  11.494  29.810  1.00 15.42 ? 212 ALA C CA 1 
ATOM 1003 C CA . TRP C 1 213 ? 22.833  9.274   26.829  1.00 17.95 ? 213 TRP C CA 1 
ATOM 1004 C CA . GLN C 1 214 ? 24.530  9.904   23.517  1.00 17.70 ? 214 GLN C CA 1 
ATOM 1005 C CA . VAL C 1 215 ? 22.205  8.498   20.853  1.00 18.54 ? 215 VAL C CA 1 
ATOM 1006 C CA . HIS C 1 216 ? 21.935  8.446   17.059  1.00 19.37 ? 216 HIS C CA 1 
ATOM 1007 C CA . ARG C 1 217 ? 19.754  11.160  15.488  1.00 24.44 ? 217 ARG C CA 1 
ATOM 1008 C CA . ASP C 1 218 ? 17.831  8.747   13.225  1.00 28.29 ? 218 ASP C CA 1 
ATOM 1009 C CA . TRP C 1 219 ? 16.960  6.447   16.137  1.00 23.83 ? 219 TRP C CA 1 
ATOM 1010 C CA . PHE C 1 220 ? 15.812  9.428   18.232  1.00 21.83 ? 220 PHE C CA 1 
ATOM 1011 C CA . ASN C 1 221 ? 13.665  10.829  15.415  1.00 24.96 ? 221 ASN C CA 1 
ATOM 1012 C CA . ASP C 1 222 ? 11.888  7.489   15.022  1.00 28.33 ? 222 ASP C CA 1 
ATOM 1013 C CA . LEU C 1 223 ? 10.715  6.993   18.611  1.00 26.75 ? 223 LEU C CA 1 
ATOM 1014 C CA . ALA C 1 224 ? 7.068   5.943   18.614  1.00 24.60 ? 224 ALA C CA 1 
ATOM 1015 C CA . LEU C 1 225 ? 6.011   8.304   21.373  1.00 20.87 ? 225 LEU C CA 1 
ATOM 1016 C CA . PRO C 1 226 ? 3.925   11.479  21.604  1.00 17.15 ? 226 PRO C CA 1 
ATOM 1017 C CA . TRP C 1 227 ? 6.164   14.501  20.850  1.00 18.27 ? 227 TRP C CA 1 
ATOM 1018 C CA . LYS C 1 228 ? 6.190   18.303  20.788  1.00 18.97 ? 228 LYS C CA 1 
ATOM 1019 C CA . HIS C 1 229 ? 8.540   21.267  20.620  1.00 22.11 ? 229 HIS C CA 1 
ATOM 1020 C CA . GLU C 1 230 ? 9.693   22.727  23.923  1.00 29.63 ? 230 GLU C CA 1 
ATOM 1021 C CA . GLY C 1 231 ? 7.306   25.595  24.588  1.00 32.52 ? 231 GLY C CA 1 
ATOM 1022 C CA . ALA C 1 232 ? 4.425   24.040  22.615  1.00 26.38 ? 232 ALA C CA 1 
ATOM 1023 C CA . GLN C 1 233 ? 1.360   23.410  24.781  1.00 34.46 ? 233 GLN C CA 1 
ATOM 1024 C CA . ASN C 1 234 ? 0.051   20.176  23.254  1.00 27.12 ? 234 ASN C CA 1 
ATOM 1025 C CA . TRP C 1 235 ? 1.446   16.815  22.172  1.00 22.02 ? 235 TRP C CA 1 
ATOM 1026 C CA . ASN C 1 236 ? 1.444   15.466  18.626  1.00 20.84 ? 236 ASN C CA 1 
ATOM 1027 C CA . ASN C 1 237 ? 0.501   11.821  18.171  1.00 16.72 ? 237 ASN C CA 1 
ATOM 1028 C CA . ALA C 1 238 ? -0.736  11.478  21.759  1.00 18.28 ? 238 ALA C CA 1 
ATOM 1029 C CA . GLU C 1 239 ? -2.760  8.491   20.559  1.00 19.97 ? 239 GLU C CA 1 
ATOM 1030 C CA . ARG C 1 240 ? 0.477   6.480   20.626  1.00 21.65 ? 240 ARG C CA 1 
ATOM 1031 C CA . LEU C 1 241 ? -0.024  5.930   24.390  1.00 20.49 ? 241 LEU C CA 1 
ATOM 1032 C CA . VAL C 1 242 ? -3.825  5.599   24.362  1.00 26.35 ? 242 VAL C CA 1 
ATOM 1033 C CA . GLU C 1 243 ? -6.113  2.724   23.404  1.00 30.41 ? 243 GLU C CA 1 
ATOM 1034 C CA . PHE C 1 244 ? -9.899  2.690   23.131  1.00 27.24 ? 244 PHE C CA 1 
ATOM 1035 C CA . GLY C 1 245 ? -12.056 -0.296  24.041  1.00 27.10 ? 245 GLY C CA 1 
ATOM 1036 C CA . ALA C 1 246 ? -14.866 -1.672  21.868  1.00 27.56 ? 246 ALA C CA 1 
ATOM 1037 C CA . PRO C 1 247 ? -17.965 0.438   22.570  1.00 29.83 ? 247 PRO C CA 1 
ATOM 1038 C CA . HIS C 1 248 ? -21.031 -1.006  24.305  1.00 42.89 ? 248 HIS C CA 1 
ATOM 1039 C CA . ALA C 1 249 ? -24.245 1.034   24.224  1.00 38.08 ? 249 ALA C CA 1 
ATOM 1040 C CA . VAL C 1 250 ? -23.396 4.567   25.416  1.00 30.58 ? 250 VAL C CA 1 
ATOM 1041 C CA . LYS C 1 251 ? -19.904 3.842   26.782  1.00 30.73 ? 251 LYS C CA 1 
ATOM 1042 C CA . MET C 1 252 ? -16.385 3.367   25.458  1.00 27.10 ? 252 MET C CA 1 
ATOM 1043 C CA . ASP C 1 253 ? -13.347 2.703   27.707  1.00 26.51 ? 253 ASP C CA 1 
ATOM 1044 C CA . VAL C 1 254 ? -10.051 4.571   27.414  1.00 26.47 ? 254 VAL C CA 1 
ATOM 1045 C CA . TYR C 1 255 ? -6.824  2.724   28.266  1.00 24.37 ? 255 TYR C CA 1 
ATOM 1046 C CA . ASN C 1 256 ? -3.427  4.197   29.098  1.00 21.16 ? 256 ASN C CA 1 
ATOM 1047 C CA . LEU C 1 257 ? -0.433  2.192   27.881  1.00 16.30 ? 257 LEU C CA 1 
ATOM 1048 C CA . GLY C 1 258 ? 1.548   3.107   31.020  1.00 15.82 ? 258 GLY C CA 1 
ATOM 1049 C CA . ASP C 1 259 ? 5.021   4.443   31.706  1.00 13.85 ? 259 ASP C CA 1 
ATOM 1050 C CA . GLN C 1 260 ? 7.378   3.725   28.787  1.00 15.13 ? 260 GLN C CA 1 
ATOM 1051 C CA . THR C 1 261 ? 10.568  4.511   30.751  1.00 14.45 ? 261 THR C CA 1 
ATOM 1052 C CA . GLY C 1 262 ? 11.345  0.838   31.354  1.00 11.14 ? 262 GLY C CA 1 
ATOM 1053 C CA . VAL C 1 263 ? 10.886  0.150   27.652  1.00 15.00 ? 263 VAL C CA 1 
ATOM 1054 C CA . LEU C 1 264 ? 13.203  3.028   26.690  1.00 18.85 ? 264 LEU C CA 1 
ATOM 1055 C CA . LEU C 1 265 ? 15.864  1.996   29.217  1.00 19.68 ? 265 LEU C CA 1 
ATOM 1056 C CA . LYS C 1 266 ? 16.062  -1.503  27.645  1.00 23.21 ? 266 LYS C CA 1 
ATOM 1057 C CA . ALA C 1 267 ? 16.670  0.137   24.284  1.00 27.07 ? 267 ALA C CA 1 
ATOM 1058 C CA . LEU C 1 268 ? 19.358  2.353   25.895  1.00 29.14 ? 268 LEU C CA 1 
ATOM 1059 C CA . ALA C 1 269 ? 21.445  -0.484  27.345  1.00 38.89 ? 269 ALA C CA 1 
ATOM 1060 C CA . GLY C 1 270 ? 24.717  -0.583  25.449  1.00 38.81 ? 270 GLY C CA 1 
ATOM 1061 C CA . VAL C 1 271 ? 24.274  3.008   24.253  1.00 28.33 ? 271 VAL C CA 1 
ATOM 1062 C CA . PRO C 1 272 ? 27.078  5.304   25.495  1.00 21.48 ? 272 PRO C CA 1 
ATOM 1063 C CA . VAL C 1 273 ? 26.297  7.582   28.447  1.00 19.68 ? 273 VAL C CA 1 
ATOM 1064 C CA . ALA C 1 274 ? 26.805  11.352  28.461  1.00 16.71 ? 274 ALA C CA 1 
ATOM 1065 C CA . HIS C 1 275 ? 26.596  13.751  31.416  1.00 17.39 ? 275 HIS C CA 1 
ATOM 1066 C CA . ILE C 1 276 ? 24.776  16.986  32.301  1.00 17.40 ? 276 ILE C CA 1 
ATOM 1067 C CA . GLU C 1 277 ? 26.171  19.430  34.891  1.00 22.33 ? 277 GLU C CA 1 
ATOM 1068 C CA . GLY C 1 278 ? 23.697  22.296  35.237  1.00 22.34 ? 278 GLY C CA 1 
ATOM 1069 C CA . THR C 1 279 ? 23.612  23.916  31.799  1.00 22.85 ? 279 THR C CA 1 
ATOM 1070 C CA . LYS C 1 280 ? 26.675  22.019  30.499  1.00 18.08 ? 280 LYS C CA 1 
ATOM 1071 C CA . TYR C 1 281 ? 26.039  19.002  28.284  1.00 16.58 ? 281 TYR C CA 1 
ATOM 1072 C CA . HIS C 1 282 ? 29.181  16.818  28.273  1.00 16.96 ? 282 HIS C CA 1 
ATOM 1073 C CA . LEU C 1 283 ? 30.368  14.049  25.997  1.00 22.98 ? 283 LEU C CA 1 
ATOM 1074 C CA . LYS C 1 284 ? 32.056  11.230  27.983  1.00 22.70 ? 284 LYS C CA 1 
ATOM 1075 C CA . SER C 1 285 ? 34.071  10.033  25.036  1.00 22.42 ? 285 SER C CA 1 
ATOM 1076 C CA . GLY C 1 286 ? 35.986  12.032  22.442  1.00 20.20 ? 286 GLY C CA 1 
ATOM 1077 C CA . HIS C 1 287 ? 39.405  13.269  21.268  1.00 24.53 ? 287 HIS C CA 1 
ATOM 1078 C CA . VAL C 1 288 ? 41.256  16.270  19.822  1.00 21.46 ? 288 VAL C CA 1 
ATOM 1079 C CA . THR C 1 289 ? 44.741  16.822  18.371  1.00 22.44 ? 289 THR C CA 1 
ATOM 1080 C CA . CYS C 1 290 ? 46.922  19.573  19.854  1.00 24.38 ? 290 CYS C CA 1 
ATOM 1081 C CA . GLU C 1 291 ? 50.353  20.982  19.066  1.00 26.47 ? 291 GLU C CA 1 
ATOM 1082 C CA . VAL C 1 292 ? 52.393  21.739  22.194  1.00 25.34 ? 292 VAL C CA 1 
ATOM 1083 C CA . GLY C 1 293 ? 55.168  24.332  21.942  1.00 26.18 ? 293 GLY C CA 1 
ATOM 1084 C CA . LEU C 1 294 ? 57.997  23.651  24.384  1.00 30.88 ? 294 LEU C CA 1 
ATOM 1085 C CA . GLU C 1 295 ? 60.633  26.217  23.353  1.00 34.96 ? 295 GLU C CA 1 
ATOM 1086 C CA . LYS C 1 296 ? 59.838  28.667  26.190  1.00 35.37 ? 296 LYS C CA 1 
ATOM 1087 C CA . LEU C 1 297 ? 60.023  26.059  28.980  1.00 34.88 ? 297 LEU C CA 1 
ATOM 1088 C CA . LYS C 1 298 ? 63.025  26.126  31.348  1.00 33.60 ? 298 LYS C CA 1 
ATOM 1089 C CA . MET C 1 299 ? 64.140  23.621  34.037  1.00 31.14 ? 299 MET C CA 1 
ATOM 1090 C CA . LYS C 1 300 ? 64.283  24.523  37.712  1.00 29.82 ? 300 LYS C CA 1 
ATOM 1091 C CA . GLY C 1 301 ? 67.263  24.242  40.071  1.00 30.30 ? 301 GLY C CA 1 
ATOM 1092 C CA . LEU C 1 302 ? 70.119  23.599  37.627  1.00 33.38 ? 302 LEU C CA 1 
ATOM 1093 C CA . THR C 1 303 ? 72.584  25.768  39.552  1.00 33.77 ? 303 THR C CA 1 
ATOM 1094 C CA . TYR C 1 304 ? 71.948  24.315  43.027  1.00 31.77 ? 304 TYR C CA 1 
ATOM 1095 C CA . THR C 1 305 ? 74.715  22.257  44.611  1.00 32.22 ? 305 THR C CA 1 
ATOM 1096 C CA . MET C 1 306 ? 74.274  18.504  44.974  1.00 30.75 ? 306 MET C CA 1 
ATOM 1097 C CA . CYS C 1 307 ? 72.407  17.445  48.083  1.00 27.77 ? 307 CYS C CA 1 
ATOM 1098 C CA . ASP C 1 308 ? 74.464  15.947  50.910  1.00 27.79 ? 308 ASP C CA 1 
ATOM 1099 C CA . LYS C 1 309 ? 74.652  12.230  49.880  1.00 29.67 ? 309 LYS C CA 1 
ATOM 1100 C CA . THR C 1 310 ? 74.346  11.258  53.558  1.00 30.45 ? 310 THR C CA 1 
ATOM 1101 C CA . LYS C 1 311 ? 70.953  12.762  54.424  1.00 27.27 ? 311 LYS C CA 1 
ATOM 1102 C CA . PHE C 1 312 ? 68.325  10.848  52.391  1.00 19.91 ? 312 PHE C CA 1 
ATOM 1103 C CA . THR C 1 313 ? 65.767  8.352   53.715  1.00 16.91 ? 313 THR C CA 1 
ATOM 1104 C CA . TRP C 1 314 ? 62.854  6.595   51.954  1.00 15.80 ? 314 TRP C CA 1 
ATOM 1105 C CA . LYS C 1 315 ? 59.396  8.092   52.616  1.00 17.56 ? 315 LYS C CA 1 
ATOM 1106 C CA . ARG C 1 316 ? 57.885  5.710   50.031  1.00 17.05 ? 316 ARG C CA 1 
ATOM 1107 C CA . ALA C 1 317 ? 60.104  2.838   48.952  1.00 16.80 ? 317 ALA C CA 1 
ATOM 1108 C CA . PRO C 1 318 ? 60.387  2.126   45.186  1.00 18.71 ? 318 PRO C CA 1 
ATOM 1109 C CA . THR C 1 319 ? 57.159  0.677   43.850  1.00 23.47 ? 319 THR C CA 1 
ATOM 1110 C CA . ASP C 1 320 ? 55.774  -0.466  40.526  1.00 24.77 ? 320 ASP C CA 1 
ATOM 1111 C CA . SER C 1 321 ? 53.656  2.287   38.926  1.00 20.77 ? 321 SER C CA 1 
ATOM 1112 C CA . GLY C 1 322 ? 51.740  0.031   36.582  1.00 29.27 ? 322 GLY C CA 1 
ATOM 1113 C CA . HIS C 1 323 ? 53.194  1.894   33.563  1.00 25.29 ? 323 HIS C CA 1 
ATOM 1114 C CA . ASP C 1 324 ? 56.502  0.012   33.570  1.00 27.11 ? 324 ASP C CA 1 
ATOM 1115 C CA . THR C 1 325 ? 58.141  2.771   35.598  1.00 19.97 ? 325 THR C CA 1 
ATOM 1116 C CA . VAL C 1 326 ? 59.205  2.916   39.237  1.00 16.29 ? 326 VAL C CA 1 
ATOM 1117 C CA . VAL C 1 327 ? 57.916  5.617   41.599  1.00 14.03 ? 327 VAL C CA 1 
ATOM 1118 C CA . MET C 1 328 ? 59.388  6.520   44.995  1.00 15.41 ? 328 MET C CA 1 
ATOM 1119 C CA . GLU C 1 329 ? 59.687  9.404   47.395  1.00 17.26 ? 329 GLU C CA 1 
ATOM 1120 C CA . VAL C 1 330 ? 62.623  10.438  49.553  1.00 20.60 ? 330 VAL C CA 1 
ATOM 1121 C CA . THR C 1 331 ? 63.016  12.770  52.552  1.00 24.54 ? 331 THR C CA 1 
ATOM 1122 C CA . PHE C 1 332 ? 66.131  14.963  52.909  1.00 25.98 ? 332 PHE C CA 1 
ATOM 1123 C CA . SER C 1 333 ? 67.398  16.277  56.250  1.00 31.56 ? 333 SER C CA 1 
ATOM 1124 C CA . GLY C 1 334 ? 70.194  18.509  55.013  1.00 32.33 ? 334 GLY C CA 1 
ATOM 1125 C CA . THR C 1 335 ? 70.252  22.101  53.772  1.00 36.88 ? 335 THR C CA 1 
ATOM 1126 C CA . LYS C 1 336 ? 67.928  23.088  50.942  1.00 36.01 ? 336 LYS C CA 1 
ATOM 1127 C CA . PRO C 1 337 ? 67.603  23.692  48.077  1.00 34.17 ? 337 PRO C CA 1 
ATOM 1128 C CA . CYS C 1 338 ? 69.785  21.131  46.268  1.00 27.42 ? 338 CYS C CA 1 
ATOM 1129 C CA . ARG C 1 339 ? 69.922  18.639  43.394  1.00 25.78 ? 339 ARG C CA 1 
ATOM 1130 C CA . ILE C 1 340 ? 69.125  15.014  44.263  1.00 24.82 ? 340 ILE C CA 1 
ATOM 1131 C CA . PRO C 1 341 ? 71.960  12.604  43.291  1.00 25.40 ? 341 PRO C CA 1 
ATOM 1132 C CA . VAL C 1 342 ? 69.862  9.759   41.809  1.00 23.71 ? 342 VAL C CA 1 
ATOM 1133 C CA . ARG C 1 343 ? 71.154  6.855   39.742  1.00 21.55 ? 343 ARG C CA 1 
ATOM 1134 C CA . ALA C 1 344 ? 70.717  3.117   39.430  1.00 21.26 ? 344 ALA C CA 1 
ATOM 1135 C CA . VAL C 1 345 ? 73.015  0.275   38.403  1.00 23.00 ? 345 VAL C CA 1 
ATOM 1136 C CA . ALA C 1 346 ? 72.406  -3.244  37.198  1.00 23.90 ? 346 ALA C CA 1 
ATOM 1137 C CA . HIS C 1 347 ? 73.405  -5.891  39.766  1.00 30.53 ? 347 HIS C CA 1 
ATOM 1138 C CA . GLY C 1 348 ? 77.058  -6.688  38.919  1.00 32.20 ? 348 GLY C CA 1 
ATOM 1139 C CA . SER C 1 349 ? 77.926  -3.505  36.961  1.00 34.66 ? 349 SER C CA 1 
ATOM 1140 C CA . PRO C 1 350 ? 78.344  -0.707  39.531  1.00 35.73 ? 350 PRO C CA 1 
ATOM 1141 C CA . ASP C 1 351 ? 79.867  1.653   36.938  1.00 43.40 ? 351 ASP C CA 1 
ATOM 1142 C CA . VAL C 1 352 ? 77.048  2.084   34.396  1.00 37.86 ? 352 VAL C CA 1 
ATOM 1143 C CA . ASN C 1 353 ? 74.074  4.305   35.367  1.00 29.18 ? 353 ASN C CA 1 
ATOM 1144 C CA . VAL C 1 354 ? 70.980  2.594   33.905  1.00 25.94 ? 354 VAL C CA 1 
ATOM 1145 C CA . ALA C 1 355 ? 68.294  4.984   35.240  1.00 27.21 ? 355 ALA C CA 1 
ATOM 1146 C CA . MET C 1 356 ? 66.140  6.899   32.712  1.00 25.95 ? 356 MET C CA 1 
ATOM 1147 C CA . LEU C 1 357 ? 64.473  9.689   34.692  1.00 22.84 ? 357 LEU C CA 1 
ATOM 1148 C CA . ILE C 1 358 ? 60.933  10.807  33.879  1.00 22.95 ? 358 ILE C CA 1 
ATOM 1149 C CA . THR C 1 359 ? 61.075  13.470  36.629  1.00 23.54 ? 359 THR C CA 1 
ATOM 1150 C CA . PRO C 1 360 ? 63.372  16.278  35.308  1.00 32.75 ? 360 PRO C CA 1 
ATOM 1151 C CA . ASN C 1 361 ? 66.347  17.456  37.404  1.00 25.29 ? 361 ASN C CA 1 
ATOM 1152 C CA . PRO C 1 362 ? 65.078  16.082  40.758  1.00 20.50 ? 362 PRO C CA 1 
ATOM 1153 C CA . THR C 1 363 ? 65.604  18.662  43.485  1.00 23.03 ? 363 THR C CA 1 
ATOM 1154 C CA . ILE C 1 364 ? 64.713  19.149  47.108  1.00 26.27 ? 364 ILE C CA 1 
ATOM 1155 C CA . GLU C 1 365 ? 63.261  22.672  47.320  1.00 32.90 ? 365 GLU C CA 1 
ATOM 1156 C CA . ASN C 1 366 ? 62.651  24.562  50.552  1.00 44.33 ? 366 ASN C CA 1 
ATOM 1157 C CA . ASN C 1 367 ? 59.065  23.242  50.617  1.00 45.89 ? 367 ASN C CA 1 
ATOM 1158 C CA . GLY C 1 368 ? 58.859  20.478  48.029  1.00 33.38 ? 368 GLY C CA 1 
ATOM 1159 C CA . GLY C 1 369 ? 60.606  17.910  45.870  1.00 24.14 ? 369 GLY C CA 1 
ATOM 1160 C CA . GLY C 1 370 ? 61.411  14.307  46.664  1.00 16.84 ? 370 GLY C CA 1 
ATOM 1161 C CA . PHE C 1 371 ? 59.080  12.369  44.362  1.00 16.77 ? 371 PHE C CA 1 
ATOM 1162 C CA . ILE C 1 372 ? 60.893  10.619  41.519  1.00 17.63 ? 372 ILE C CA 1 
ATOM 1163 C CA . GLU C 1 373 ? 59.624  8.473   38.677  1.00 15.55 ? 373 GLU C CA 1 
ATOM 1164 C CA . MET C 1 374 ? 62.119  6.544   36.549  1.00 17.12 ? 374 MET C CA 1 
ATOM 1165 C CA . GLN C 1 375 ? 62.380  3.620   34.161  1.00 22.05 ? 375 GLN C CA 1 
ATOM 1166 C CA . LEU C 1 376 ? 64.870  0.784   34.675  1.00 24.12 ? 376 LEU C CA 1 
ATOM 1167 C CA . PRO C 1 377 ? 65.932  -2.138  32.468  1.00 28.13 ? 377 PRO C CA 1 
ATOM 1168 C CA . PRO C 1 378 ? 64.532  -5.634  33.250  1.00 31.04 ? 378 PRO C CA 1 
ATOM 1169 C CA . GLY C 1 379 ? 66.344  -7.618  35.934  1.00 31.04 ? 379 GLY C CA 1 
ATOM 1170 C CA . ASP C 1 380 ? 67.997  -6.917  39.293  1.00 26.52 ? 380 ASP C CA 1 
ATOM 1171 C CA . ASN C 1 381 ? 69.074  -3.321  39.886  1.00 16.62 ? 381 ASN C CA 1 
ATOM 1172 C CA . ILE C 1 382 ? 70.035  -1.178  42.869  1.00 19.09 ? 382 ILE C CA 1 
ATOM 1173 C CA . ILE C 1 383 ? 68.670  2.337   43.122  1.00 19.35 ? 383 ILE C CA 1 
ATOM 1174 C CA . TYR C 1 384 ? 70.862  4.978   44.756  1.00 19.13 ? 384 TYR C CA 1 
ATOM 1175 C CA . VAL C 1 385 ? 69.833  8.378   46.059  1.00 21.43 ? 385 VAL C CA 1 
ATOM 1176 C CA . GLY C 1 386 ? 73.264  9.419   47.279  1.00 20.46 ? 386 GLY C CA 1 
ATOM 1177 C CA . GLU C 1 387 ? 74.292  6.708   49.748  1.00 24.82 ? 387 GLU C CA 1 
ATOM 1178 C CA . LEU C 1 388 ? 70.700  5.643   50.301  1.00 17.68 ? 388 LEU C CA 1 
ATOM 1179 C CA . SER C 1 389 ? 70.128  2.423   48.355  1.00 16.86 ? 389 SER C CA 1 
ATOM 1180 C CA . HIS C 1 390 ? 67.338  0.042   47.445  1.00 18.59 ? 390 HIS C CA 1 
ATOM 1181 C CA . GLN C 1 391 ? 67.214  -3.312  45.669  1.00 21.31 ? 391 GLN C CA 1 
ATOM 1182 C CA . TRP C 1 392 ? 64.825  -3.382  42.724  1.00 22.47 ? 392 TRP C CA 1 
ATOM 1183 C CA . PHE C 1 393 ? 63.802  -6.277  40.518  1.00 24.89 ? 393 PHE C CA 1 
ATOM 1184 C CA . GLN C 1 394 ? 62.354  -4.871  37.267  1.00 29.58 ? 394 GLN C CA 1 
ATOM 1185 C CA . LYS C 1 395 ? 59.465  -6.723  35.556  1.00 43.37 ? 395 LYS C CA 1 
# 
